data_8WQT
#
_entry.id   8WQT
#
_cell.length_a   1.00
_cell.length_b   1.00
_cell.length_c   1.00
_cell.angle_alpha   90.00
_cell.angle_beta   90.00
_cell.angle_gamma   90.00
#
_symmetry.space_group_name_H-M   'P 1'
#
loop_
_entity.id
_entity.type
_entity.pdbx_description
1 polymer 'Lymphocyte antigen 96'
2 polymer 'Toll-like receptor 4'
3 branched 2-acetamido-2-deoxy-beta-D-glucopyranose-(1-4)-2-acetamido-2-deoxy-beta-D-glucopyranose
4 non-polymer '(3R)-3-(dodecanoyloxy)tetradecanoic acid'
5 non-polymer 2-acetamido-2-deoxy-beta-D-glucopyranose
6 non-polymer 2-amino-2-deoxy-4-O-phosphono-alpha-D-glucopyranose
7 non-polymer '(3R)-3-(tetradecanoyloxy)tetradecanoic acid'
8 non-polymer '[(2~{R},3~{S},4~{S},5~{S})-5-methoxy-3,4,6-tris(oxidanyl)oxan-2-yl]methyl dihydrogen phosphate'
#
loop_
_entity_poly.entity_id
_entity_poly.type
_entity_poly.pdbx_seq_one_letter_code
_entity_poly.pdbx_strand_id
1 'polypeptide(L)'
;EKQQWFCNSSDAIISYSYCDHLKFPISISSEPCIRLRGTNGFVHVEFIPRGNLKYLYFNLFISVNSIELPKRKEVLCHGH
DDDYSFCRALKGETVNTSIPFSFEGILFPKGHYRCVAEAIAGDTEEKLFCLNFTIIHRRDVN
;
C,D
2 'polypeptide(L)'
;NPCIEVVPNITYQCMDQKLSKVPDDIPSSTKNIDLSFNPLKILKSYSFSNFSELQWLDLSRCEIETIEDKAWHGLHHLSN
LILTGNPIQSFSPGSFSGLTSLENLVAVETKLASLESFPIGQLITLKKLNVAHNFIHSCKLPAYFSNLTNLVHVDLSYNY
IQTITVNDLQFLRENPQVNLSLDMSLNPIDFIQDQAFQGIKLHELTLRGNFNSSNIMKTCLQNLAGLHVHRLILGEFKDE
RNLEIFEPSIMEGLCDVTIDEFRLTYTNDFSDDIVKFHCLANVSAMSLAGVSIKYLEDVPKHFKWQSLSIIRCQLKQFPT
LDLPFLKSLTLTMNKGSISFKKVALPSLSYLDLSRNALSFSGCCSYSDLGTNSLRHLDLSFNGAIIMSANFMGLEELQHL
DFQHSTLKRVTEFSAFLSLEKLLYLDISYTNTKIDFDGIFLGLTSLNTLKMAGNSFKDNTLSNVFANTTNLTFLDLSKCQ
LEQISWGVFDTLHRLQLLNMSHNNLLFLDSSHYNQLYSLSTLDCSFNRIETSKGILQHFPKSLAFFNLTNNSVACICEHQ
KFLQWVKEQKQFLVNVEQMTCATPVEMNTSLVLDFNNSTCYMYK
;
A,B
#
# COMPACT_ATOMS: atom_id res chain seq x y z
N GLN A 3 24.86 -27.74 -25.33
CA GLN A 3 25.67 -28.93 -25.55
C GLN A 3 25.86 -29.72 -24.28
N GLN A 4 25.92 -29.04 -23.13
CA GLN A 4 26.06 -29.73 -21.86
C GLN A 4 24.87 -30.65 -21.62
N TRP A 5 23.65 -30.12 -21.73
CA TRP A 5 22.49 -30.99 -21.50
C TRP A 5 21.26 -30.37 -22.12
N PHE A 6 20.28 -31.23 -22.44
CA PHE A 6 19.03 -30.76 -23.02
C PHE A 6 17.94 -31.81 -22.83
N CYS A 7 16.70 -31.34 -22.80
CA CYS A 7 15.53 -32.20 -22.79
C CYS A 7 14.43 -31.60 -23.65
N ASN A 8 13.62 -32.48 -24.23
CA ASN A 8 12.47 -32.09 -25.04
C ASN A 8 11.19 -32.49 -24.31
N SER A 9 10.36 -31.51 -24.02
CA SER A 9 9.04 -31.76 -23.47
C SER A 9 7.98 -31.62 -24.57
N SER A 10 6.72 -31.65 -24.17
CA SER A 10 5.64 -31.52 -25.15
C SER A 10 5.66 -30.16 -25.82
N ASP A 11 5.90 -29.09 -25.04
CA ASP A 11 5.81 -27.74 -25.57
C ASP A 11 7.08 -26.93 -25.40
N ALA A 12 8.12 -27.49 -24.78
CA ALA A 12 9.33 -26.74 -24.51
C ALA A 12 10.54 -27.55 -24.94
N ILE A 13 11.60 -26.84 -25.29
CA ILE A 13 12.93 -27.43 -25.52
C ILE A 13 13.89 -26.69 -24.61
N ILE A 14 14.51 -27.40 -23.68
CA ILE A 14 15.41 -26.78 -22.71
C ILE A 14 16.82 -27.29 -22.95
N SER A 15 17.77 -26.36 -23.06
CA SER A 15 19.18 -26.73 -23.33
C SER A 15 20.10 -25.84 -22.51
N TYR A 16 21.15 -26.41 -21.90
CA TYR A 16 22.11 -25.56 -21.16
C TYR A 16 23.53 -25.82 -21.64
N SER A 17 24.40 -24.82 -21.48
CA SER A 17 25.84 -24.98 -21.82
C SER A 17 26.62 -24.26 -20.72
N TYR A 18 27.94 -24.36 -20.71
CA TYR A 18 28.72 -23.58 -19.71
C TYR A 18 28.80 -22.13 -20.14
N CYS A 19 29.27 -21.27 -19.23
CA CYS A 19 29.46 -19.86 -19.48
C CYS A 19 30.76 -19.73 -20.26
N ASP A 20 31.22 -18.49 -20.44
CA ASP A 20 32.45 -18.27 -21.26
C ASP A 20 33.63 -17.86 -20.38
N HIS A 21 33.37 -17.12 -19.30
CA HIS A 21 34.43 -16.63 -18.44
C HIS A 21 34.60 -17.48 -17.19
N LEU A 22 33.67 -18.41 -16.95
CA LEU A 22 33.81 -19.41 -15.90
C LEU A 22 33.43 -20.79 -16.41
N LYS A 23 34.32 -21.75 -16.27
CA LYS A 23 34.02 -23.14 -16.61
C LYS A 23 34.37 -23.98 -15.39
N PHE A 24 33.44 -24.05 -14.45
CA PHE A 24 33.54 -24.88 -13.26
C PHE A 24 32.50 -25.97 -13.35
N PRO A 25 32.88 -27.24 -13.26
CA PRO A 25 31.94 -28.32 -13.57
C PRO A 25 30.77 -28.35 -12.60
N ILE A 26 29.61 -28.71 -13.16
CA ILE A 26 28.39 -28.92 -12.39
C ILE A 26 27.44 -29.76 -13.24
N SER A 27 26.83 -30.76 -12.62
CA SER A 27 25.82 -31.56 -13.28
C SER A 27 24.46 -31.20 -12.69
N ILE A 28 23.47 -31.03 -13.57
CA ILE A 28 22.14 -30.59 -13.16
C ILE A 28 21.15 -31.11 -14.18
N SER A 29 20.01 -31.60 -13.69
CA SER A 29 18.98 -32.10 -14.58
C SER A 29 17.65 -32.04 -13.86
N SER A 30 16.58 -32.42 -14.55
CA SER A 30 15.24 -32.35 -13.98
C SER A 30 14.44 -33.57 -14.37
N GLU A 31 13.37 -33.82 -13.61
CA GLU A 31 12.46 -34.92 -13.81
C GLU A 31 11.04 -34.51 -13.45
N PRO A 32 10.12 -34.48 -14.41
CA PRO A 32 10.38 -34.73 -15.83
C PRO A 32 10.77 -33.46 -16.56
N CYS A 33 10.97 -33.55 -17.88
CA CYS A 33 11.32 -32.36 -18.64
C CYS A 33 10.23 -31.31 -18.52
N ILE A 34 10.63 -30.09 -18.18
CA ILE A 34 9.68 -29.06 -17.79
C ILE A 34 8.75 -28.71 -18.95
N ARG A 35 7.45 -28.69 -18.66
CA ARG A 35 6.47 -28.10 -19.57
C ARG A 35 6.17 -26.69 -19.09
N LEU A 36 6.26 -25.72 -20.00
CA LEU A 36 5.99 -24.31 -19.64
C LEU A 36 4.48 -24.16 -19.42
N ARG A 37 3.74 -25.26 -19.55
CA ARG A 37 2.27 -25.23 -19.31
C ARG A 37 2.01 -25.62 -17.85
N GLY A 38 3.04 -25.55 -17.00
CA GLY A 38 2.88 -25.89 -15.58
C GLY A 38 3.47 -27.25 -15.24
N THR A 39 4.41 -27.33 -14.28
CA THR A 39 5.00 -28.64 -14.05
C THR A 39 5.12 -28.87 -12.55
N ASN A 40 5.41 -30.12 -12.20
CA ASN A 40 5.57 -30.56 -10.82
C ASN A 40 6.60 -31.68 -10.82
N GLY A 41 7.71 -31.50 -10.12
CA GLY A 41 8.72 -32.54 -10.13
C GLY A 41 9.96 -32.27 -9.31
N PHE A 42 11.10 -32.82 -9.78
CA PHE A 42 12.35 -32.75 -9.06
C PHE A 42 13.46 -32.23 -9.95
N VAL A 43 14.51 -31.72 -9.32
CA VAL A 43 15.71 -31.24 -9.98
C VAL A 43 16.91 -31.83 -9.26
N HIS A 44 17.77 -32.53 -9.98
CA HIS A 44 18.89 -33.26 -9.41
C HIS A 44 20.19 -32.51 -9.67
N VAL A 45 20.97 -32.32 -8.61
CA VAL A 45 22.20 -31.53 -8.65
C VAL A 45 23.35 -32.40 -8.17
N GLU A 46 24.51 -32.27 -8.82
CA GLU A 46 25.71 -33.04 -8.47
C GLU A 46 26.94 -32.23 -8.82
N PHE A 47 27.70 -31.80 -7.82
CA PHE A 47 28.93 -31.06 -8.12
C PHE A 47 29.80 -30.97 -6.87
N ILE A 48 30.90 -30.22 -6.99
CA ILE A 48 31.83 -29.99 -5.83
C ILE A 48 31.92 -28.48 -5.63
N PRO A 49 31.35 -27.92 -4.55
CA PRO A 49 31.37 -26.48 -4.28
C PRO A 49 32.72 -25.79 -4.49
N ARG A 50 32.74 -24.75 -5.33
CA ARG A 50 33.98 -23.94 -5.46
C ARG A 50 33.85 -22.83 -4.43
N GLY A 51 33.15 -23.10 -3.31
CA GLY A 51 32.88 -22.03 -2.34
C GLY A 51 32.25 -22.65 -1.10
N ASN A 52 31.66 -21.84 -0.21
CA ASN A 52 31.14 -22.40 1.03
C ASN A 52 29.64 -22.66 1.04
N LEU A 53 28.91 -22.19 0.03
CA LEU A 53 27.49 -22.47 -0.13
C LEU A 53 26.64 -21.98 1.04
N LYS A 54 27.20 -21.28 2.01
CA LYS A 54 26.41 -20.87 3.16
C LYS A 54 25.58 -19.64 2.86
N TYR A 55 26.08 -18.74 2.03
CA TYR A 55 25.34 -17.59 1.54
C TYR A 55 25.34 -17.68 0.03
N LEU A 56 24.42 -18.45 -0.52
CA LEU A 56 24.36 -18.70 -1.95
C LEU A 56 23.18 -17.96 -2.51
N TYR A 57 23.39 -17.23 -3.61
CA TYR A 57 22.28 -16.65 -4.34
C TYR A 57 22.60 -16.66 -5.82
N PHE A 58 21.65 -16.19 -6.61
CA PHE A 58 21.77 -16.24 -8.06
C PHE A 58 21.56 -14.84 -8.64
N ASN A 59 22.19 -14.61 -9.78
CA ASN A 59 21.86 -13.49 -10.65
C ASN A 59 21.40 -14.07 -11.98
N LEU A 60 20.19 -13.70 -12.37
CA LEU A 60 19.58 -14.18 -13.61
C LEU A 60 19.43 -13.01 -14.57
N PHE A 61 20.02 -13.14 -15.75
CA PHE A 61 19.89 -12.15 -16.81
C PHE A 61 19.04 -12.80 -17.89
N ILE A 62 17.78 -12.38 -17.98
CA ILE A 62 16.77 -13.04 -18.80
C ILE A 62 16.47 -12.18 -20.01
N SER A 63 16.24 -12.82 -21.14
CA SER A 63 15.87 -12.14 -22.37
C SER A 63 14.74 -12.91 -23.03
N VAL A 64 13.62 -12.24 -23.25
CA VAL A 64 12.46 -12.82 -23.91
C VAL A 64 12.47 -12.20 -25.30
N ASN A 65 12.65 -13.04 -26.32
CA ASN A 65 12.71 -12.57 -27.70
C ASN A 65 13.54 -11.30 -27.86
N SER A 66 14.75 -11.31 -27.32
CA SER A 66 15.72 -10.23 -27.48
C SER A 66 15.23 -8.93 -26.84
N ILE A 67 14.49 -9.04 -25.74
CA ILE A 67 14.03 -7.89 -24.98
C ILE A 67 14.46 -8.11 -23.53
N GLU A 68 15.56 -7.49 -23.14
CA GLU A 68 16.14 -7.74 -21.82
C GLU A 68 15.18 -7.36 -20.72
N LEU A 69 14.77 -8.33 -19.92
CA LEU A 69 14.10 -8.05 -18.67
C LEU A 69 15.10 -7.43 -17.71
N PRO A 70 14.64 -6.86 -16.61
CA PRO A 70 15.56 -6.47 -15.55
C PRO A 70 16.23 -7.69 -14.92
N LYS A 71 17.18 -7.42 -14.04
CA LYS A 71 17.97 -8.47 -13.42
C LYS A 71 17.31 -8.96 -12.14
N ARG A 72 17.19 -10.28 -11.99
CA ARG A 72 16.62 -10.89 -10.81
C ARG A 72 17.70 -11.43 -9.88
N LYS A 73 17.43 -11.38 -8.59
CA LYS A 73 18.32 -11.91 -7.56
C LYS A 73 17.51 -12.79 -6.62
N GLU A 74 17.77 -14.09 -6.64
CA GLU A 74 17.06 -15.06 -5.82
C GLU A 74 17.97 -15.61 -4.75
N VAL A 75 17.59 -15.44 -3.49
CA VAL A 75 18.33 -16.00 -2.38
C VAL A 75 17.90 -17.44 -2.18
N LEU A 76 18.86 -18.34 -2.14
CA LEU A 76 18.61 -19.76 -1.90
C LEU A 76 18.97 -20.19 -0.49
N CYS A 77 20.16 -19.83 -0.03
CA CYS A 77 20.57 -20.01 1.36
C CYS A 77 20.87 -18.65 1.95
N HIS A 78 20.65 -18.53 3.25
CA HIS A 78 21.00 -17.30 3.94
C HIS A 78 21.70 -17.53 5.26
N GLY A 79 21.95 -18.77 5.66
CA GLY A 79 22.74 -19.04 6.83
C GLY A 79 21.96 -19.44 8.07
N HIS A 80 20.83 -18.79 8.32
CA HIS A 80 20.06 -18.99 9.55
C HIS A 80 18.99 -20.04 9.30
N ASP A 81 19.32 -21.29 9.60
CA ASP A 81 18.36 -22.40 9.56
C ASP A 81 17.65 -22.48 8.20
N ASP A 82 18.45 -22.67 7.16
CA ASP A 82 17.90 -22.82 5.83
C ASP A 82 17.09 -24.10 5.73
N ASP A 83 16.25 -24.17 4.71
CA ASP A 83 15.36 -25.31 4.53
C ASP A 83 16.03 -26.45 3.78
N TYR A 84 17.31 -26.31 3.45
CA TYR A 84 17.99 -27.22 2.54
C TYR A 84 19.25 -27.77 3.18
N SER A 85 19.51 -29.06 2.92
CA SER A 85 20.63 -29.73 3.56
C SER A 85 21.97 -29.38 2.94
N PHE A 86 21.99 -28.94 1.68
CA PHE A 86 23.25 -28.60 1.03
C PHE A 86 23.72 -27.19 1.35
N CYS A 87 22.94 -26.39 2.04
CA CYS A 87 23.40 -25.09 2.49
C CYS A 87 24.43 -25.21 3.61
N ARG A 88 24.85 -26.44 3.89
CA ARG A 88 25.82 -26.74 4.93
C ARG A 88 27.13 -27.24 4.36
N ALA A 89 27.23 -27.41 3.05
CA ALA A 89 28.40 -27.99 2.41
C ALA A 89 29.60 -27.04 2.49
N LEU A 90 30.76 -27.58 2.16
CA LEU A 90 32.03 -26.86 2.20
C LEU A 90 32.77 -27.07 0.89
N LYS A 91 33.72 -26.19 0.61
CA LYS A 91 34.46 -26.27 -0.65
C LYS A 91 35.31 -27.53 -0.68
N GLY A 92 34.99 -28.43 -1.58
CA GLY A 92 35.64 -29.72 -1.67
C GLY A 92 34.76 -30.87 -1.29
N GLU A 93 33.60 -30.60 -0.70
CA GLU A 93 32.70 -31.63 -0.22
C GLU A 93 31.63 -31.88 -1.26
N THR A 94 31.59 -33.10 -1.81
CA THR A 94 30.69 -33.39 -2.91
C THR A 94 29.23 -33.20 -2.50
N VAL A 95 28.50 -32.43 -3.30
CA VAL A 95 27.07 -32.23 -3.12
C VAL A 95 26.35 -33.08 -4.14
N ASN A 96 25.33 -33.81 -3.70
CA ASN A 96 24.53 -34.66 -4.58
C ASN A 96 23.13 -34.73 -3.99
N THR A 97 22.18 -34.00 -4.58
CA THR A 97 20.88 -33.82 -3.95
C THR A 97 19.79 -33.72 -5.01
N SER A 98 18.55 -33.63 -4.52
CA SER A 98 17.35 -33.61 -5.36
C SER A 98 16.30 -32.73 -4.69
N ILE A 99 15.81 -31.72 -5.42
CA ILE A 99 14.97 -30.67 -4.86
C ILE A 99 13.62 -30.70 -5.58
N PRO A 100 12.51 -30.60 -4.87
CA PRO A 100 11.19 -30.58 -5.52
C PRO A 100 10.69 -29.17 -5.82
N PHE A 101 9.84 -29.09 -6.84
CA PHE A 101 9.28 -27.80 -7.26
C PHE A 101 7.95 -28.00 -7.99
N SER A 102 7.25 -26.89 -8.18
CA SER A 102 5.92 -26.89 -8.79
C SER A 102 5.52 -25.47 -9.19
N PHE A 103 5.01 -25.31 -10.39
CA PHE A 103 4.61 -23.96 -10.89
C PHE A 103 3.43 -24.15 -11.85
N GLU A 104 2.38 -23.36 -11.71
CA GLU A 104 1.19 -23.46 -12.60
C GLU A 104 0.37 -22.18 -12.49
N GLY A 105 -0.11 -21.64 -13.61
CA GLY A 105 -0.98 -20.45 -13.55
C GLY A 105 -0.40 -19.25 -14.28
N ILE A 106 0.77 -19.40 -14.91
CA ILE A 106 1.27 -18.28 -15.69
C ILE A 106 1.20 -18.63 -17.16
N LEU A 107 0.88 -17.64 -17.99
CA LEU A 107 0.95 -17.78 -19.43
C LEU A 107 2.25 -17.21 -19.94
N PHE A 108 2.96 -17.99 -20.77
CA PHE A 108 4.25 -17.55 -21.35
C PHE A 108 4.07 -17.39 -22.85
N PRO A 109 4.59 -16.31 -23.48
CA PRO A 109 4.50 -16.12 -24.94
C PRO A 109 5.20 -17.19 -25.77
N LYS A 110 4.96 -17.21 -27.05
CA LYS A 110 5.73 -18.17 -27.84
C LYS A 110 6.98 -17.43 -28.27
N GLY A 111 8.06 -18.14 -28.46
CA GLY A 111 9.28 -17.55 -28.96
C GLY A 111 10.54 -18.23 -28.52
N HIS A 112 11.44 -17.49 -27.87
CA HIS A 112 12.80 -17.94 -27.64
C HIS A 112 13.31 -17.16 -26.45
N TYR A 113 13.64 -17.85 -25.36
CA TYR A 113 14.12 -17.17 -24.17
C TYR A 113 15.58 -17.53 -23.96
N ARG A 114 16.26 -16.71 -23.18
CA ARG A 114 17.64 -16.97 -22.80
C ARG A 114 17.83 -16.52 -21.37
N CYS A 115 18.60 -17.26 -20.60
CA CYS A 115 18.91 -16.87 -19.23
C CYS A 115 20.38 -17.18 -18.96
N VAL A 116 21.11 -16.16 -18.52
CA VAL A 116 22.44 -16.33 -17.98
C VAL A 116 22.29 -16.41 -16.47
N ALA A 117 22.63 -17.56 -15.90
CA ALA A 117 22.38 -17.86 -14.50
C ALA A 117 23.72 -18.03 -13.80
N GLU A 118 24.07 -17.10 -12.92
CA GLU A 118 25.37 -17.15 -12.27
C GLU A 118 25.19 -17.20 -10.76
N ALA A 119 25.87 -18.16 -10.13
CA ALA A 119 25.74 -18.39 -8.70
C ALA A 119 26.85 -17.65 -7.96
N ILE A 120 26.49 -17.01 -6.85
CA ILE A 120 27.41 -16.18 -6.09
C ILE A 120 27.40 -16.64 -4.65
N ALA A 121 28.59 -16.73 -4.06
CA ALA A 121 28.74 -16.95 -2.63
C ALA A 121 28.73 -15.60 -1.93
N GLY A 122 27.60 -15.29 -1.28
CA GLY A 122 27.32 -13.93 -0.86
C GLY A 122 28.30 -13.35 0.14
N ASP A 123 29.04 -14.19 0.86
CA ASP A 123 29.93 -13.67 1.89
C ASP A 123 31.19 -13.04 1.31
N THR A 124 31.81 -13.70 0.33
CA THR A 124 33.03 -13.23 -0.30
C THR A 124 32.86 -12.88 -1.77
N GLU A 125 31.65 -12.99 -2.30
CA GLU A 125 31.26 -12.37 -3.57
C GLU A 125 32.02 -12.93 -4.77
N GLU A 126 32.43 -14.19 -4.71
CA GLU A 126 33.03 -14.84 -5.86
C GLU A 126 32.00 -15.74 -6.53
N LYS A 127 32.16 -15.92 -7.83
CA LYS A 127 31.18 -16.63 -8.63
C LYS A 127 31.51 -18.12 -8.61
N LEU A 128 30.54 -18.92 -8.17
CA LEU A 128 30.75 -20.37 -8.09
C LEU A 128 30.66 -21.01 -9.46
N PHE A 129 29.68 -20.62 -10.25
CA PHE A 129 29.58 -21.11 -11.62
C PHE A 129 28.62 -20.21 -12.40
N CYS A 130 28.63 -20.39 -13.72
CA CYS A 130 27.84 -19.60 -14.65
C CYS A 130 27.31 -20.55 -15.69
N LEU A 131 26.00 -20.47 -15.98
CA LEU A 131 25.36 -21.33 -16.93
C LEU A 131 24.59 -20.51 -17.97
N ASN A 132 24.50 -21.06 -19.16
CA ASN A 132 23.94 -20.40 -20.34
C ASN A 132 22.77 -21.25 -20.80
N PHE A 133 21.54 -20.80 -20.51
CA PHE A 133 20.33 -21.56 -20.74
C PHE A 133 19.68 -21.17 -22.06
N THR A 134 18.75 -22.00 -22.49
CA THR A 134 18.00 -21.73 -23.72
C THR A 134 16.70 -22.51 -23.66
N ILE A 135 15.59 -21.79 -23.56
CA ILE A 135 14.25 -22.37 -23.68
C ILE A 135 13.67 -21.93 -25.01
N ILE A 136 13.11 -22.89 -25.74
CA ILE A 136 12.33 -22.58 -26.93
C ILE A 136 10.92 -23.09 -26.68
N HIS A 137 9.95 -22.17 -26.65
CA HIS A 137 8.55 -22.47 -26.41
C HIS A 137 7.81 -22.44 -27.74
N ARG A 138 7.07 -23.51 -28.02
CA ARG A 138 6.44 -23.68 -29.32
C ARG A 138 4.93 -23.79 -29.22
N GLN B 3 -18.39 36.34 19.25
CA GLN B 3 -19.49 37.13 19.77
C GLN B 3 -20.82 36.43 19.55
N GLN B 4 -20.94 35.67 18.47
CA GLN B 4 -22.17 34.92 18.22
C GLN B 4 -22.43 33.93 19.33
N TRP B 5 -21.45 33.10 19.67
CA TRP B 5 -21.68 32.13 20.74
C TRP B 5 -20.35 31.63 21.29
N PHE B 6 -20.37 31.17 22.54
CA PHE B 6 -19.18 30.64 23.16
C PHE B 6 -19.55 29.76 24.35
N CYS B 7 -18.66 28.81 24.64
CA CYS B 7 -18.78 27.99 25.84
C CYS B 7 -17.41 27.74 26.43
N ASN B 8 -17.37 27.57 27.75
CA ASN B 8 -16.16 27.29 28.51
C ASN B 8 -16.26 25.87 29.07
N SER B 9 -15.32 25.02 28.69
CA SER B 9 -15.20 23.69 29.25
C SER B 9 -14.06 23.68 30.25
N SER B 10 -13.72 22.47 30.73
CA SER B 10 -12.64 22.35 31.71
C SER B 10 -11.30 22.76 31.11
N ASP B 11 -11.05 22.38 29.86
CA ASP B 11 -9.74 22.61 29.26
C ASP B 11 -9.81 23.39 27.95
N ALA B 12 -11.00 23.75 27.48
CA ALA B 12 -11.14 24.42 26.20
C ALA B 12 -12.05 25.64 26.35
N ILE B 13 -11.83 26.61 25.48
CA ILE B 13 -12.72 27.74 25.32
C ILE B 13 -13.09 27.81 23.85
N ILE B 14 -14.37 27.65 23.53
CA ILE B 14 -14.82 27.63 22.15
C ILE B 14 -15.70 28.83 21.89
N SER B 15 -15.39 29.57 20.83
CA SER B 15 -16.14 30.80 20.49
C SER B 15 -16.34 30.86 18.97
N TYR B 16 -17.53 31.23 18.52
CA TYR B 16 -17.73 31.40 17.06
C TYR B 16 -18.30 32.79 16.74
N SER B 17 -18.05 33.26 15.53
CA SER B 17 -18.63 34.55 15.07
C SER B 17 -19.03 34.34 13.60
N TYR B 18 -19.70 35.30 12.97
CA TYR B 18 -20.00 35.15 11.53
C TYR B 18 -18.76 35.45 10.71
N CYS B 19 -18.82 35.13 9.42
CA CYS B 19 -17.74 35.37 8.48
C CYS B 19 -17.82 36.85 8.11
N ASP B 20 -17.03 37.27 7.11
CA ASP B 20 -16.99 38.71 6.76
C ASP B 20 -17.67 38.96 5.40
N HIS B 21 -17.59 38.00 4.49
CA HIS B 21 -18.15 38.15 3.15
C HIS B 21 -19.50 37.46 3.02
N LEU B 22 -19.88 36.66 4.00
CA LEU B 22 -21.23 36.09 4.08
C LEU B 22 -21.78 36.21 5.49
N LYS B 23 -22.96 36.80 5.61
CA LYS B 23 -23.66 36.87 6.89
C LYS B 23 -25.06 36.33 6.66
N PHE B 24 -25.19 35.02 6.71
CA PHE B 24 -26.46 34.32 6.62
C PHE B 24 -26.74 33.66 7.95
N PRO B 25 -27.89 33.93 8.57
CA PRO B 25 -28.08 33.49 9.95
C PRO B 25 -28.08 31.99 10.10
N ILE B 26 -27.54 31.53 11.22
CA ILE B 26 -27.54 30.13 11.60
C ILE B 26 -27.30 30.05 13.10
N SER B 27 -28.07 29.22 13.78
CA SER B 27 -27.85 28.96 15.20
C SER B 27 -27.30 27.56 15.36
N ILE B 28 -26.28 27.43 16.19
CA ILE B 28 -25.58 26.16 16.38
C ILE B 28 -24.98 26.15 17.77
N SER B 29 -25.07 25.01 18.44
CA SER B 29 -24.52 24.89 19.78
C SER B 29 -24.25 23.42 20.06
N SER B 30 -23.70 23.13 21.22
CA SER B 30 -23.34 21.76 21.57
C SER B 30 -23.67 21.49 23.04
N GLU B 31 -23.77 20.21 23.35
CA GLU B 31 -24.06 19.72 24.70
C GLU B 31 -23.32 18.42 24.97
N PRO B 32 -22.37 18.40 25.91
CA PRO B 32 -21.94 19.57 26.67
C PRO B 32 -20.80 20.31 25.98
N CYS B 33 -20.28 21.37 26.60
CA CYS B 33 -19.17 22.10 26.01
C CYS B 33 -17.98 21.17 25.80
N ILE B 34 -17.44 21.18 24.58
CA ILE B 34 -16.48 20.18 24.16
C ILE B 34 -15.21 20.28 25.00
N ARG B 35 -14.75 19.13 25.51
CA ARG B 35 -13.43 19.01 26.08
C ARG B 35 -12.52 18.41 25.02
N LEU B 36 -11.38 19.05 24.79
CA LEU B 36 -10.40 18.56 23.78
C LEU B 36 -9.73 17.30 24.34
N ARG B 37 -10.13 16.89 25.54
CA ARG B 37 -9.59 15.65 26.15
C ARG B 37 -10.52 14.48 25.81
N GLY B 38 -11.37 14.65 24.80
CA GLY B 38 -12.29 13.58 24.37
C GLY B 38 -13.71 13.84 24.83
N THR B 39 -14.70 13.86 23.92
CA THR B 39 -16.02 14.20 24.38
C THR B 39 -17.03 13.26 23.71
N ASN B 40 -18.25 13.28 24.23
CA ASN B 40 -19.36 12.48 23.75
C ASN B 40 -20.64 13.27 23.98
N GLY B 41 -21.36 13.60 22.92
CA GLY B 41 -22.57 14.39 23.11
C GLY B 41 -23.36 14.73 21.87
N PHE B 42 -24.01 15.89 21.89
CA PHE B 42 -24.90 16.31 20.83
C PHE B 42 -24.55 17.71 20.36
N VAL B 43 -24.98 18.01 19.14
CA VAL B 43 -24.82 19.34 18.53
C VAL B 43 -26.17 19.72 17.94
N HIS B 44 -26.68 20.88 18.35
CA HIS B 44 -28.01 21.34 17.97
C HIS B 44 -27.90 22.42 16.91
N VAL B 45 -28.67 22.27 15.83
CA VAL B 45 -28.63 23.16 14.68
C VAL B 45 -30.03 23.70 14.43
N GLU B 46 -30.11 24.99 14.08
CA GLU B 46 -31.39 25.66 13.80
C GLU B 46 -31.17 26.76 12.79
N PHE B 47 -31.72 26.62 11.59
CA PHE B 47 -31.57 27.69 10.59
C PHE B 47 -32.54 27.47 9.45
N ILE B 48 -32.42 28.32 8.42
CA ILE B 48 -33.28 28.19 7.19
C ILE B 48 -32.32 28.07 6.00
N PRO B 49 -32.23 26.88 5.36
CA PRO B 49 -31.32 26.66 4.23
C PRO B 49 -31.31 27.75 3.17
N ARG B 50 -30.13 28.31 2.88
CA ARG B 50 -30.03 29.26 1.74
C ARG B 50 -29.69 28.41 0.52
N GLY B 51 -30.16 27.16 0.49
CA GLY B 51 -29.77 26.25 -0.60
C GLY B 51 -30.58 24.96 -0.48
N ASN B 52 -30.20 23.90 -1.18
CA ASN B 52 -31.02 22.70 -1.17
C ASN B 52 -30.53 21.62 -0.22
N LEU B 53 -29.34 21.75 0.36
CA LEU B 53 -28.83 20.83 1.37
C LEU B 53 -28.70 19.39 0.88
N LYS B 54 -28.94 19.12 -0.39
CA LYS B 54 -28.90 17.73 -0.85
C LYS B 54 -27.47 17.28 -1.12
N TYR B 55 -26.61 18.18 -1.56
CA TYR B 55 -25.18 17.92 -1.72
C TYR B 55 -24.46 18.97 -0.88
N LEU B 56 -24.33 18.68 0.40
CA LEU B 56 -23.75 19.63 1.34
C LEU B 56 -22.38 19.14 1.74
N TYR B 57 -21.38 20.01 1.70
CA TYR B 57 -20.08 19.67 2.25
C TYR B 57 -19.46 20.92 2.84
N PHE B 58 -18.27 20.75 3.41
CA PHE B 58 -17.60 21.82 4.13
C PHE B 58 -16.20 22.01 3.59
N ASN B 59 -15.72 23.24 3.69
CA ASN B 59 -14.31 23.55 3.53
C ASN B 59 -13.82 24.14 4.85
N LEU B 60 -12.81 23.51 5.42
CA LEU B 60 -12.24 23.93 6.69
C LEU B 60 -10.83 24.44 6.47
N PHE B 61 -10.59 25.68 6.86
CA PHE B 61 -9.25 26.26 6.80
C PHE B 61 -8.78 26.41 8.24
N ILE B 62 -7.87 25.53 8.65
CA ILE B 62 -7.47 25.39 10.04
C ILE B 62 -6.07 25.96 10.22
N SER B 63 -5.84 26.59 11.37
CA SER B 63 -4.54 27.12 11.71
C SER B 63 -4.26 26.79 13.17
N VAL B 64 -3.16 26.09 13.40
CA VAL B 64 -2.71 25.72 14.74
C VAL B 64 -1.55 26.65 15.02
N ASN B 65 -1.72 27.52 16.03
CA ASN B 65 -0.67 28.48 16.37
C ASN B 65 -0.03 29.15 15.16
N SER B 66 -0.87 29.66 14.27
CA SER B 66 -0.43 30.43 13.11
C SER B 66 0.39 29.59 12.14
N ILE B 67 0.08 28.30 12.04
CA ILE B 67 0.73 27.40 11.09
C ILE B 67 -0.39 26.73 10.29
N GLU B 68 -0.63 27.24 9.09
CA GLU B 68 -1.76 26.78 8.29
C GLU B 68 -1.62 25.30 7.95
N LEU B 69 -2.56 24.49 8.42
CA LEU B 69 -2.70 23.15 7.93
C LEU B 69 -3.19 23.19 6.50
N PRO B 70 -3.15 22.08 5.78
CA PRO B 70 -3.83 22.01 4.49
C PRO B 70 -5.34 22.12 4.66
N LYS B 71 -6.04 22.20 3.54
CA LYS B 71 -7.48 22.40 3.53
C LYS B 71 -8.20 21.06 3.55
N ARG B 72 -9.18 20.93 4.43
CA ARG B 72 -10.00 19.72 4.55
C ARG B 72 -11.34 19.91 3.87
N LYS B 73 -11.86 18.81 3.32
CA LYS B 73 -13.18 18.79 2.70
C LYS B 73 -13.95 17.59 3.24
N GLU B 74 -15.01 17.85 4.00
CA GLU B 74 -15.81 16.81 4.63
C GLU B 74 -17.18 16.77 3.97
N VAL B 75 -17.54 15.62 3.42
CA VAL B 75 -18.86 15.42 2.83
C VAL B 75 -19.81 15.03 3.94
N LEU B 76 -20.93 15.75 4.05
CA LEU B 76 -21.97 15.46 5.03
C LEU B 76 -23.17 14.78 4.40
N CYS B 77 -23.69 15.32 3.30
CA CYS B 77 -24.73 14.68 2.52
C CYS B 77 -24.17 14.42 1.12
N HIS B 78 -24.67 13.38 0.48
CA HIS B 78 -24.28 13.11 -0.89
C HIS B 78 -25.45 12.72 -1.78
N GLY B 79 -26.67 12.68 -1.25
CA GLY B 79 -27.83 12.48 -2.09
C GLY B 79 -28.42 11.08 -2.04
N HIS B 80 -27.57 10.06 -2.03
CA HIS B 80 -28.01 8.67 -2.13
C HIS B 80 -28.17 8.09 -0.72
N ASP B 81 -29.39 8.18 -0.19
CA ASP B 81 -29.74 7.55 1.09
C ASP B 81 -28.78 7.97 2.19
N ASP B 82 -28.74 9.27 2.46
CA ASP B 82 -27.90 9.79 3.53
C ASP B 82 -28.42 9.31 4.87
N ASP B 83 -27.57 9.40 5.88
CA ASP B 83 -27.90 8.92 7.21
C ASP B 83 -28.64 9.97 8.03
N TYR B 84 -28.94 11.12 7.43
CA TYR B 84 -29.42 12.27 8.17
C TYR B 84 -30.73 12.78 7.57
N SER B 85 -31.64 13.20 8.45
CA SER B 85 -32.96 13.60 8.00
C SER B 85 -32.99 14.99 7.38
N PHE B 86 -32.02 15.84 7.72
CA PHE B 86 -32.00 17.20 7.16
C PHE B 86 -31.35 17.27 5.80
N CYS B 87 -30.78 16.18 5.30
CA CYS B 87 -30.28 16.16 3.93
C CYS B 87 -31.40 16.15 2.92
N ARG B 88 -32.63 16.32 3.39
CA ARG B 88 -33.83 16.33 2.57
C ARG B 88 -34.48 17.70 2.52
N ALA B 89 -33.96 18.67 3.26
CA ALA B 89 -34.57 19.98 3.37
C ALA B 89 -34.46 20.77 2.06
N LEU B 90 -35.20 21.87 1.99
CA LEU B 90 -35.26 22.73 0.82
C LEU B 90 -35.06 24.17 1.26
N LYS B 91 -34.71 25.03 0.31
CA LYS B 91 -34.44 26.43 0.61
C LYS B 91 -35.73 27.11 1.05
N GLY B 92 -35.77 27.53 2.30
CA GLY B 92 -36.94 28.13 2.89
C GLY B 92 -37.59 27.27 3.94
N GLU B 93 -37.18 26.02 4.06
CA GLU B 93 -37.78 25.07 4.98
C GLU B 93 -36.94 25.00 6.25
N THR B 94 -37.52 25.40 7.37
CA THR B 94 -36.76 25.51 8.61
C THR B 94 -36.19 24.17 9.02
N VAL B 95 -34.89 24.14 9.28
CA VAL B 95 -34.19 22.96 9.79
C VAL B 95 -33.95 23.17 11.28
N ASN B 96 -34.26 22.15 12.08
CA ASN B 96 -34.06 22.20 13.52
C ASN B 96 -33.79 20.78 13.99
N THR B 97 -32.54 20.48 14.30
CA THR B 97 -32.15 19.09 14.52
C THR B 97 -31.04 19.01 15.57
N SER B 98 -30.67 17.76 15.89
CA SER B 98 -29.68 17.46 16.92
C SER B 98 -28.92 16.21 16.53
N ILE B 99 -27.59 16.31 16.46
CA ILE B 99 -26.74 15.27 15.89
C ILE B 99 -25.79 14.78 16.98
N PRO B 100 -25.59 13.47 17.13
CA PRO B 100 -24.65 12.96 18.13
C PRO B 100 -23.25 12.74 17.58
N PHE B 101 -22.27 12.81 18.49
CA PHE B 101 -20.87 12.64 18.11
C PHE B 101 -20.04 12.18 19.31
N SER B 102 -18.81 11.75 19.02
CA SER B 102 -17.90 11.19 20.01
C SER B 102 -16.49 11.12 19.44
N PHE B 103 -15.51 11.57 20.22
CA PHE B 103 -14.10 11.55 19.75
C PHE B 103 -13.21 11.36 20.99
N GLU B 104 -12.23 10.46 20.92
CA GLU B 104 -11.31 10.22 22.07
C GLU B 104 -10.07 9.48 21.56
N GLY B 105 -8.88 9.88 22.01
CA GLY B 105 -7.66 9.15 21.61
C GLY B 105 -6.66 10.02 20.88
N ILE B 106 -6.97 11.32 20.68
CA ILE B 106 -5.97 12.18 20.05
C ILE B 106 -5.43 13.14 21.10
N LEU B 107 -4.13 13.43 21.00
CA LEU B 107 -3.52 14.47 21.81
C LEU B 107 -3.42 15.74 20.99
N PHE B 108 -3.86 16.86 21.60
CA PHE B 108 -3.83 18.18 20.91
C PHE B 108 -2.85 19.06 21.67
N PRO B 109 -1.96 19.83 20.99
CA PRO B 109 -1.03 20.74 21.65
C PRO B 109 -1.70 21.87 22.46
N LYS B 110 -0.93 22.57 23.25
CA LYS B 110 -1.55 23.72 23.91
C LYS B 110 -1.35 24.89 22.97
N GLY B 111 -2.26 25.84 23.00
CA GLY B 111 -2.11 27.04 22.20
C GLY B 111 -3.41 27.69 21.80
N HIS B 112 -3.60 27.87 20.50
CA HIS B 112 -4.66 28.73 19.98
C HIS B 112 -4.94 28.25 18.57
N TYR B 113 -6.15 27.78 18.31
CA TYR B 113 -6.49 27.29 16.99
C TYR B 113 -7.51 28.23 16.38
N ARG B 114 -7.62 28.15 15.06
CA ARG B 114 -8.63 28.92 14.33
C ARG B 114 -9.13 28.06 13.18
N CYS B 115 -10.43 28.12 12.90
CA CYS B 115 -11.00 27.40 11.77
C CYS B 115 -12.00 28.30 11.08
N VAL B 116 -11.81 28.49 9.79
CA VAL B 116 -12.82 29.09 8.93
C VAL B 116 -13.59 27.96 8.29
N ALA B 117 -14.88 27.86 8.62
CA ALA B 117 -15.72 26.73 8.23
C ALA B 117 -16.80 27.24 7.29
N GLU B 118 -16.73 26.86 6.02
CA GLU B 118 -17.69 27.36 5.05
C GLU B 118 -18.44 26.21 4.40
N ALA B 119 -19.77 26.31 4.38
CA ALA B 119 -20.63 25.25 3.87
C ALA B 119 -20.96 25.52 2.41
N ILE B 120 -20.90 24.48 1.60
CA ILE B 120 -21.11 24.59 0.16
C ILE B 120 -22.20 23.62 -0.25
N ALA B 121 -23.10 24.09 -1.11
CA ALA B 121 -24.07 23.23 -1.79
C ALA B 121 -23.44 22.68 -3.05
N GLY B 122 -23.05 21.41 -3.01
CA GLY B 122 -22.16 20.86 -4.03
C GLY B 122 -22.69 20.86 -5.44
N ASP B 123 -24.01 20.95 -5.62
CA ASP B 123 -24.57 20.87 -6.96
C ASP B 123 -24.37 22.16 -7.75
N THR B 124 -24.60 23.31 -7.11
CA THR B 124 -24.49 24.61 -7.75
C THR B 124 -23.39 25.48 -7.14
N GLU B 125 -22.65 24.96 -6.16
CA GLU B 125 -21.37 25.53 -5.74
C GLU B 125 -21.50 26.91 -5.13
N GLU B 126 -22.64 27.23 -4.52
CA GLU B 126 -22.77 28.48 -3.79
C GLU B 126 -22.61 28.22 -2.31
N LYS B 127 -22.13 29.23 -1.59
CA LYS B 127 -21.81 29.10 -0.19
C LYS B 127 -23.05 29.37 0.65
N LEU B 128 -23.43 28.40 1.48
CA LEU B 128 -24.61 28.56 2.32
C LEU B 128 -24.34 29.46 3.50
N PHE B 129 -23.19 29.28 4.15
CA PHE B 129 -22.79 30.15 5.25
C PHE B 129 -21.31 29.95 5.51
N CYS B 130 -20.75 30.86 6.31
CA CYS B 130 -19.35 30.89 6.66
C CYS B 130 -19.25 31.25 8.13
N LEU B 131 -18.46 30.48 8.88
CA LEU B 131 -18.30 30.71 10.32
C LEU B 131 -16.83 30.82 10.66
N ASN B 132 -16.56 31.60 11.71
CA ASN B 132 -15.22 31.96 12.14
C ASN B 132 -15.08 31.46 13.57
N PHE B 133 -14.36 30.36 13.75
CA PHE B 133 -14.25 29.65 15.01
C PHE B 133 -12.99 30.06 15.76
N THR B 134 -12.94 29.71 17.04
CA THR B 134 -11.77 29.99 17.87
C THR B 134 -11.79 29.04 19.05
N ILE B 135 -10.83 28.13 19.08
CA ILE B 135 -10.58 27.26 20.22
C ILE B 135 -9.32 27.73 20.91
N ILE B 136 -9.38 27.86 22.23
CA ILE B 136 -8.19 28.08 23.05
C ILE B 136 -8.07 26.90 23.99
N HIS B 137 -6.98 26.15 23.84
CA HIS B 137 -6.71 24.98 24.66
C HIS B 137 -5.65 25.34 25.70
N ARG B 138 -5.95 25.03 26.95
CA ARG B 138 -5.11 25.47 28.06
C ARG B 138 -4.58 24.30 28.87
N ASN C 1 56.33 -16.96 -10.00
CA ASN C 1 55.04 -17.32 -9.45
C ASN C 1 54.12 -17.90 -10.49
N PRO C 2 54.02 -19.23 -10.55
CA PRO C 2 53.00 -19.86 -11.40
C PRO C 2 51.58 -19.67 -10.90
N CYS C 3 51.40 -18.87 -9.85
CA CYS C 3 50.11 -18.75 -9.20
C CYS C 3 49.80 -17.28 -8.95
N ILE C 4 48.49 -17.03 -8.83
CA ILE C 4 48.04 -15.63 -8.70
C ILE C 4 48.44 -15.06 -7.34
N GLU C 5 48.56 -13.73 -7.29
CA GLU C 5 48.81 -13.05 -6.03
C GLU C 5 47.71 -12.03 -5.81
N VAL C 6 47.06 -12.10 -4.64
CA VAL C 6 45.96 -11.20 -4.37
C VAL C 6 46.47 -9.86 -3.86
N VAL C 7 47.15 -9.88 -2.72
CA VAL C 7 47.64 -8.66 -2.08
C VAL C 7 49.15 -8.63 -2.25
N PRO C 8 49.76 -7.46 -2.49
CA PRO C 8 51.22 -7.41 -2.54
C PRO C 8 51.85 -8.00 -1.28
N ASN C 9 52.67 -9.03 -1.47
CA ASN C 9 53.51 -9.64 -0.44
C ASN C 9 52.74 -10.53 0.52
N ILE C 10 51.41 -10.60 0.42
CA ILE C 10 50.59 -11.43 1.30
C ILE C 10 49.48 -12.06 0.47
N THR C 11 48.84 -13.09 1.02
CA THR C 11 47.60 -13.64 0.47
C THR C 11 47.80 -14.13 -0.96
N TYR C 12 48.59 -15.18 -1.08
CA TYR C 12 48.96 -15.72 -2.39
C TYR C 12 48.01 -16.85 -2.78
N GLN C 13 46.90 -16.46 -3.40
CA GLN C 13 45.93 -17.42 -3.92
C GLN C 13 46.54 -18.23 -5.06
N CYS C 14 46.83 -19.50 -4.82
CA CYS C 14 47.47 -20.36 -5.82
C CYS C 14 46.59 -21.56 -6.12
N MET C 15 45.32 -21.30 -6.36
CA MET C 15 44.32 -22.35 -6.56
C MET C 15 44.24 -22.75 -8.03
N ASP C 16 44.21 -24.05 -8.26
CA ASP C 16 43.96 -24.64 -9.58
C ASP C 16 45.04 -24.27 -10.59
N GLN C 17 46.27 -24.67 -10.29
CA GLN C 17 47.34 -24.77 -11.26
C GLN C 17 47.94 -26.16 -11.14
N LYS C 18 48.43 -26.69 -12.26
CA LYS C 18 48.96 -28.05 -12.24
C LYS C 18 50.26 -28.04 -11.45
N LEU C 19 50.16 -28.30 -10.15
CA LEU C 19 51.31 -28.32 -9.25
C LEU C 19 51.49 -29.71 -8.69
N SER C 20 52.73 -30.02 -8.30
CA SER C 20 53.00 -31.27 -7.62
C SER C 20 53.78 -31.07 -6.34
N LYS C 21 54.03 -29.83 -5.93
CA LYS C 21 54.70 -29.52 -4.69
C LYS C 21 54.48 -28.05 -4.39
N VAL C 22 54.76 -27.65 -3.16
CA VAL C 22 54.66 -26.23 -2.82
C VAL C 22 55.65 -25.45 -3.67
N PRO C 23 55.24 -24.35 -4.29
CA PRO C 23 56.21 -23.51 -5.01
C PRO C 23 57.23 -22.92 -4.05
N ASP C 24 58.50 -22.94 -4.48
CA ASP C 24 59.58 -22.46 -3.63
C ASP C 24 59.74 -20.94 -3.72
N ASP C 25 59.26 -20.35 -4.79
CA ASP C 25 59.39 -18.91 -5.02
C ASP C 25 58.37 -18.11 -4.26
N ILE C 26 57.54 -18.73 -3.45
CA ILE C 26 56.56 -18.01 -2.64
C ILE C 26 57.32 -17.25 -1.57
N PRO C 27 57.14 -15.93 -1.47
CA PRO C 27 57.88 -15.16 -0.46
C PRO C 27 57.50 -15.59 0.94
N SER C 28 58.44 -15.47 1.87
CA SER C 28 58.12 -15.67 3.26
C SER C 28 57.31 -14.50 3.78
N SER C 29 57.00 -14.54 5.08
CA SER C 29 56.21 -13.53 5.77
C SER C 29 54.78 -13.44 5.24
N THR C 30 54.30 -14.45 4.51
CA THR C 30 52.91 -14.47 4.10
C THR C 30 52.03 -14.91 5.24
N LYS C 31 50.75 -14.53 5.16
CA LYS C 31 49.79 -14.89 6.18
C LYS C 31 48.72 -15.86 5.69
N ASN C 32 48.47 -15.93 4.38
CA ASN C 32 47.41 -16.76 3.84
C ASN C 32 47.88 -17.40 2.54
N ILE C 33 47.86 -18.72 2.48
CA ILE C 33 48.07 -19.44 1.25
C ILE C 33 46.75 -20.14 0.89
N ASP C 34 46.66 -20.62 -0.33
CA ASP C 34 45.53 -21.44 -0.73
C ASP C 34 45.99 -22.37 -1.81
N LEU C 35 46.27 -23.62 -1.46
CA LEU C 35 46.66 -24.63 -2.45
C LEU C 35 45.48 -25.58 -2.57
N SER C 36 44.52 -25.21 -3.40
CA SER C 36 43.31 -25.98 -3.58
C SER C 36 43.25 -26.52 -5.01
N PHE C 37 42.80 -27.76 -5.14
CA PHE C 37 42.62 -28.45 -6.40
C PHE C 37 43.93 -28.67 -7.14
N ASN C 38 45.06 -28.35 -6.53
CA ASN C 38 46.35 -28.69 -7.13
C ASN C 38 46.62 -30.18 -6.96
N PRO C 39 47.10 -30.85 -7.97
CA PRO C 39 47.26 -32.31 -7.94
C PRO C 39 48.48 -32.80 -7.16
N LEU C 40 48.67 -32.25 -5.95
CA LEU C 40 49.60 -32.84 -5.01
C LEU C 40 49.18 -34.28 -4.72
N LYS C 41 50.14 -35.12 -4.39
CA LYS C 41 49.80 -36.49 -4.05
C LYS C 41 50.48 -37.00 -2.81
N ILE C 42 51.38 -36.22 -2.20
CA ILE C 42 52.03 -36.60 -0.96
C ILE C 42 52.65 -35.36 -0.33
N LEU C 43 52.50 -35.21 0.98
CA LEU C 43 53.21 -34.17 1.69
C LEU C 43 54.59 -34.68 2.07
N LYS C 44 55.57 -33.79 2.07
CA LYS C 44 56.95 -34.15 2.31
C LYS C 44 57.54 -33.31 3.43
N SER C 45 58.52 -33.88 4.12
CA SER C 45 59.03 -33.28 5.35
C SER C 45 59.61 -31.90 5.10
N TYR C 46 59.46 -31.03 6.08
CA TYR C 46 60.04 -29.69 6.11
C TYR C 46 59.55 -28.80 4.97
N SER C 47 58.51 -29.22 4.25
CA SER C 47 58.11 -28.48 3.06
C SER C 47 57.65 -27.07 3.37
N PHE C 48 57.15 -26.84 4.57
CA PHE C 48 56.67 -25.52 4.97
C PHE C 48 57.59 -24.83 5.97
N SER C 49 58.85 -25.25 6.03
CA SER C 49 59.75 -24.74 7.06
C SER C 49 59.97 -23.24 6.92
N ASN C 50 60.08 -22.76 5.68
CA ASN C 50 60.35 -21.35 5.45
C ASN C 50 59.20 -20.44 5.84
N PHE C 51 57.96 -20.91 5.77
CA PHE C 51 56.78 -20.07 5.98
C PHE C 51 56.47 -19.93 7.48
N SER C 52 57.42 -19.42 8.23
CA SER C 52 57.18 -19.23 9.66
C SER C 52 56.44 -17.94 9.96
N GLU C 53 55.37 -17.67 9.21
CA GLU C 53 54.41 -16.64 9.56
C GLU C 53 53.00 -17.03 9.17
N LEU C 54 52.80 -18.23 8.66
CA LEU C 54 51.53 -18.60 8.06
C LEU C 54 50.49 -18.91 9.12
N GLN C 55 49.32 -18.28 9.00
CA GLN C 55 48.25 -18.52 9.95
C GLN C 55 46.94 -18.90 9.28
N TRP C 56 46.98 -19.29 8.01
CA TRP C 56 45.78 -19.79 7.34
C TRP C 56 46.23 -20.63 6.15
N LEU C 57 46.12 -21.94 6.27
CA LEU C 57 46.54 -22.84 5.21
C LEU C 57 45.36 -23.70 4.78
N ASP C 58 45.11 -23.76 3.49
CA ASP C 58 44.03 -24.56 2.93
C ASP C 58 44.63 -25.57 1.98
N LEU C 59 44.28 -26.85 2.15
CA LEU C 59 44.64 -27.90 1.21
C LEU C 59 43.39 -28.72 0.92
N SER C 60 42.59 -28.26 -0.03
CA SER C 60 41.31 -28.89 -0.37
C SER C 60 41.42 -29.56 -1.72
N ARG C 61 40.84 -30.74 -1.84
CA ARG C 61 40.79 -31.46 -3.15
C ARG C 61 42.17 -31.95 -3.62
N CYS C 62 43.28 -31.50 -3.01
CA CYS C 62 44.53 -32.14 -3.36
C CYS C 62 44.39 -33.65 -3.21
N GLU C 63 45.18 -34.40 -3.96
CA GLU C 63 45.05 -35.84 -3.91
C GLU C 63 45.90 -36.46 -2.82
N ILE C 64 46.15 -35.73 -1.74
CA ILE C 64 47.04 -36.16 -0.66
C ILE C 64 46.60 -37.53 -0.16
N GLU C 65 47.48 -38.51 -0.29
CA GLU C 65 47.20 -39.87 0.11
C GLU C 65 47.96 -40.29 1.35
N THR C 66 49.15 -39.74 1.56
CA THR C 66 49.96 -40.04 2.74
C THR C 66 50.57 -38.74 3.25
N ILE C 67 51.23 -38.84 4.40
CA ILE C 67 51.85 -37.69 5.04
C ILE C 67 53.17 -38.13 5.65
N GLU C 68 54.25 -37.40 5.35
CA GLU C 68 55.53 -37.70 5.96
C GLU C 68 55.55 -37.25 7.41
N ASP C 69 56.58 -37.67 8.14
CA ASP C 69 56.65 -37.46 9.57
C ASP C 69 56.68 -35.99 9.95
N LYS C 70 57.74 -35.29 9.57
CA LYS C 70 57.86 -33.87 9.92
C LYS C 70 57.24 -32.98 8.86
N ALA C 71 56.00 -33.28 8.49
CA ALA C 71 55.36 -32.55 7.40
C ALA C 71 55.11 -31.10 7.77
N TRP C 72 54.39 -30.86 8.87
CA TRP C 72 54.11 -29.51 9.33
C TRP C 72 55.15 -29.05 10.34
N HIS C 73 56.42 -29.14 9.97
CA HIS C 73 57.49 -28.98 10.94
C HIS C 73 57.61 -27.53 11.40
N GLY C 74 57.89 -26.63 10.47
CA GLY C 74 58.19 -25.26 10.87
C GLY C 74 57.00 -24.37 11.15
N LEU C 75 55.80 -24.91 11.23
CA LEU C 75 54.59 -24.11 11.39
C LEU C 75 54.40 -23.81 12.88
N HIS C 76 54.39 -22.52 13.23
CA HIS C 76 54.28 -22.11 14.61
C HIS C 76 53.09 -21.23 14.90
N HIS C 77 52.50 -20.60 13.89
CA HIS C 77 51.38 -19.70 14.08
C HIS C 77 50.17 -20.09 13.24
N LEU C 78 50.17 -21.30 12.68
CA LEU C 78 49.04 -21.76 11.88
C LEU C 78 47.81 -21.94 12.76
N SER C 79 46.81 -21.09 12.56
CA SER C 79 45.58 -21.19 13.33
C SER C 79 44.57 -22.12 12.68
N ASN C 80 44.43 -22.07 11.37
CA ASN C 80 43.41 -22.83 10.66
C ASN C 80 44.04 -23.75 9.64
N LEU C 81 43.71 -25.03 9.73
CA LEU C 81 44.17 -26.03 8.77
C LEU C 81 42.95 -26.75 8.21
N ILE C 82 42.76 -26.67 6.91
CA ILE C 82 41.64 -27.30 6.23
C ILE C 82 42.16 -28.44 5.39
N LEU C 83 41.51 -29.61 5.49
CA LEU C 83 41.95 -30.78 4.76
C LEU C 83 40.79 -31.48 4.07
N THR C 84 39.79 -30.74 3.62
CA THR C 84 38.62 -31.33 3.02
C THR C 84 38.97 -32.04 1.71
N GLY C 85 38.43 -33.23 1.52
CA GLY C 85 38.50 -33.93 0.27
C GLY C 85 39.66 -34.89 0.12
N ASN C 86 40.75 -34.68 0.85
CA ASN C 86 41.93 -35.51 0.69
C ASN C 86 41.67 -36.91 1.24
N PRO C 87 41.86 -37.96 0.45
CA PRO C 87 41.58 -39.33 0.92
C PRO C 87 42.69 -39.90 1.81
N ILE C 88 43.01 -39.19 2.89
CA ILE C 88 43.97 -39.68 3.88
C ILE C 88 43.26 -40.67 4.78
N GLN C 89 43.33 -41.96 4.44
CA GLN C 89 42.51 -42.92 5.18
C GLN C 89 43.05 -43.18 6.57
N SER C 90 44.36 -43.34 6.71
CA SER C 90 45.00 -43.72 7.96
C SER C 90 45.86 -42.57 8.46
N PHE C 91 45.50 -42.02 9.62
CA PHE C 91 46.31 -40.99 10.27
C PHE C 91 47.26 -41.69 11.24
N SER C 92 48.41 -42.10 10.73
CA SER C 92 49.39 -42.77 11.57
C SER C 92 49.90 -41.82 12.64
N PRO C 93 50.34 -42.34 13.79
CA PRO C 93 50.77 -41.47 14.89
C PRO C 93 51.88 -40.52 14.47
N GLY C 94 52.03 -39.46 15.26
CA GLY C 94 53.02 -38.45 15.00
C GLY C 94 52.56 -37.31 14.11
N SER C 95 51.47 -37.49 13.38
CA SER C 95 50.94 -36.39 12.57
C SER C 95 50.53 -35.23 13.46
N PHE C 96 50.42 -34.06 12.86
CA PHE C 96 50.05 -32.83 13.57
C PHE C 96 51.04 -32.51 14.68
N SER C 97 52.32 -32.84 14.47
CA SER C 97 53.32 -32.67 15.52
C SER C 97 53.67 -31.20 15.73
N GLY C 98 54.20 -30.55 14.70
CA GLY C 98 54.76 -29.23 14.90
C GLY C 98 53.76 -28.16 15.27
N LEU C 99 52.47 -28.41 15.00
CA LEU C 99 51.47 -27.38 15.23
C LEU C 99 51.25 -27.17 16.72
N THR C 100 51.43 -25.94 17.17
CA THR C 100 51.27 -25.60 18.59
C THR C 100 50.21 -24.56 18.85
N SER C 101 49.49 -24.09 17.82
CA SER C 101 48.44 -23.13 18.05
C SER C 101 47.23 -23.39 17.16
N LEU C 102 47.09 -24.61 16.66
CA LEU C 102 45.96 -24.95 15.80
C LEU C 102 44.65 -24.80 16.55
N GLU C 103 43.81 -23.89 16.08
CA GLU C 103 42.53 -23.64 16.72
C GLU C 103 41.34 -24.19 15.95
N ASN C 104 41.54 -24.67 14.72
CA ASN C 104 40.40 -25.10 13.91
C ASN C 104 40.91 -26.15 12.93
N LEU C 105 40.69 -27.41 13.25
CA LEU C 105 41.01 -28.50 12.34
C LEU C 105 39.73 -28.93 11.63
N VAL C 106 39.78 -28.93 10.29
CA VAL C 106 38.66 -29.37 9.46
C VAL C 106 39.13 -30.62 8.73
N ALA C 107 38.46 -31.74 8.97
CA ALA C 107 38.84 -33.00 8.37
C ALA C 107 37.64 -33.67 7.72
N VAL C 108 36.91 -32.89 6.92
CA VAL C 108 35.68 -33.39 6.30
C VAL C 108 36.01 -34.28 5.12
N GLU C 109 35.34 -35.42 5.05
CA GLU C 109 35.40 -36.33 3.91
C GLU C 109 36.83 -36.79 3.60
N THR C 110 37.54 -37.19 4.65
CA THR C 110 38.88 -37.74 4.51
C THR C 110 38.90 -39.24 4.77
N LYS C 111 37.79 -39.92 4.50
CA LYS C 111 37.67 -41.36 4.65
C LYS C 111 38.04 -41.85 6.04
N LEU C 112 37.87 -41.00 7.05
CA LEU C 112 38.16 -41.37 8.42
C LEU C 112 37.27 -42.55 8.83
N ALA C 113 37.66 -43.23 9.91
CA ALA C 113 36.92 -44.42 10.30
C ALA C 113 36.59 -44.50 11.78
N SER C 114 37.18 -43.70 12.64
CA SER C 114 36.86 -43.71 14.07
C SER C 114 37.59 -42.54 14.72
N LEU C 115 37.03 -42.08 15.84
CA LEU C 115 37.59 -40.94 16.54
C LEU C 115 38.82 -41.32 17.36
N GLU C 116 38.96 -42.59 17.74
CA GLU C 116 40.16 -43.04 18.43
C GLU C 116 41.43 -43.17 17.60
N SER C 117 41.31 -43.58 16.35
CA SER C 117 42.44 -43.61 15.41
C SER C 117 42.65 -42.22 14.83
N PHE C 118 42.92 -41.27 15.73
CA PHE C 118 43.04 -39.86 15.36
C PHE C 118 44.02 -39.19 16.30
N PRO C 119 45.30 -39.18 15.94
CA PRO C 119 46.32 -38.70 16.88
C PRO C 119 46.31 -37.20 17.08
N ILE C 120 45.31 -36.69 17.78
CA ILE C 120 45.23 -35.26 18.06
C ILE C 120 45.33 -34.98 19.55
N GLY C 121 45.80 -35.94 20.34
CA GLY C 121 45.79 -35.79 21.78
C GLY C 121 46.63 -34.64 22.28
N GLN C 122 47.57 -34.17 21.46
CA GLN C 122 48.52 -33.13 21.89
C GLN C 122 48.08 -31.73 21.52
N LEU C 123 47.08 -31.58 20.64
CA LEU C 123 46.65 -30.26 20.23
C LEU C 123 45.84 -29.59 21.33
N ILE C 124 46.52 -28.92 22.26
CA ILE C 124 45.88 -28.52 23.50
C ILE C 124 45.20 -27.17 23.34
N THR C 125 45.08 -26.70 22.09
CA THR C 125 44.37 -25.45 21.83
C THR C 125 43.24 -25.61 20.82
N LEU C 126 42.83 -26.83 20.51
CA LEU C 126 41.84 -27.07 19.45
C LEU C 126 40.47 -26.60 19.90
N LYS C 127 40.02 -25.46 19.36
CA LYS C 127 38.68 -24.97 19.65
C LYS C 127 37.58 -25.79 19.00
N LYS C 128 37.65 -25.93 17.68
CA LYS C 128 36.62 -26.62 16.93
C LYS C 128 37.23 -27.86 16.29
N LEU C 129 36.36 -28.82 16.02
CA LEU C 129 36.77 -30.05 15.33
C LEU C 129 35.60 -30.48 14.45
N ASN C 130 35.86 -30.68 13.17
CA ASN C 130 34.80 -30.99 12.22
C ASN C 130 35.19 -32.27 11.50
N VAL C 131 34.42 -33.33 11.70
CA VAL C 131 34.74 -34.61 11.08
C VAL C 131 33.52 -35.14 10.33
N ALA C 132 32.70 -34.24 9.81
CA ALA C 132 31.50 -34.66 9.09
C ALA C 132 31.86 -35.49 7.88
N HIS C 133 30.92 -36.34 7.47
CA HIS C 133 31.01 -37.07 6.20
C HIS C 133 32.16 -38.07 6.21
N ASN C 134 32.29 -38.84 7.30
CA ASN C 134 33.54 -39.56 7.55
C ASN C 134 33.37 -40.98 8.05
N PHE C 135 32.38 -41.73 7.58
CA PHE C 135 32.34 -43.17 7.79
C PHE C 135 32.29 -43.62 9.26
N ILE C 136 32.20 -42.68 10.20
CA ILE C 136 32.24 -43.03 11.61
C ILE C 136 31.01 -43.86 11.96
N HIS C 137 31.17 -44.79 12.91
CA HIS C 137 30.10 -45.71 13.28
C HIS C 137 29.67 -45.62 14.74
N SER C 138 30.34 -44.82 15.57
CA SER C 138 30.01 -44.80 16.98
C SER C 138 30.25 -43.41 17.56
N CYS C 139 29.36 -42.99 18.44
CA CYS C 139 29.45 -41.70 19.10
C CYS C 139 30.47 -41.68 20.22
N LYS C 140 31.15 -42.79 20.48
CA LYS C 140 32.06 -42.91 21.61
C LYS C 140 33.11 -41.81 21.60
N LEU C 141 33.09 -40.97 22.62
CA LEU C 141 34.13 -39.96 22.77
C LEU C 141 35.34 -40.58 23.44
N PRO C 142 36.51 -40.55 22.81
CA PRO C 142 37.70 -41.12 23.42
C PRO C 142 38.16 -40.32 24.62
N ALA C 143 39.00 -40.96 25.44
CA ALA C 143 39.35 -40.39 26.73
C ALA C 143 40.29 -39.20 26.58
N TYR C 144 41.11 -39.18 25.53
CA TYR C 144 42.10 -38.13 25.41
C TYR C 144 41.48 -36.74 25.34
N PHE C 145 40.15 -36.65 25.22
CA PHE C 145 39.50 -35.35 25.29
C PHE C 145 39.78 -34.64 26.60
N SER C 146 40.17 -35.38 27.64
CA SER C 146 40.51 -34.75 28.90
C SER C 146 41.67 -33.77 28.75
N ASN C 147 42.56 -33.99 27.79
CA ASN C 147 43.65 -33.09 27.54
C ASN C 147 43.21 -31.81 26.85
N LEU C 148 42.29 -31.91 25.88
CA LEU C 148 41.87 -30.78 25.07
C LEU C 148 40.93 -29.92 25.92
N THR C 149 41.51 -28.97 26.66
CA THR C 149 40.72 -28.18 27.57
C THR C 149 39.77 -27.26 26.83
N ASN C 150 40.26 -26.57 25.81
CA ASN C 150 39.48 -25.55 25.13
C ASN C 150 38.82 -26.10 23.87
N LEU C 151 37.97 -27.11 24.08
CA LEU C 151 37.21 -27.73 23.00
C LEU C 151 35.73 -27.43 23.25
N VAL C 152 35.11 -26.71 22.32
CA VAL C 152 33.75 -26.21 22.54
C VAL C 152 32.78 -26.66 21.45
N HIS C 153 33.26 -27.39 20.45
CA HIS C 153 32.33 -27.81 19.41
C HIS C 153 32.87 -29.05 18.72
N VAL C 154 31.99 -29.99 18.42
CA VAL C 154 32.31 -31.19 17.66
C VAL C 154 31.18 -31.44 16.68
N ASP C 155 31.51 -31.74 15.44
CA ASP C 155 30.52 -31.91 14.38
C ASP C 155 30.67 -33.32 13.81
N LEU C 156 29.64 -34.15 13.99
CA LEU C 156 29.65 -35.52 13.52
C LEU C 156 28.59 -35.78 12.48
N SER C 157 28.09 -34.73 11.83
CA SER C 157 26.94 -34.87 10.95
C SER C 157 27.28 -35.74 9.75
N TYR C 158 26.24 -36.38 9.21
CA TYR C 158 26.33 -37.12 7.95
C TYR C 158 27.33 -38.26 8.01
N ASN C 159 27.28 -39.01 9.11
CA ASN C 159 28.11 -40.18 9.35
C ASN C 159 27.21 -41.40 9.44
N TYR C 160 27.78 -42.53 9.84
CA TYR C 160 27.02 -43.76 9.99
C TYR C 160 26.73 -44.09 11.45
N ILE C 161 26.57 -43.10 12.30
CA ILE C 161 26.21 -43.37 13.69
C ILE C 161 24.83 -43.99 13.72
N GLN C 162 24.71 -45.09 14.45
CA GLN C 162 23.51 -45.90 14.44
C GLN C 162 22.83 -46.00 15.78
N THR C 163 23.60 -46.22 16.85
CA THR C 163 23.05 -46.39 18.18
C THR C 163 23.88 -45.61 19.17
N ILE C 164 23.28 -45.30 20.32
CA ILE C 164 23.96 -44.61 21.40
C ILE C 164 23.88 -45.49 22.64
N THR C 165 24.95 -45.50 23.43
CA THR C 165 25.04 -46.36 24.59
C THR C 165 25.39 -45.54 25.83
N VAL C 166 25.46 -46.22 26.97
CA VAL C 166 25.74 -45.53 28.22
C VAL C 166 27.23 -45.35 28.45
N ASN C 167 28.07 -46.21 27.89
CA ASN C 167 29.50 -46.01 28.05
C ASN C 167 29.98 -44.84 27.22
N ASP C 168 29.35 -44.57 26.08
CA ASP C 168 29.52 -43.26 25.46
C ASP C 168 29.02 -42.19 26.43
N LEU C 169 29.41 -40.94 26.14
CA LEU C 169 29.02 -39.78 27.01
C LEU C 169 29.54 -40.01 28.43
N GLN C 170 30.47 -40.96 28.62
CA GLN C 170 31.06 -41.15 29.94
C GLN C 170 32.01 -40.02 30.29
N PHE C 171 32.82 -39.60 29.34
CA PHE C 171 33.68 -38.44 29.55
C PHE C 171 32.86 -37.23 29.96
N LEU C 172 31.62 -37.13 29.48
CA LEU C 172 30.75 -36.05 29.91
C LEU C 172 30.20 -36.28 31.30
N ARG C 173 30.13 -37.53 31.75
CA ARG C 173 29.63 -37.80 33.12
C ARG C 173 30.70 -37.55 34.17
N GLU C 174 31.98 -37.73 33.82
CA GLU C 174 33.04 -37.64 34.80
C GLU C 174 33.39 -36.16 34.90
N ASN C 175 33.20 -35.42 33.81
CA ASN C 175 33.58 -34.01 33.75
C ASN C 175 32.33 -33.16 33.58
N PRO C 176 31.75 -32.67 34.68
CA PRO C 176 30.63 -31.74 34.59
C PRO C 176 31.03 -30.31 34.24
N GLN C 177 32.29 -30.08 33.86
CA GLN C 177 32.77 -28.73 33.59
C GLN C 177 33.05 -28.44 32.12
N VAL C 178 33.00 -29.45 31.26
CA VAL C 178 33.22 -29.21 29.84
C VAL C 178 32.01 -28.50 29.26
N ASN C 179 32.27 -27.50 28.42
CA ASN C 179 31.22 -26.79 27.68
C ASN C 179 31.27 -27.30 26.24
N LEU C 180 30.65 -28.44 26.02
CA LEU C 180 30.69 -29.10 24.73
C LEU C 180 29.38 -28.90 23.98
N SER C 181 29.47 -28.82 22.66
CA SER C 181 28.30 -28.60 21.80
C SER C 181 28.33 -29.67 20.73
N LEU C 182 27.39 -30.59 20.78
CA LEU C 182 27.42 -31.70 19.85
C LEU C 182 26.59 -31.39 18.60
N ASP C 183 26.66 -32.29 17.63
CA ASP C 183 25.90 -32.16 16.40
C ASP C 183 25.88 -33.51 15.72
N MET C 184 24.69 -34.06 15.46
CA MET C 184 24.61 -35.39 14.87
C MET C 184 23.56 -35.45 13.77
N SER C 185 23.46 -34.41 12.96
CA SER C 185 22.42 -34.38 11.95
C SER C 185 22.66 -35.46 10.91
N LEU C 186 21.57 -35.90 10.28
CA LEU C 186 21.60 -36.80 9.12
C LEU C 186 22.23 -38.15 9.44
N ASN C 187 22.23 -38.55 10.71
CA ASN C 187 22.70 -39.84 11.12
C ASN C 187 21.53 -40.77 11.34
N PRO C 188 21.50 -41.95 10.73
CA PRO C 188 20.31 -42.81 10.84
C PRO C 188 20.24 -43.41 12.22
N ILE C 189 19.77 -42.64 13.21
CA ILE C 189 19.67 -43.15 14.56
C ILE C 189 18.36 -43.91 14.67
N ASP C 190 18.41 -45.08 15.31
CA ASP C 190 17.22 -45.88 15.56
C ASP C 190 17.09 -46.42 16.97
N PHE C 191 18.17 -46.50 17.73
CA PHE C 191 18.12 -47.12 19.06
C PHE C 191 18.97 -46.29 20.03
N ILE C 192 18.32 -45.72 21.04
CA ILE C 192 19.02 -45.09 22.15
C ILE C 192 18.82 -45.97 23.36
N GLN C 193 19.90 -46.57 23.84
CA GLN C 193 19.84 -47.40 25.04
C GLN C 193 19.29 -46.61 26.20
N ASP C 194 18.55 -47.27 27.07
CA ASP C 194 17.92 -46.62 28.21
C ASP C 194 18.97 -46.03 29.13
N GLN C 195 18.60 -44.96 29.85
CA GLN C 195 19.47 -44.28 30.80
C GLN C 195 20.75 -43.76 30.16
N ALA C 196 20.75 -43.59 28.83
CA ALA C 196 21.95 -43.12 28.14
C ALA C 196 22.32 -41.71 28.60
N PHE C 197 21.42 -40.76 28.40
CA PHE C 197 21.62 -39.41 28.90
C PHE C 197 21.21 -39.40 30.37
N GLN C 198 22.17 -39.10 31.25
CA GLN C 198 21.88 -39.12 32.68
C GLN C 198 22.98 -38.32 33.37
N GLY C 199 22.61 -37.22 34.01
CA GLY C 199 23.60 -36.29 34.53
C GLY C 199 24.40 -35.59 33.47
N ILE C 200 23.92 -35.56 32.24
CA ILE C 200 24.62 -34.94 31.12
C ILE C 200 24.25 -33.46 31.02
N LYS C 201 25.16 -32.66 30.48
CA LYS C 201 24.91 -31.24 30.29
C LYS C 201 25.58 -30.81 28.99
N LEU C 202 24.80 -30.75 27.91
CA LEU C 202 25.26 -30.23 26.63
C LEU C 202 24.90 -28.76 26.52
N HIS C 203 25.58 -28.07 25.60
CA HIS C 203 25.21 -26.70 25.31
C HIS C 203 24.42 -26.55 24.01
N GLU C 204 24.43 -27.56 23.17
CA GLU C 204 23.61 -27.55 21.97
C GLU C 204 23.53 -28.97 21.46
N LEU C 205 22.44 -29.29 20.78
CA LEU C 205 22.26 -30.63 20.26
C LEU C 205 21.32 -30.55 19.06
N THR C 206 21.87 -30.71 17.87
CA THR C 206 21.08 -30.70 16.66
C THR C 206 20.68 -32.12 16.31
N LEU C 207 19.43 -32.31 15.87
CA LEU C 207 18.95 -33.62 15.47
C LEU C 207 18.12 -33.54 14.21
N ARG C 208 18.47 -32.62 13.30
CA ARG C 208 17.68 -32.46 12.10
C ARG C 208 17.92 -33.60 11.13
N GLY C 209 16.85 -34.16 10.60
CA GLY C 209 16.95 -35.13 9.53
C GLY C 209 17.33 -36.52 9.94
N ASN C 210 17.14 -36.89 11.22
CA ASN C 210 17.54 -38.20 11.67
C ASN C 210 16.48 -39.25 11.40
N PHE C 211 15.31 -39.10 12.03
CA PHE C 211 14.33 -40.23 12.02
C PHE C 211 13.21 -40.18 10.99
N ASN C 212 12.64 -41.34 10.62
CA ASN C 212 11.61 -41.32 9.55
C ASN C 212 10.37 -42.13 9.95
N SER C 213 10.33 -42.59 11.19
CA SER C 213 9.13 -43.30 11.68
C SER C 213 8.63 -42.57 12.92
N SER C 214 7.39 -42.06 12.89
CA SER C 214 6.82 -41.37 14.07
C SER C 214 7.02 -42.28 15.29
N ASN C 215 6.89 -43.59 15.11
CA ASN C 215 7.12 -44.57 16.21
C ASN C 215 8.57 -44.52 16.70
N ILE C 216 9.55 -44.63 15.80
CA ILE C 216 10.95 -44.66 16.22
C ILE C 216 11.35 -43.33 16.82
N MET C 217 10.92 -42.22 16.20
CA MET C 217 11.20 -40.92 16.78
C MET C 217 10.60 -40.79 18.17
N LYS C 218 9.36 -41.26 18.35
CA LYS C 218 8.73 -41.18 19.66
C LYS C 218 9.54 -41.94 20.70
N THR C 219 9.92 -43.19 20.38
CA THR C 219 10.66 -43.99 21.35
C THR C 219 12.01 -43.37 21.68
N CYS C 220 12.78 -42.98 20.64
CA CYS C 220 14.10 -42.43 20.86
C CYS C 220 14.03 -41.14 21.67
N LEU C 221 13.17 -40.21 21.24
CA LEU C 221 12.98 -38.99 22.00
C LEU C 221 12.58 -39.28 23.43
N GLN C 222 11.80 -40.34 23.65
CA GLN C 222 11.43 -40.71 25.01
C GLN C 222 12.65 -41.13 25.81
N ASN C 223 13.59 -41.81 25.16
CA ASN C 223 14.80 -42.19 25.91
C ASN C 223 15.73 -41.02 26.19
N LEU C 224 15.39 -39.77 25.88
CA LEU C 224 16.25 -38.64 26.19
C LEU C 224 16.12 -38.17 27.64
N ALA C 225 15.43 -38.94 28.47
CA ALA C 225 15.17 -38.51 29.84
C ALA C 225 16.47 -38.28 30.59
N GLY C 226 16.53 -37.18 31.34
CA GLY C 226 17.69 -36.83 32.13
C GLY C 226 18.58 -35.80 31.48
N LEU C 227 18.45 -35.59 30.18
CA LEU C 227 19.25 -34.61 29.47
C LEU C 227 18.98 -33.21 30.00
N HIS C 228 20.00 -32.35 29.90
CA HIS C 228 19.86 -30.94 30.28
C HIS C 228 20.58 -30.13 29.21
N VAL C 229 19.83 -29.67 28.22
CA VAL C 229 20.39 -29.03 27.04
C VAL C 229 20.00 -27.56 27.03
N HIS C 230 20.92 -26.70 26.62
CA HIS C 230 20.68 -25.27 26.55
C HIS C 230 20.04 -24.82 25.24
N ARG C 231 20.12 -25.62 24.19
CA ARG C 231 19.47 -25.27 22.93
C ARG C 231 19.24 -26.57 22.16
N LEU C 232 17.99 -26.96 22.03
CA LEU C 232 17.61 -28.16 21.30
C LEU C 232 16.99 -27.74 19.97
N ILE C 233 17.58 -28.21 18.88
CA ILE C 233 17.17 -27.82 17.54
C ILE C 233 16.65 -29.06 16.84
N LEU C 234 15.40 -29.03 16.43
CA LEU C 234 14.75 -30.16 15.77
C LEU C 234 14.24 -29.74 14.41
N GLY C 235 13.79 -30.71 13.64
CA GLY C 235 13.19 -30.42 12.35
C GLY C 235 13.63 -31.43 11.33
N GLU C 236 13.43 -31.06 10.06
CA GLU C 236 13.78 -31.92 8.93
C GLU C 236 14.46 -31.07 7.88
N PHE C 237 14.64 -31.66 6.71
CA PHE C 237 15.16 -30.95 5.54
C PHE C 237 14.20 -31.16 4.38
N LYS C 238 14.28 -30.27 3.40
CA LYS C 238 13.34 -30.33 2.29
C LYS C 238 13.71 -31.40 1.29
N ASP C 239 15.02 -31.61 1.06
CA ASP C 239 15.48 -32.55 0.04
C ASP C 239 15.79 -33.93 0.60
N GLU C 240 15.11 -34.34 1.66
CA GLU C 240 15.41 -35.59 2.34
C GLU C 240 14.12 -36.33 2.65
N ARG C 241 14.27 -37.62 2.95
CA ARG C 241 13.14 -38.38 3.49
C ARG C 241 12.78 -37.85 4.87
N ASN C 242 11.50 -37.95 5.21
CA ASN C 242 11.01 -37.26 6.39
C ASN C 242 9.66 -37.81 6.80
N LEU C 243 9.27 -37.46 8.03
CA LEU C 243 8.02 -37.93 8.60
C LEU C 243 6.84 -37.45 7.77
N GLU C 244 5.89 -38.35 7.51
CA GLU C 244 4.68 -37.98 6.79
C GLU C 244 3.50 -37.71 7.72
N ILE C 245 3.62 -38.04 9.00
CA ILE C 245 2.61 -37.67 9.98
C ILE C 245 3.30 -37.18 11.24
N PHE C 246 2.91 -35.99 11.70
CA PHE C 246 3.52 -35.36 12.86
C PHE C 246 2.43 -34.97 13.84
N GLU C 247 2.52 -35.48 15.05
CA GLU C 247 1.49 -35.25 16.05
C GLU C 247 2.13 -34.94 17.40
N PRO C 248 1.42 -34.21 18.27
CA PRO C 248 1.99 -33.88 19.58
C PRO C 248 2.34 -35.09 20.43
N SER C 249 1.87 -36.28 20.06
CA SER C 249 2.28 -37.48 20.78
C SER C 249 3.77 -37.74 20.64
N ILE C 250 4.38 -37.28 19.53
CA ILE C 250 5.81 -37.41 19.36
C ILE C 250 6.55 -36.67 20.46
N MET C 251 6.09 -35.46 20.78
CA MET C 251 6.75 -34.65 21.79
C MET C 251 6.68 -35.25 23.19
N GLU C 252 5.97 -36.37 23.36
CA GLU C 252 6.10 -37.11 24.59
C GLU C 252 7.55 -37.55 24.78
N GLY C 253 7.95 -37.70 26.02
CA GLY C 253 9.34 -37.98 26.34
C GLY C 253 10.13 -36.71 26.56
N LEU C 254 9.86 -35.68 25.77
CA LEU C 254 10.44 -34.37 26.01
C LEU C 254 9.92 -33.74 27.28
N CYS C 255 8.96 -34.37 27.94
CA CYS C 255 8.30 -33.75 29.08
C CYS C 255 9.12 -33.83 30.36
N ASP C 256 10.22 -34.56 30.37
CA ASP C 256 11.13 -34.61 31.51
C ASP C 256 12.53 -34.12 31.17
N VAL C 257 12.74 -33.63 29.95
CA VAL C 257 13.99 -32.96 29.60
C VAL C 257 13.97 -31.54 30.17
N THR C 258 15.13 -30.89 30.12
CA THR C 258 15.26 -29.58 30.74
C THR C 258 15.65 -28.53 29.69
N ILE C 259 14.94 -28.53 28.56
CA ILE C 259 15.22 -27.57 27.49
C ILE C 259 15.20 -26.14 28.01
N ASP C 260 16.08 -25.33 27.45
CA ASP C 260 16.14 -23.90 27.72
C ASP C 260 15.88 -23.05 26.50
N GLU C 261 16.12 -23.60 25.30
CA GLU C 261 15.80 -22.87 24.04
C GLU C 261 15.33 -23.88 22.99
N PHE C 262 14.00 -24.03 22.86
CA PHE C 262 13.48 -25.04 21.90
C PHE C 262 13.35 -24.42 20.51
N ARG C 263 14.21 -24.83 19.58
CA ARG C 263 14.12 -24.34 18.18
C ARG C 263 13.48 -25.45 17.33
N LEU C 264 12.54 -25.09 16.46
CA LEU C 264 11.89 -26.07 15.61
C LEU C 264 11.92 -25.57 14.19
N THR C 265 12.72 -26.21 13.36
CA THR C 265 12.91 -25.78 11.99
C THR C 265 11.87 -26.42 11.09
N TYR C 266 12.10 -26.37 9.78
CA TYR C 266 11.15 -26.83 8.79
C TYR C 266 10.59 -28.20 9.15
N THR C 267 9.30 -28.39 8.84
CA THR C 267 8.63 -29.66 9.05
C THR C 267 7.63 -29.88 7.92
N ASN C 268 7.64 -31.09 7.35
CA ASN C 268 6.83 -31.36 6.17
C ASN C 268 5.34 -31.23 6.47
N ASP C 269 4.83 -32.05 7.37
CA ASP C 269 3.46 -31.91 7.84
C ASP C 269 3.48 -31.27 9.23
N PHE C 270 2.57 -30.34 9.46
CA PHE C 270 2.58 -29.57 10.69
C PHE C 270 1.14 -29.29 11.10
N SER C 271 0.77 -29.69 12.31
CA SER C 271 -0.52 -29.37 12.87
C SER C 271 -0.35 -28.36 13.99
N ASP C 272 -1.22 -27.35 14.01
CA ASP C 272 -1.04 -26.21 14.91
C ASP C 272 -1.08 -26.60 16.38
N ASP C 273 -1.52 -27.81 16.71
CA ASP C 273 -1.60 -28.22 18.11
C ASP C 273 -0.25 -28.55 18.71
N ILE C 274 0.79 -28.73 17.87
CA ILE C 274 2.12 -29.07 18.37
C ILE C 274 2.57 -28.05 19.41
N VAL C 275 2.49 -26.77 19.08
CA VAL C 275 2.94 -25.74 19.99
C VAL C 275 2.04 -25.67 21.22
N LYS C 276 0.85 -26.27 21.15
CA LYS C 276 -0.03 -26.37 22.30
C LYS C 276 0.14 -27.71 23.00
N PHE C 277 1.36 -28.02 23.40
CA PHE C 277 1.62 -29.25 24.14
C PHE C 277 2.01 -28.88 25.57
N HIS C 278 1.48 -29.65 26.52
CA HIS C 278 1.52 -29.25 27.92
C HIS C 278 2.92 -29.28 28.51
N CYS C 279 3.90 -29.87 27.83
CA CYS C 279 5.25 -29.93 28.38
C CYS C 279 6.24 -29.12 27.53
N LEU C 280 5.79 -27.99 27.00
CA LEU C 280 6.66 -26.90 26.57
C LEU C 280 6.58 -25.72 27.51
N ALA C 281 5.83 -25.85 28.60
CA ALA C 281 5.46 -24.68 29.39
C ALA C 281 6.66 -24.03 30.08
N ASN C 282 7.73 -24.79 30.30
CA ASN C 282 8.90 -24.23 30.97
C ASN C 282 9.98 -23.79 30.00
N VAL C 283 9.80 -24.03 28.70
CA VAL C 283 10.73 -23.52 27.70
C VAL C 283 10.86 -22.02 27.84
N SER C 284 12.09 -21.52 27.82
CA SER C 284 12.31 -20.11 28.07
C SER C 284 12.31 -19.26 26.81
N ALA C 285 12.62 -19.84 25.65
CA ALA C 285 12.68 -19.05 24.42
C ALA C 285 12.22 -19.93 23.26
N MET C 286 10.94 -19.86 22.93
CA MET C 286 10.43 -20.59 21.79
C MET C 286 10.92 -19.95 20.50
N SER C 287 10.93 -20.73 19.43
CA SER C 287 11.39 -20.24 18.15
C SER C 287 10.93 -21.19 17.05
N LEU C 288 10.36 -20.64 15.99
CA LEU C 288 10.00 -21.41 14.80
C LEU C 288 10.66 -20.74 13.61
N ALA C 289 11.01 -21.54 12.60
CA ALA C 289 11.70 -21.02 11.42
C ALA C 289 11.40 -21.92 10.24
N GLY C 290 10.40 -21.54 9.45
CA GLY C 290 10.07 -22.27 8.24
C GLY C 290 8.93 -23.25 8.35
N VAL C 291 8.35 -23.42 9.54
CA VAL C 291 7.23 -24.33 9.69
C VAL C 291 6.01 -23.75 9.02
N SER C 292 5.23 -24.61 8.37
CA SER C 292 4.04 -24.19 7.64
C SER C 292 2.84 -24.07 8.58
N ILE C 293 2.98 -23.17 9.55
CA ILE C 293 1.89 -22.92 10.47
C ILE C 293 0.82 -22.07 9.79
N LYS C 294 -0.41 -22.19 10.29
CA LYS C 294 -1.53 -21.44 9.74
C LYS C 294 -2.19 -20.54 10.77
N TYR C 295 -2.47 -21.06 11.96
CA TYR C 295 -3.11 -20.29 13.01
C TYR C 295 -2.43 -20.60 14.33
N LEU C 296 -2.04 -19.55 15.03
CA LEU C 296 -1.54 -19.67 16.40
C LEU C 296 -2.66 -19.09 17.25
N GLU C 297 -3.63 -19.94 17.58
CA GLU C 297 -4.92 -19.43 18.07
C GLU C 297 -4.84 -19.00 19.52
N ASP C 298 -4.58 -19.93 20.43
CA ASP C 298 -4.59 -19.61 21.86
C ASP C 298 -3.68 -20.58 22.58
N VAL C 299 -2.71 -20.05 23.32
CA VAL C 299 -1.82 -20.88 24.10
C VAL C 299 -2.16 -20.65 25.57
N PRO C 300 -1.96 -21.64 26.44
CA PRO C 300 -2.28 -21.45 27.86
C PRO C 300 -1.52 -20.28 28.47
N LYS C 301 -1.99 -19.86 29.63
CA LYS C 301 -1.45 -18.69 30.30
C LYS C 301 -0.44 -19.02 31.38
N HIS C 302 -0.18 -20.30 31.65
CA HIS C 302 0.88 -20.69 32.56
C HIS C 302 2.19 -20.94 31.84
N PHE C 303 2.24 -20.78 30.52
CA PHE C 303 3.48 -20.90 29.79
C PHE C 303 4.47 -19.82 30.22
N LYS C 304 5.75 -20.17 30.25
CA LYS C 304 6.78 -19.26 30.73
C LYS C 304 7.69 -18.77 29.60
N TRP C 305 7.16 -18.70 28.38
CA TRP C 305 7.95 -18.18 27.27
C TRP C 305 8.35 -16.74 27.53
N GLN C 306 9.65 -16.47 27.47
CA GLN C 306 10.15 -15.11 27.58
C GLN C 306 10.55 -14.55 26.23
N SER C 307 10.30 -15.27 25.14
CA SER C 307 10.66 -14.84 23.81
C SER C 307 9.91 -15.70 22.82
N LEU C 308 9.80 -15.22 21.60
CA LEU C 308 9.08 -15.94 20.57
C LEU C 308 9.45 -15.35 19.22
N SER C 309 9.91 -16.19 18.31
CA SER C 309 10.30 -15.77 16.98
C SER C 309 9.58 -16.63 15.97
N ILE C 310 9.07 -16.00 14.92
CA ILE C 310 8.36 -16.68 13.85
C ILE C 310 8.90 -16.11 12.55
N ILE C 311 9.86 -16.80 11.95
CA ILE C 311 10.57 -16.29 10.79
C ILE C 311 10.31 -17.19 9.60
N ARG C 312 10.01 -16.59 8.45
CA ARG C 312 9.76 -17.28 7.20
C ARG C 312 8.56 -18.22 7.25
N CYS C 313 7.79 -18.21 8.33
CA CYS C 313 6.66 -19.12 8.46
C CYS C 313 5.42 -18.53 7.80
N GLN C 314 4.66 -19.40 7.14
CA GLN C 314 3.36 -19.00 6.60
C GLN C 314 2.44 -18.59 7.73
N LEU C 315 1.45 -17.77 7.42
CA LEU C 315 0.41 -17.42 8.36
C LEU C 315 -0.78 -16.87 7.57
N LYS C 316 -1.97 -17.14 8.08
CA LYS C 316 -3.19 -16.67 7.45
C LYS C 316 -3.89 -15.59 8.26
N GLN C 317 -3.33 -15.20 9.39
CA GLN C 317 -3.99 -14.28 10.29
C GLN C 317 -2.99 -13.88 11.36
N PHE C 318 -3.05 -12.64 11.80
CA PHE C 318 -2.20 -12.21 12.89
C PHE C 318 -2.52 -13.04 14.13
N PRO C 319 -1.52 -13.60 14.80
CA PRO C 319 -1.81 -14.48 15.94
C PRO C 319 -2.51 -13.76 17.07
N THR C 320 -3.11 -14.54 17.95
CA THR C 320 -3.79 -14.03 19.13
C THR C 320 -3.00 -14.46 20.35
N LEU C 321 -2.49 -13.49 21.10
CA LEU C 321 -1.54 -13.76 22.16
C LEU C 321 -1.94 -13.01 23.42
N ASP C 322 -1.80 -13.70 24.57
CA ASP C 322 -2.01 -13.05 25.85
C ASP C 322 -1.00 -13.50 26.90
N LEU C 323 0.16 -13.99 26.50
CA LEU C 323 1.19 -14.44 27.43
C LEU C 323 1.62 -13.31 28.35
N PRO C 324 1.56 -13.50 29.67
CA PRO C 324 1.93 -12.42 30.60
C PRO C 324 3.42 -12.32 30.87
N PHE C 325 4.23 -13.27 30.43
CA PHE C 325 5.66 -13.24 30.66
C PHE C 325 6.45 -12.99 29.39
N LEU C 326 5.82 -13.06 28.23
CA LEU C 326 6.54 -12.89 26.98
C LEU C 326 7.05 -11.48 26.82
N LYS C 327 8.30 -11.37 26.41
CA LYS C 327 8.88 -10.13 25.93
C LYS C 327 9.59 -10.45 24.61
N SER C 328 9.91 -9.42 23.86
CA SER C 328 10.69 -9.57 22.63
C SER C 328 9.99 -10.50 21.63
N LEU C 329 8.83 -10.07 21.16
CA LEU C 329 8.16 -10.78 20.09
C LEU C 329 8.77 -10.37 18.75
N THR C 330 8.80 -11.30 17.81
CA THR C 330 9.39 -11.07 16.50
C THR C 330 8.63 -11.88 15.46
N LEU C 331 8.11 -11.22 14.44
CA LEU C 331 7.38 -11.91 13.37
C LEU C 331 7.85 -11.29 12.06
N THR C 332 8.82 -11.93 11.42
CA THR C 332 9.52 -11.29 10.31
C THR C 332 9.34 -12.13 9.05
N MET C 333 9.38 -11.46 7.91
CA MET C 333 9.43 -12.10 6.59
C MET C 333 8.29 -13.09 6.36
N ASN C 334 7.14 -12.83 6.95
CA ASN C 334 6.01 -13.74 6.83
C ASN C 334 5.57 -13.95 5.38
N LYS C 335 5.23 -15.18 5.03
CA LYS C 335 4.93 -15.51 3.62
C LYS C 335 3.64 -14.93 3.08
N GLY C 336 2.75 -14.44 3.93
CA GLY C 336 1.48 -13.97 3.42
C GLY C 336 1.30 -12.48 3.62
N SER C 337 0.10 -11.99 3.34
CA SER C 337 -0.26 -10.61 3.58
C SER C 337 -1.33 -10.58 4.67
N ILE C 338 -0.96 -10.13 5.86
CA ILE C 338 -1.88 -10.12 6.99
C ILE C 338 -2.12 -8.70 7.43
N SER C 339 -3.15 -8.53 8.27
CA SER C 339 -3.50 -7.24 8.83
C SER C 339 -3.33 -7.31 10.34
N PHE C 340 -2.84 -6.22 10.92
CA PHE C 340 -2.60 -6.19 12.34
C PHE C 340 -3.91 -6.34 13.12
N LYS C 341 -3.80 -6.89 14.33
CA LYS C 341 -4.92 -7.03 15.24
C LYS C 341 -4.43 -6.78 16.65
N LYS C 342 -5.33 -6.29 17.50
CA LYS C 342 -4.95 -5.97 18.87
C LYS C 342 -4.42 -7.20 19.59
N VAL C 343 -3.45 -6.98 20.47
CA VAL C 343 -2.90 -8.01 21.33
C VAL C 343 -2.85 -7.45 22.75
N ALA C 344 -2.47 -8.31 23.70
CA ALA C 344 -2.38 -7.91 25.11
C ALA C 344 -1.14 -8.58 25.70
N LEU C 345 -0.02 -7.85 25.72
CA LEU C 345 1.26 -8.36 26.17
C LEU C 345 1.84 -7.41 27.20
N PRO C 346 1.53 -7.60 28.47
CA PRO C 346 1.93 -6.63 29.50
C PRO C 346 3.43 -6.52 29.71
N SER C 347 4.23 -7.45 29.19
CA SER C 347 5.67 -7.44 29.45
C SER C 347 6.48 -7.32 28.17
N LEU C 348 5.84 -7.00 27.05
CA LEU C 348 6.56 -6.83 25.80
C LEU C 348 7.52 -5.66 25.90
N SER C 349 8.71 -5.84 25.34
CA SER C 349 9.72 -4.78 25.35
C SER C 349 10.48 -4.69 24.03
N TYR C 350 10.08 -5.43 23.01
CA TYR C 350 10.78 -5.42 21.73
C TYR C 350 9.86 -6.05 20.71
N LEU C 351 9.53 -5.30 19.67
CA LEU C 351 8.66 -5.77 18.62
C LEU C 351 9.38 -5.60 17.30
N ASP C 352 9.10 -6.52 16.37
CA ASP C 352 9.78 -6.49 15.08
C ASP C 352 8.88 -7.20 14.09
N LEU C 353 8.18 -6.44 13.26
CA LEU C 353 7.23 -6.99 12.30
C LEU C 353 7.61 -6.63 10.89
N SER C 354 8.91 -6.57 10.62
CA SER C 354 9.42 -6.09 9.34
C SER C 354 9.15 -7.09 8.23
N ARG C 355 9.37 -6.63 7.00
CA ARG C 355 9.41 -7.46 5.80
C ARG C 355 8.14 -8.24 5.56
N ASN C 356 7.08 -7.96 6.33
CA ASN C 356 5.78 -8.64 6.04
C ASN C 356 4.95 -7.68 5.19
N ALA C 357 3.73 -8.07 4.84
CA ALA C 357 2.84 -7.11 4.17
C ALA C 357 1.87 -6.66 5.26
N LEU C 358 2.38 -6.47 6.48
CA LEU C 358 1.55 -6.09 7.64
C LEU C 358 0.96 -4.77 7.17
N SER C 359 -0.35 -4.80 6.88
CA SER C 359 -1.12 -3.56 6.55
C SER C 359 -1.72 -3.19 7.90
N PHE C 360 -1.27 -2.11 8.51
CA PHE C 360 -1.64 -1.79 9.88
C PHE C 360 -2.53 -0.56 9.85
N SER C 361 -3.82 -0.77 9.59
CA SER C 361 -4.79 0.34 9.35
C SER C 361 -4.95 1.33 10.52
N GLY C 362 -5.36 0.85 11.71
CA GLY C 362 -5.41 1.72 12.91
C GLY C 362 -3.96 1.91 13.32
N CYS C 363 -3.65 2.86 14.22
CA CYS C 363 -2.19 3.04 14.43
C CYS C 363 -1.85 3.67 15.77
N CYS C 364 -0.61 3.45 16.24
CA CYS C 364 -0.08 4.12 17.45
C CYS C 364 -1.07 4.29 18.59
N SER C 365 -1.70 3.21 19.07
CA SER C 365 -2.53 3.36 20.29
C SER C 365 -2.04 2.40 21.38
N TYR C 366 -2.15 2.78 22.65
CA TYR C 366 -1.81 1.82 23.74
C TYR C 366 -2.80 0.66 23.63
N SER C 367 -4.05 0.99 23.26
CA SER C 367 -5.07 -0.06 23.07
C SER C 367 -4.61 -1.08 22.03
N ASP C 368 -3.65 -0.73 21.15
CA ASP C 368 -3.31 -1.75 20.11
C ASP C 368 -2.48 -2.85 20.76
N LEU C 369 -1.32 -2.49 21.32
CA LEU C 369 -0.45 -3.47 22.03
C LEU C 369 -0.40 -3.04 23.49
N GLY C 370 -1.03 -3.79 24.40
CA GLY C 370 -1.10 -3.39 25.82
C GLY C 370 0.23 -3.53 26.55
N THR C 371 1.17 -2.62 26.28
CA THR C 371 2.51 -2.66 26.94
C THR C 371 3.01 -1.23 27.20
N ASN C 372 3.28 -0.90 28.46
CA ASN C 372 3.87 0.40 28.78
C ASN C 372 5.39 0.31 28.86
N SER C 373 5.98 -0.66 28.17
CA SER C 373 7.41 -0.89 28.24
C SER C 373 8.04 -1.16 26.88
N LEU C 374 7.41 -0.72 25.80
CA LEU C 374 8.00 -0.90 24.49
C LEU C 374 9.22 -0.01 24.34
N ARG C 375 10.25 -0.53 23.67
CA ARG C 375 11.46 0.24 23.44
C ARG C 375 12.01 0.12 22.04
N HIS C 376 11.50 -0.78 21.22
CA HIS C 376 12.05 -0.96 19.89
C HIS C 376 10.91 -1.40 18.99
N LEU C 377 10.41 -0.48 18.19
CA LEU C 377 9.37 -0.78 17.23
C LEU C 377 9.97 -0.76 15.83
N ASP C 378 9.49 -1.65 14.99
CA ASP C 378 10.06 -1.80 13.65
C ASP C 378 8.96 -2.29 12.74
N LEU C 379 8.51 -1.43 11.83
CA LEU C 379 7.44 -1.79 10.91
C LEU C 379 7.88 -1.57 9.47
N SER C 380 9.17 -1.76 9.21
CA SER C 380 9.75 -1.43 7.92
C SER C 380 9.29 -2.40 6.85
N PHE C 381 9.39 -1.95 5.60
CA PHE C 381 9.15 -2.78 4.42
C PHE C 381 7.75 -3.39 4.41
N ASN C 382 6.81 -2.80 5.13
CA ASN C 382 5.45 -3.31 5.22
C ASN C 382 4.58 -2.69 4.14
N GLY C 383 3.28 -2.96 4.20
CA GLY C 383 2.36 -2.53 3.17
C GLY C 383 1.89 -1.09 3.23
N ALA C 384 1.10 -0.74 4.25
CA ALA C 384 0.50 0.59 4.29
C ALA C 384 0.12 0.91 5.74
N ILE C 385 0.92 1.71 6.40
CA ILE C 385 0.62 2.18 7.73
C ILE C 385 -0.31 3.38 7.60
N ILE C 386 -1.26 3.51 8.51
CA ILE C 386 -2.19 4.63 8.53
C ILE C 386 -2.16 5.24 9.91
N MET C 387 -1.65 6.46 10.00
CA MET C 387 -1.51 7.11 11.30
C MET C 387 -2.84 7.72 11.72
N SER C 388 -3.28 7.38 12.91
CA SER C 388 -4.48 8.00 13.47
C SER C 388 -4.37 8.26 14.96
N ALA C 389 -3.17 8.27 15.52
CA ALA C 389 -2.97 8.61 16.92
C ALA C 389 -1.52 9.02 17.13
N ASN C 390 -1.27 9.67 18.27
CA ASN C 390 0.04 10.22 18.59
C ASN C 390 0.87 9.32 19.48
N PHE C 391 0.71 8.00 19.37
CA PHE C 391 1.40 7.08 20.27
C PHE C 391 1.13 7.46 21.73
N MET C 392 -0.15 7.49 22.09
CA MET C 392 -0.52 8.15 23.34
C MET C 392 -0.08 7.35 24.56
N GLY C 393 0.14 6.06 24.42
CA GLY C 393 0.57 5.28 25.57
C GLY C 393 2.02 4.85 25.50
N LEU C 394 2.62 4.95 24.32
CA LEU C 394 3.97 4.45 24.09
C LEU C 394 5.01 5.56 24.22
N GLU C 395 5.14 6.09 25.43
CA GLU C 395 6.05 7.20 25.68
C GLU C 395 7.45 6.75 26.08
N GLU C 396 7.79 5.47 25.88
CA GLU C 396 9.13 4.97 26.18
C GLU C 396 9.88 4.56 24.93
N LEU C 397 9.25 4.58 23.77
CA LEU C 397 9.86 4.13 22.54
C LEU C 397 11.13 4.90 22.26
N GLN C 398 12.20 4.18 21.95
CA GLN C 398 13.49 4.78 21.66
C GLN C 398 14.01 4.47 20.28
N HIS C 399 13.25 3.77 19.45
CA HIS C 399 13.77 3.31 18.18
C HIS C 399 12.57 3.00 17.29
N LEU C 400 12.38 3.80 16.26
CA LEU C 400 11.22 3.69 15.38
C LEU C 400 11.72 3.61 13.95
N ASP C 401 11.02 2.84 13.12
CA ASP C 401 11.57 2.55 11.81
C ASP C 401 10.45 2.23 10.83
N PHE C 402 10.20 3.15 9.90
CA PHE C 402 9.45 2.89 8.69
C PHE C 402 10.41 3.10 7.54
N GLN C 403 10.51 2.15 6.63
CA GLN C 403 11.54 2.34 5.63
C GLN C 403 11.05 2.17 4.21
N HIS C 404 10.04 1.34 4.00
CA HIS C 404 9.44 1.26 2.68
C HIS C 404 7.95 1.04 2.81
N SER C 405 7.37 1.49 3.91
CA SER C 405 5.96 1.31 4.21
C SER C 405 5.22 2.59 3.84
N THR C 406 4.20 2.45 3.01
CA THR C 406 3.40 3.62 2.63
C THR C 406 2.77 4.22 3.87
N LEU C 407 3.24 5.39 4.27
CA LEU C 407 2.87 6.02 5.54
C LEU C 407 1.89 7.14 5.26
N LYS C 408 0.65 6.98 5.70
CA LYS C 408 -0.45 7.88 5.35
C LYS C 408 -0.86 8.76 6.52
N ARG C 409 -1.43 9.91 6.18
CA ARG C 409 -1.95 10.87 7.19
C ARG C 409 -0.88 11.21 8.22
N VAL C 410 0.38 11.29 7.80
CA VAL C 410 1.41 11.75 8.72
C VAL C 410 1.52 13.27 8.73
N THR C 411 1.14 13.94 7.65
CA THR C 411 1.23 15.39 7.55
C THR C 411 -0.02 16.10 8.04
N GLU C 412 -1.15 15.41 8.15
CA GLU C 412 -2.42 16.05 8.47
C GLU C 412 -2.50 16.51 9.91
N PHE C 413 -1.54 16.18 10.75
CA PHE C 413 -1.55 16.58 12.15
C PHE C 413 -0.17 16.33 12.69
N SER C 414 0.06 16.76 13.93
CA SER C 414 1.38 16.67 14.52
C SER C 414 1.55 15.29 15.13
N ALA C 415 1.85 14.31 14.28
CA ALA C 415 2.17 12.99 14.76
C ALA C 415 3.50 13.01 15.52
N PHE C 416 3.87 11.85 16.07
CA PHE C 416 5.07 11.74 16.90
C PHE C 416 5.06 12.73 18.04
N LEU C 417 3.88 13.13 18.50
CA LEU C 417 3.80 14.23 19.45
C LEU C 417 4.10 13.80 20.88
N SER C 418 3.87 12.54 21.22
CA SER C 418 4.08 12.09 22.59
C SER C 418 5.43 11.41 22.79
N LEU C 419 6.20 11.17 21.72
CA LEU C 419 7.48 10.48 21.81
C LEU C 419 8.56 11.45 22.28
N GLU C 420 8.51 11.77 23.57
CA GLU C 420 9.43 12.77 24.10
C GLU C 420 10.86 12.26 24.23
N LYS C 421 11.06 10.94 24.26
CA LYS C 421 12.40 10.36 24.34
C LYS C 421 12.57 9.33 23.23
N LEU C 422 12.90 9.81 22.04
CA LEU C 422 13.14 8.96 20.89
C LEU C 422 14.48 9.35 20.31
N LEU C 423 15.26 8.37 19.89
CA LEU C 423 16.61 8.64 19.43
C LEU C 423 16.82 8.38 17.95
N TYR C 424 16.07 7.47 17.35
CA TYR C 424 16.34 7.07 15.97
C TYR C 424 15.01 6.99 15.23
N LEU C 425 14.72 7.99 14.43
CA LEU C 425 13.57 7.96 13.54
C LEU C 425 14.05 7.68 12.13
N ASP C 426 13.20 7.05 11.34
CA ASP C 426 13.57 6.69 9.98
C ASP C 426 12.27 6.62 9.19
N ILE C 427 12.10 7.51 8.22
CA ILE C 427 10.89 7.54 7.41
C ILE C 427 11.25 7.57 5.94
N SER C 428 12.45 7.09 5.62
CA SER C 428 12.93 7.13 4.24
C SER C 428 12.01 6.35 3.32
N TYR C 429 11.92 6.81 2.08
CA TYR C 429 11.24 6.10 1.00
C TYR C 429 9.77 5.83 1.29
N THR C 430 9.22 6.44 2.33
CA THR C 430 7.79 6.51 2.54
C THR C 430 7.29 7.76 1.82
N ASN C 431 6.49 7.57 0.77
CA ASN C 431 6.15 8.72 -0.07
C ASN C 431 5.37 9.74 0.72
N THR C 432 6.04 10.81 1.15
CA THR C 432 5.52 11.70 2.19
C THR C 432 5.74 13.15 1.76
N LYS C 433 4.72 13.73 1.15
CA LYS C 433 4.78 15.12 0.70
C LYS C 433 4.73 16.04 1.91
N ILE C 434 5.88 16.45 2.40
CA ILE C 434 5.92 17.31 3.59
C ILE C 434 5.30 18.65 3.21
N ASP C 435 4.12 18.94 3.75
CA ASP C 435 3.48 20.23 3.54
C ASP C 435 2.87 20.74 4.83
N PHE C 436 3.59 20.58 5.94
CA PHE C 436 3.14 21.08 7.23
C PHE C 436 4.36 21.28 8.10
N ASP C 437 4.45 22.41 8.78
CA ASP C 437 5.63 22.80 9.53
C ASP C 437 5.59 22.36 10.98
N GLY C 438 4.76 21.40 11.32
CA GLY C 438 4.73 20.91 12.68
C GLY C 438 4.83 19.41 12.74
N ILE C 439 5.26 18.80 11.63
CA ILE C 439 5.25 17.35 11.52
C ILE C 439 6.26 16.72 12.49
N PHE C 440 7.41 17.34 12.68
CA PHE C 440 8.44 16.81 13.56
C PHE C 440 8.40 17.47 14.93
N LEU C 441 7.22 17.85 15.40
CA LEU C 441 7.12 18.53 16.68
C LEU C 441 7.08 17.51 17.81
N GLY C 442 7.70 17.85 18.93
CA GLY C 442 7.73 17.01 20.09
C GLY C 442 8.97 16.14 20.23
N LEU C 443 9.67 15.86 19.13
CA LEU C 443 10.86 15.02 19.14
C LEU C 443 12.06 15.81 19.65
N THR C 444 12.05 16.10 20.95
CA THR C 444 13.10 16.93 21.53
C THR C 444 14.41 16.19 21.76
N SER C 445 14.44 14.86 21.59
CA SER C 445 15.63 14.09 21.87
C SER C 445 16.15 13.33 20.65
N LEU C 446 15.60 13.59 19.47
CA LEU C 446 16.00 12.83 18.29
C LEU C 446 17.47 13.07 17.97
N ASN C 447 18.11 12.04 17.43
CA ASN C 447 19.49 12.12 17.01
C ASN C 447 19.71 11.75 15.56
N THR C 448 18.76 11.09 14.90
CA THR C 448 19.01 10.59 13.56
C THR C 448 17.70 10.65 12.76
N LEU C 449 17.63 11.57 11.80
CA LEU C 449 16.59 11.53 10.79
C LEU C 449 17.10 10.83 9.55
N LYS C 450 16.19 10.19 8.84
CA LYS C 450 16.54 9.53 7.59
C LYS C 450 15.32 9.66 6.71
N MET C 451 15.35 10.63 5.79
CA MET C 451 14.31 10.78 4.79
C MET C 451 15.00 10.91 3.45
N ALA C 452 14.68 10.03 2.52
CA ALA C 452 15.28 10.10 1.19
C ALA C 452 14.27 10.36 0.09
N GLY C 453 13.27 9.50 -0.08
CA GLY C 453 12.38 9.65 -1.22
C GLY C 453 11.17 10.50 -0.93
N ASN C 454 11.32 11.51 -0.09
CA ASN C 454 10.22 12.32 0.37
C ASN C 454 10.29 13.72 -0.23
N SER C 455 9.23 14.13 -0.91
CA SER C 455 9.19 15.41 -1.59
C SER C 455 8.86 16.51 -0.61
N PHE C 456 8.64 17.71 -1.16
CA PHE C 456 8.18 18.86 -0.40
C PHE C 456 7.15 19.60 -1.24
N LYS C 457 6.51 20.59 -0.62
CA LYS C 457 5.66 21.49 -1.37
C LYS C 457 6.52 22.63 -1.88
N ASP C 458 6.26 23.07 -3.12
CA ASP C 458 7.05 24.09 -3.81
C ASP C 458 8.45 23.60 -4.15
N ASN C 459 8.72 22.31 -3.91
CA ASN C 459 10.08 21.77 -3.99
C ASN C 459 11.05 22.64 -3.22
N THR C 460 10.58 23.17 -2.10
CA THR C 460 11.30 24.14 -1.29
C THR C 460 11.38 23.61 0.13
N LEU C 461 12.58 23.60 0.70
CA LEU C 461 12.77 23.06 2.04
C LEU C 461 12.25 24.04 3.06
N SER C 462 11.06 23.78 3.60
CA SER C 462 10.47 24.63 4.62
C SER C 462 11.21 24.50 5.93
N ASN C 463 10.69 25.19 6.94
CA ASN C 463 11.31 25.25 8.26
C ASN C 463 10.67 24.19 9.15
N VAL C 464 11.18 22.96 9.06
CA VAL C 464 10.59 21.82 9.75
C VAL C 464 11.52 21.25 10.82
N PHE C 465 12.55 21.98 11.21
CA PHE C 465 13.53 21.47 12.17
C PHE C 465 13.62 22.33 13.43
N ALA C 466 12.58 23.08 13.75
CA ALA C 466 12.56 23.79 15.02
C ALA C 466 12.32 22.80 16.15
N ASN C 467 12.82 23.15 17.34
CA ASN C 467 12.69 22.31 18.53
C ASN C 467 13.22 20.89 18.30
N THR C 468 14.24 20.77 17.45
CA THR C 468 14.94 19.51 17.17
C THR C 468 16.43 19.71 17.35
N THR C 469 16.80 20.29 18.49
CA THR C 469 18.16 20.80 18.68
C THR C 469 19.21 19.71 18.64
N ASN C 470 18.93 18.55 19.25
CA ASN C 470 19.97 17.55 19.46
C ASN C 470 20.24 16.69 18.23
N LEU C 471 19.64 17.01 17.08
CA LEU C 471 19.87 16.22 15.88
C LEU C 471 21.34 16.25 15.50
N THR C 472 21.91 15.06 15.30
CA THR C 472 23.34 14.92 15.04
C THR C 472 23.58 14.39 13.64
N PHE C 473 22.64 13.61 13.13
CA PHE C 473 22.75 13.03 11.80
C PHE C 473 21.48 13.41 11.05
N LEU C 474 21.63 13.90 9.83
CA LEU C 474 20.50 14.31 9.01
C LEU C 474 20.74 13.82 7.60
N ASP C 475 19.67 13.39 6.93
CA ASP C 475 19.77 12.87 5.58
C ASP C 475 18.64 13.42 4.74
N LEU C 476 18.98 14.02 3.60
CA LEU C 476 17.99 14.59 2.69
C LEU C 476 18.22 14.20 1.24
N SER C 477 19.00 13.16 0.98
CA SER C 477 19.27 12.74 -0.38
C SER C 477 17.97 12.44 -1.12
N LYS C 478 18.06 12.46 -2.45
CA LYS C 478 17.05 11.88 -3.32
C LYS C 478 15.71 12.61 -3.26
N CYS C 479 15.56 13.57 -2.36
CA CYS C 479 14.44 14.48 -2.46
C CYS C 479 14.66 15.39 -3.66
N GLN C 480 13.57 15.78 -4.30
CA GLN C 480 13.65 16.49 -5.56
C GLN C 480 13.69 18.00 -5.35
N LEU C 481 14.32 18.45 -4.28
CA LEU C 481 14.39 19.86 -3.94
C LEU C 481 14.85 20.71 -5.11
N GLU C 482 14.50 21.99 -5.06
CA GLU C 482 15.01 22.96 -6.00
C GLU C 482 15.50 24.25 -5.35
N GLN C 483 15.28 24.43 -4.05
CA GLN C 483 15.90 25.52 -3.32
C GLN C 483 15.74 25.25 -1.83
N ILE C 484 16.47 26.02 -1.04
CA ILE C 484 16.40 25.97 0.41
C ILE C 484 15.83 27.30 0.88
N SER C 485 14.82 27.24 1.74
CA SER C 485 14.25 28.47 2.27
C SER C 485 15.26 29.17 3.16
N TRP C 486 14.96 30.41 3.49
CA TRP C 486 15.81 31.16 4.39
C TRP C 486 15.40 30.88 5.83
N GLY C 487 16.39 30.62 6.68
CA GLY C 487 16.13 30.43 8.10
C GLY C 487 16.27 29.01 8.59
N VAL C 488 16.31 28.02 7.70
CA VAL C 488 16.51 26.65 8.15
C VAL C 488 17.92 26.50 8.73
N PHE C 489 18.12 25.44 9.51
CA PHE C 489 19.40 25.10 10.12
C PHE C 489 19.89 26.16 11.09
N ASP C 490 19.03 27.06 11.56
CA ASP C 490 19.51 28.14 12.41
C ASP C 490 19.72 27.69 13.84
N THR C 491 19.33 26.47 14.18
CA THR C 491 19.49 26.01 15.56
C THR C 491 20.06 24.60 15.65
N LEU C 492 20.44 23.99 14.53
CA LEU C 492 21.00 22.64 14.53
C LEU C 492 22.48 22.72 14.88
N HIS C 493 22.75 23.17 16.10
CA HIS C 493 24.11 23.47 16.53
C HIS C 493 24.99 22.25 16.67
N ARG C 494 24.43 21.04 16.73
CA ARG C 494 25.22 19.84 16.93
C ARG C 494 25.24 18.90 15.74
N LEU C 495 24.62 19.28 14.64
CA LEU C 495 24.64 18.42 13.46
C LEU C 495 26.07 18.21 13.01
N GLN C 496 26.38 17.00 12.55
CA GLN C 496 27.72 16.64 12.14
C GLN C 496 27.79 16.02 10.76
N LEU C 497 26.64 15.55 10.24
CA LEU C 497 26.60 15.01 8.86
C LEU C 497 25.36 15.58 8.15
N LEU C 498 25.57 16.39 7.12
CA LEU C 498 24.43 16.93 6.32
C LEU C 498 24.48 16.30 4.93
N ASN C 499 23.51 15.44 4.61
CA ASN C 499 23.47 14.83 3.26
C ASN C 499 22.46 15.46 2.30
N MET C 500 22.94 15.90 1.13
CA MET C 500 22.05 16.48 0.10
C MET C 500 22.27 16.05 -1.35
N SER C 501 22.86 14.87 -1.59
CA SER C 501 23.23 14.55 -2.96
C SER C 501 21.95 14.33 -3.76
N HIS C 502 22.13 14.14 -5.06
CA HIS C 502 21.08 13.68 -5.98
C HIS C 502 19.84 14.58 -5.97
N ASN C 503 19.96 15.81 -5.49
CA ASN C 503 18.86 16.76 -5.52
C ASN C 503 18.78 17.39 -6.92
N ASN C 504 18.02 18.47 -7.03
CA ASN C 504 17.94 19.26 -8.24
C ASN C 504 18.20 20.74 -7.94
N LEU C 505 19.12 21.00 -7.03
CA LEU C 505 19.51 22.38 -6.76
C LEU C 505 20.12 23.00 -8.02
N LEU C 506 20.24 24.32 -8.02
CA LEU C 506 20.88 25.03 -9.12
C LEU C 506 22.11 25.82 -8.68
N PHE C 507 22.02 26.57 -7.61
CA PHE C 507 23.18 27.24 -7.05
C PHE C 507 23.37 26.78 -5.61
N LEU C 508 24.33 27.42 -4.93
CA LEU C 508 24.57 27.15 -3.53
C LEU C 508 24.79 28.47 -2.83
N ASP C 509 24.46 28.52 -1.55
CA ASP C 509 24.59 29.71 -0.74
C ASP C 509 25.35 29.41 0.54
N SER C 510 25.99 30.43 1.09
CA SER C 510 26.69 30.30 2.35
C SER C 510 26.04 31.08 3.47
N SER C 511 24.95 31.80 3.21
CA SER C 511 24.20 32.38 4.31
C SER C 511 23.63 31.27 5.19
N HIS C 512 23.23 30.16 4.59
CA HIS C 512 22.98 28.95 5.36
C HIS C 512 24.31 28.43 5.93
N TYR C 513 24.21 27.37 6.72
CA TYR C 513 25.40 26.68 7.22
C TYR C 513 26.26 27.54 8.11
N ASN C 514 25.87 28.79 8.34
CA ASN C 514 26.70 29.65 9.15
C ASN C 514 26.59 29.34 10.64
N GLN C 515 25.49 28.72 11.06
CA GLN C 515 25.32 28.36 12.45
C GLN C 515 25.66 26.91 12.73
N LEU C 516 25.95 26.12 11.70
CA LEU C 516 26.29 24.71 11.85
C LEU C 516 27.71 24.60 12.39
N TYR C 517 27.84 24.88 13.70
CA TYR C 517 29.17 24.98 14.29
C TYR C 517 29.96 23.69 14.17
N SER C 518 29.37 22.56 14.55
CA SER C 518 30.09 21.31 14.68
C SER C 518 29.99 20.45 13.42
N LEU C 519 29.53 21.01 12.32
CA LEU C 519 29.39 20.24 11.09
C LEU C 519 30.75 19.70 10.65
N SER C 520 30.74 18.52 10.04
CA SER C 520 31.96 17.87 9.60
C SER C 520 31.91 17.33 8.19
N THR C 521 30.74 17.15 7.59
CA THR C 521 30.63 16.64 6.24
C THR C 521 29.40 17.25 5.58
N LEU C 522 29.55 17.69 4.33
CA LEU C 522 28.50 18.43 3.65
C LEU C 522 28.32 17.89 2.23
N ASP C 523 28.16 16.58 2.12
CA ASP C 523 27.96 15.95 0.83
C ASP C 523 26.87 16.66 0.02
N CYS C 524 27.28 17.23 -1.13
CA CYS C 524 26.34 17.86 -2.05
C CYS C 524 26.60 17.45 -3.49
N SER C 525 26.93 16.20 -3.72
CA SER C 525 27.20 15.72 -5.06
C SER C 525 25.92 15.72 -5.90
N PHE C 526 26.09 15.59 -7.21
CA PHE C 526 25.03 15.26 -8.16
C PHE C 526 23.91 16.29 -8.24
N ASN C 527 23.99 17.42 -7.52
CA ASN C 527 22.83 18.28 -7.36
C ASN C 527 22.94 19.56 -8.18
N ARG C 528 23.81 19.57 -9.18
CA ARG C 528 23.80 20.60 -10.24
C ARG C 528 23.96 22.01 -9.68
N ILE C 529 25.10 22.26 -9.05
CA ILE C 529 25.40 23.57 -8.50
C ILE C 529 26.42 24.26 -9.40
N GLU C 530 26.17 25.53 -9.71
CA GLU C 530 27.02 26.30 -10.62
C GLU C 530 27.93 27.28 -9.92
N THR C 531 27.55 27.80 -8.77
CA THR C 531 28.34 28.81 -8.07
C THR C 531 28.08 28.71 -6.58
N SER C 532 28.59 29.68 -5.84
CA SER C 532 28.36 29.80 -4.41
C SER C 532 28.25 31.27 -4.08
N LYS C 533 27.01 31.77 -4.05
CA LYS C 533 26.77 33.17 -3.72
C LYS C 533 27.07 33.41 -2.25
N GLY C 534 26.92 34.66 -1.83
CA GLY C 534 27.19 35.02 -0.46
C GLY C 534 28.65 34.97 -0.10
N ILE C 535 29.02 35.64 1.00
CA ILE C 535 30.40 35.62 1.47
C ILE C 535 30.82 34.19 1.79
N LEU C 536 31.94 33.77 1.21
CA LEU C 536 32.45 32.41 1.36
C LEU C 536 33.33 32.26 2.60
N GLN C 537 33.43 33.28 3.42
CA GLN C 537 34.18 33.21 4.67
C GLN C 537 33.31 32.80 5.84
N HIS C 538 32.06 32.42 5.59
CA HIS C 538 31.12 32.09 6.64
C HIS C 538 30.84 30.60 6.75
N PHE C 539 31.46 29.77 5.93
CA PHE C 539 31.48 28.34 6.20
C PHE C 539 32.06 28.08 7.59
N PRO C 540 31.71 26.96 8.21
CA PRO C 540 32.26 26.68 9.55
C PRO C 540 33.70 26.23 9.43
N LYS C 541 34.49 26.58 10.45
CA LYS C 541 35.89 26.14 10.48
C LYS C 541 36.02 24.80 11.19
N SER C 542 35.19 23.85 10.76
CA SER C 542 35.29 22.46 11.19
C SER C 542 35.02 21.49 10.07
N LEU C 543 34.52 21.94 8.93
CA LEU C 543 34.25 21.07 7.79
C LEU C 543 35.51 20.31 7.42
N ALA C 544 35.34 19.03 7.10
CA ALA C 544 36.48 18.21 6.66
C ALA C 544 36.22 17.64 5.26
N PHE C 545 34.95 17.51 4.88
CA PHE C 545 34.63 16.89 3.58
C PHE C 545 33.65 17.68 2.72
N PHE C 546 34.00 17.87 1.45
CA PHE C 546 33.10 18.58 0.55
C PHE C 546 32.94 17.86 -0.78
N ASN C 547 31.80 17.23 -0.99
CA ASN C 547 31.54 16.56 -2.26
C ASN C 547 31.01 17.55 -3.26
N LEU C 548 31.81 17.84 -4.28
CA LEU C 548 31.36 18.74 -5.33
C LEU C 548 31.50 18.05 -6.67
N THR C 549 31.09 16.79 -6.73
CA THR C 549 31.28 16.01 -7.96
C THR C 549 30.06 15.95 -8.86
N ASN C 550 30.25 15.56 -10.13
CA ASN C 550 29.16 15.46 -11.09
C ASN C 550 28.29 16.72 -11.15
N ASN C 551 28.81 17.86 -10.70
CA ASN C 551 28.09 19.11 -10.85
C ASN C 551 28.37 19.68 -12.24
N SER C 552 27.92 20.93 -12.41
CA SER C 552 28.17 21.67 -13.68
C SER C 552 28.67 22.99 -13.09
N VAL C 553 29.66 22.93 -12.20
CA VAL C 553 30.27 24.15 -11.59
C VAL C 553 30.87 24.79 -12.84
N ALA C 554 30.52 26.05 -13.10
CA ALA C 554 30.96 26.65 -14.39
C ALA C 554 32.23 27.45 -14.08
N CYS C 555 33.22 27.50 -15.07
CA CYS C 555 34.48 28.20 -14.81
C CYS C 555 34.75 29.16 -15.97
N ILE C 556 33.70 29.87 -16.41
CA ILE C 556 33.84 30.90 -17.48
C ILE C 556 34.00 32.22 -16.70
N CYS C 557 35.01 32.29 -15.83
CA CYS C 557 35.23 33.51 -14.98
C CYS C 557 33.96 33.84 -14.20
N GLU C 558 33.05 32.87 -14.08
CA GLU C 558 31.78 33.08 -13.32
C GLU C 558 32.14 33.02 -11.84
N HIS C 559 32.09 34.16 -11.14
CA HIS C 559 32.52 34.22 -9.71
C HIS C 559 33.99 33.80 -9.64
N GLN C 560 34.89 34.63 -10.18
CA GLN C 560 36.34 34.31 -10.15
C GLN C 560 36.79 34.00 -8.72
N LYS C 561 36.22 34.70 -7.73
CA LYS C 561 36.56 34.43 -6.32
C LYS C 561 36.30 32.96 -5.99
N PHE C 562 35.13 32.44 -6.38
CA PHE C 562 34.81 31.05 -6.10
C PHE C 562 35.70 30.11 -6.88
N LEU C 563 35.93 30.41 -8.16
CA LEU C 563 36.78 29.56 -8.97
C LEU C 563 38.20 29.47 -8.42
N GLN C 564 38.58 30.44 -7.58
CA GLN C 564 39.94 30.42 -6.95
C GLN C 564 39.84 29.65 -5.63
N TRP C 565 38.81 29.95 -4.83
CA TRP C 565 38.60 29.27 -3.53
C TRP C 565 38.50 27.76 -3.72
N VAL C 566 37.90 27.31 -4.84
CA VAL C 566 37.68 25.86 -5.08
C VAL C 566 39.00 25.11 -5.30
N LYS C 567 40.06 25.79 -5.75
CA LYS C 567 41.29 25.08 -6.08
C LYS C 567 42.30 25.50 -5.01
N GLU C 568 41.91 26.39 -4.10
CA GLU C 568 42.82 26.81 -3.04
C GLU C 568 42.59 26.01 -1.76
N GLN C 569 41.34 26.00 -1.28
CA GLN C 569 40.98 25.22 -0.07
C GLN C 569 40.52 23.85 -0.51
N LYS C 570 41.41 23.10 -1.18
CA LYS C 570 41.04 21.79 -1.77
C LYS C 570 41.56 20.63 -0.93
N GLN C 571 42.31 20.91 0.13
CA GLN C 571 42.69 19.82 1.03
C GLN C 571 41.49 19.24 1.76
N PHE C 572 40.31 19.81 1.56
CA PHE C 572 39.06 19.32 2.12
C PHE C 572 38.15 18.70 1.08
N LEU C 573 38.05 19.31 -0.10
CA LEU C 573 37.19 18.78 -1.14
C LEU C 573 37.54 17.33 -1.43
N VAL C 574 36.63 16.64 -2.08
CA VAL C 574 36.78 15.23 -2.39
C VAL C 574 37.04 15.09 -3.88
N ASN C 575 38.12 14.38 -4.22
CA ASN C 575 38.49 14.13 -5.60
C ASN C 575 38.59 15.43 -6.39
N VAL C 576 39.31 16.41 -5.84
CA VAL C 576 39.58 17.64 -6.57
C VAL C 576 40.17 17.34 -7.94
N GLU C 577 40.72 16.14 -8.10
CA GLU C 577 41.43 15.79 -9.32
C GLU C 577 40.59 16.02 -10.55
N GLN C 578 39.49 15.28 -10.70
CA GLN C 578 38.70 15.32 -11.93
C GLN C 578 37.55 16.32 -11.84
N MET C 579 37.88 17.59 -11.59
CA MET C 579 36.88 18.64 -11.50
C MET C 579 36.74 19.28 -12.87
N THR C 580 35.89 18.71 -13.72
CA THR C 580 35.68 19.25 -15.08
C THR C 580 34.84 20.52 -14.99
N CYS C 581 34.95 21.41 -16.00
CA CYS C 581 34.06 22.59 -16.04
C CYS C 581 32.98 22.29 -17.09
N ALA C 582 31.91 23.08 -17.14
CA ALA C 582 30.79 22.74 -18.04
C ALA C 582 30.46 23.89 -18.98
N THR C 583 31.31 24.92 -19.03
CA THR C 583 31.10 26.01 -20.02
C THR C 583 32.30 26.02 -20.98
N PRO C 584 32.19 25.84 -22.33
CA PRO C 584 33.38 25.88 -23.20
C PRO C 584 34.37 26.99 -22.84
N VAL C 585 35.61 26.63 -22.49
CA VAL C 585 36.16 25.27 -22.77
C VAL C 585 36.02 24.38 -21.53
N GLU C 586 35.77 23.08 -21.73
CA GLU C 586 35.60 22.12 -20.61
C GLU C 586 36.95 21.40 -20.43
N MET C 587 36.95 20.25 -19.73
CA MET C 587 38.25 19.55 -19.47
C MET C 587 39.31 20.41 -18.76
N ASN C 588 38.92 21.23 -17.81
CA ASN C 588 39.90 22.13 -17.11
C ASN C 588 39.84 21.96 -15.59
N THR C 589 40.69 22.66 -14.83
CA THR C 589 40.63 22.63 -13.38
C THR C 589 40.89 23.99 -12.75
N SER C 590 41.79 24.79 -13.33
CA SER C 590 42.15 26.08 -12.78
C SER C 590 41.71 27.20 -13.72
N LEU C 591 41.41 28.36 -13.12
CA LEU C 591 41.05 29.58 -13.90
C LEU C 591 42.28 30.48 -13.90
N VAL C 592 42.50 31.27 -14.96
CA VAL C 592 43.74 32.10 -15.08
C VAL C 592 43.88 33.13 -13.95
N LEU C 593 42.79 33.79 -13.54
CA LEU C 593 42.91 34.88 -12.53
C LEU C 593 43.28 34.35 -11.15
N ASP C 594 44.41 34.80 -10.57
CA ASP C 594 44.74 34.41 -9.21
C ASP C 594 44.53 35.60 -8.29
N PHE C 595 44.13 35.32 -7.06
CA PHE C 595 43.98 36.35 -6.04
C PHE C 595 43.14 37.53 -6.51
N ASN D 1 -32.52 48.34 -12.29
CA ASN D 1 -32.50 47.03 -11.65
C ASN D 1 -31.97 47.09 -10.24
N PRO D 2 -32.86 47.11 -9.24
CA PRO D 2 -32.42 46.96 -7.86
C PRO D 2 -31.89 45.59 -7.51
N CYS D 3 -31.79 44.70 -8.50
CA CYS D 3 -31.45 43.32 -8.25
C CYS D 3 -30.38 42.87 -9.22
N ILE D 4 -29.67 41.82 -8.78
CA ILE D 4 -28.52 41.34 -9.58
C ILE D 4 -29.00 40.68 -10.87
N GLU D 5 -28.11 40.70 -11.87
CA GLU D 5 -28.38 39.99 -13.12
C GLU D 5 -27.26 38.98 -13.36
N VAL D 6 -27.63 37.73 -13.57
CA VAL D 6 -26.62 36.69 -13.76
C VAL D 6 -26.14 36.66 -15.20
N VAL D 7 -27.04 36.39 -16.13
CA VAL D 7 -26.72 36.26 -17.54
C VAL D 7 -27.28 37.48 -18.26
N PRO D 8 -26.59 38.04 -19.25
CA PRO D 8 -27.18 39.14 -20.02
C PRO D 8 -28.54 38.76 -20.58
N ASN D 9 -29.56 39.52 -20.19
CA ASN D 9 -30.91 39.47 -20.75
C ASN D 9 -31.71 38.27 -20.22
N ILE D 10 -31.11 37.37 -19.44
CA ILE D 10 -31.81 36.21 -18.89
C ILE D 10 -31.33 35.99 -17.46
N THR D 11 -32.08 35.19 -16.71
CA THR D 11 -31.64 34.67 -15.42
C THR D 11 -31.33 35.82 -14.44
N TYR D 12 -32.40 36.52 -14.07
CA TYR D 12 -32.28 37.71 -13.23
C TYR D 12 -32.47 37.32 -11.76
N GLN D 13 -31.36 36.92 -11.14
CA GLN D 13 -31.36 36.62 -9.71
C GLN D 13 -31.63 37.87 -8.89
N CYS D 14 -32.81 37.97 -8.29
CA CYS D 14 -33.21 39.14 -7.52
C CYS D 14 -33.53 38.76 -6.09
N MET D 15 -32.64 37.98 -5.48
CA MET D 15 -32.85 37.44 -4.15
C MET D 15 -32.34 38.40 -3.08
N ASP D 16 -33.16 38.57 -2.04
CA ASP D 16 -32.79 39.32 -0.84
C ASP D 16 -32.47 40.79 -1.13
N GLN D 17 -33.47 41.49 -1.65
CA GLN D 17 -33.51 42.94 -1.64
C GLN D 17 -34.86 43.36 -1.05
N LYS D 18 -34.89 44.49 -0.37
CA LYS D 18 -36.12 44.92 0.28
C LYS D 18 -37.11 45.33 -0.81
N LEU D 19 -37.93 44.38 -1.23
CA LEU D 19 -38.92 44.59 -2.28
C LEU D 19 -40.31 44.40 -1.71
N SER D 20 -41.29 45.05 -2.34
CA SER D 20 -42.67 44.83 -1.96
C SER D 20 -43.55 44.51 -3.17
N LYS D 21 -42.97 44.37 -4.36
CA LYS D 21 -43.69 43.99 -5.56
C LYS D 21 -42.67 43.58 -6.60
N VAL D 22 -43.16 42.92 -7.65
CA VAL D 22 -42.25 42.57 -8.74
C VAL D 22 -41.69 43.83 -9.36
N PRO D 23 -40.38 43.92 -9.59
CA PRO D 23 -39.83 45.09 -10.29
C PRO D 23 -40.36 45.16 -11.72
N ASP D 24 -40.72 46.37 -12.13
CA ASP D 24 -41.29 46.56 -13.46
C ASP D 24 -40.22 46.67 -14.53
N ASP D 25 -39.02 47.04 -14.14
CA ASP D 25 -37.91 47.24 -15.08
C ASP D 25 -37.26 45.94 -15.49
N ILE D 26 -37.77 44.81 -15.06
CA ILE D 26 -37.22 43.51 -15.46
C ILE D 26 -37.56 43.30 -16.92
N PRO D 27 -36.58 43.05 -17.79
CA PRO D 27 -36.88 42.88 -19.21
C PRO D 27 -37.74 41.65 -19.43
N SER D 28 -38.56 41.71 -20.47
CA SER D 28 -39.29 40.52 -20.88
C SER D 28 -38.34 39.53 -21.54
N SER D 29 -38.91 38.42 -22.02
CA SER D 29 -38.18 37.33 -22.65
C SER D 29 -37.20 36.65 -21.72
N THR D 30 -37.34 36.84 -20.40
CA THR D 30 -36.52 36.11 -19.45
C THR D 30 -37.03 34.69 -19.28
N LYS D 31 -36.14 33.81 -18.85
CA LYS D 31 -36.51 32.42 -18.61
C LYS D 31 -36.46 32.02 -17.15
N ASN D 32 -35.73 32.73 -16.30
CA ASN D 32 -35.58 32.36 -14.90
C ASN D 32 -35.57 33.62 -14.05
N ILE D 33 -36.49 33.69 -13.10
CA ILE D 33 -36.47 34.72 -12.07
C ILE D 33 -36.21 34.03 -10.74
N ASP D 34 -35.87 34.82 -9.73
CA ASP D 34 -35.75 34.28 -8.38
C ASP D 34 -36.07 35.41 -7.42
N LEU D 35 -37.29 35.42 -6.89
CA LEU D 35 -37.69 36.41 -5.90
C LEU D 35 -37.79 35.68 -4.57
N SER D 36 -36.66 35.53 -3.91
CA SER D 36 -36.58 34.80 -2.66
C SER D 36 -36.21 35.75 -1.54
N PHE D 37 -36.82 35.56 -0.38
CA PHE D 37 -36.60 36.32 0.84
C PHE D 37 -36.96 37.79 0.69
N ASN D 38 -37.56 38.19 -0.43
CA ASN D 38 -38.07 39.54 -0.56
C ASN D 38 -39.36 39.68 0.24
N PRO D 39 -39.53 40.75 0.97
CA PRO D 39 -40.69 40.90 1.87
C PRO D 39 -41.99 41.27 1.17
N LEU D 40 -42.31 40.57 0.09
CA LEU D 40 -43.64 40.63 -0.48
C LEU D 40 -44.66 40.18 0.57
N LYS D 41 -45.88 40.69 0.49
CA LYS D 41 -46.89 40.27 1.43
C LYS D 41 -48.22 39.93 0.79
N ILE D 42 -48.36 40.13 -0.52
CA ILE D 42 -49.58 39.77 -1.24
C ILE D 42 -49.27 39.75 -2.73
N LEU D 43 -49.78 38.75 -3.42
CA LEU D 43 -49.72 38.74 -4.87
C LEU D 43 -50.91 39.49 -5.43
N LYS D 44 -50.69 40.17 -6.55
CA LYS D 44 -51.71 41.04 -7.14
C LYS D 44 -51.93 40.66 -8.59
N SER D 45 -53.14 40.94 -9.06
CA SER D 45 -53.58 40.44 -10.36
C SER D 45 -52.70 40.99 -11.48
N TYR D 46 -52.52 40.16 -12.51
CA TYR D 46 -51.82 40.51 -13.74
C TYR D 46 -50.37 40.90 -13.51
N SER D 47 -49.82 40.66 -12.32
CA SER D 47 -48.49 41.14 -11.99
C SER D 47 -47.42 40.55 -12.89
N PHE D 48 -47.65 39.35 -13.41
CA PHE D 48 -46.68 38.68 -14.27
C PHE D 48 -47.12 38.64 -15.72
N SER D 49 -48.02 39.53 -16.12
CA SER D 49 -48.58 39.47 -17.47
C SER D 49 -47.52 39.66 -18.54
N ASN D 50 -46.58 40.57 -18.30
CA ASN D 50 -45.55 40.87 -19.28
C ASN D 50 -44.57 39.73 -19.50
N PHE D 51 -44.33 38.89 -18.50
CA PHE D 51 -43.31 37.85 -18.58
C PHE D 51 -43.83 36.60 -19.28
N SER D 52 -44.29 36.77 -20.51
CA SER D 52 -44.78 35.60 -21.25
C SER D 52 -43.67 34.80 -21.90
N GLU D 53 -42.60 34.53 -21.15
CA GLU D 53 -41.60 33.55 -21.54
C GLU D 53 -41.05 32.80 -20.34
N LEU D 54 -41.58 33.05 -19.15
CA LEU D 54 -40.96 32.56 -17.93
C LEU D 54 -41.26 31.08 -17.74
N GLN D 55 -40.22 30.29 -17.49
CA GLN D 55 -40.41 28.87 -17.27
C GLN D 55 -39.76 28.38 -15.98
N TRP D 56 -39.39 29.29 -15.08
CA TRP D 56 -38.86 28.91 -13.78
C TRP D 56 -39.06 30.08 -12.83
N LEU D 57 -40.02 29.96 -11.93
CA LEU D 57 -40.32 31.02 -10.99
C LEU D 57 -40.19 30.48 -9.57
N ASP D 58 -39.45 31.20 -8.74
CA ASP D 58 -39.25 30.83 -7.34
C ASP D 58 -39.77 31.95 -6.47
N LEU D 59 -40.63 31.62 -5.50
CA LEU D 59 -41.06 32.57 -4.49
C LEU D 59 -40.94 31.88 -3.14
N SER D 60 -39.76 31.93 -2.54
CA SER D 60 -39.47 31.26 -1.29
C SER D 60 -39.29 32.29 -0.19
N ARG D 61 -39.85 31.99 0.99
CA ARG D 61 -39.66 32.88 2.18
C ARG D 61 -40.39 34.22 2.04
N CYS D 62 -40.87 34.60 0.85
CA CYS D 62 -41.73 35.77 0.81
C CYS D 62 -42.84 35.63 1.85
N GLU D 63 -43.35 36.75 2.34
CA GLU D 63 -44.36 36.68 3.37
C GLU D 63 -45.77 36.57 2.80
N ILE D 64 -45.90 35.98 1.61
CA ILE D 64 -47.17 35.91 0.89
C ILE D 64 -48.23 35.30 1.79
N GLU D 65 -49.28 36.07 2.08
CA GLU D 65 -50.34 35.65 2.96
C GLU D 65 -51.64 35.38 2.22
N THR D 66 -51.89 36.08 1.11
CA THR D 66 -53.07 35.87 0.29
C THR D 66 -52.67 35.92 -1.17
N ILE D 67 -53.63 35.61 -2.04
CA ILE D 67 -53.41 35.58 -3.47
C ILE D 67 -54.63 36.15 -4.16
N GLU D 68 -54.44 37.10 -5.07
CA GLU D 68 -55.55 37.64 -5.83
C GLU D 68 -55.98 36.65 -6.91
N ASP D 69 -57.12 36.92 -7.51
CA ASP D 69 -57.75 35.98 -8.43
C ASP D 69 -56.89 35.69 -9.64
N LYS D 70 -56.66 36.69 -10.49
CA LYS D 70 -55.87 36.48 -11.70
C LYS D 70 -54.39 36.73 -11.45
N ALA D 71 -53.85 36.08 -10.41
CA ALA D 71 -52.47 36.33 -10.01
C ALA D 71 -51.49 35.84 -11.07
N TRP D 72 -51.57 34.57 -11.42
CA TRP D 72 -50.71 33.99 -12.45
C TRP D 72 -51.37 34.03 -13.81
N HIS D 73 -51.81 35.22 -14.21
CA HIS D 73 -52.67 35.32 -15.38
C HIS D 73 -51.90 35.06 -16.67
N GLY D 74 -50.89 35.85 -16.95
CA GLY D 74 -50.25 35.74 -18.25
C GLY D 74 -49.21 34.66 -18.40
N LEU D 75 -49.11 33.74 -17.43
CA LEU D 75 -48.07 32.72 -17.45
C LEU D 75 -48.54 31.55 -18.32
N HIS D 76 -47.78 31.26 -19.37
CA HIS D 76 -48.15 30.21 -20.31
C HIS D 76 -47.12 29.11 -20.45
N HIS D 77 -45.88 29.36 -20.05
CA HIS D 77 -44.82 28.38 -20.19
C HIS D 77 -44.13 28.08 -18.86
N LEU D 78 -44.71 28.50 -17.75
CA LEU D 78 -44.12 28.25 -16.45
C LEU D 78 -44.15 26.75 -16.14
N SER D 79 -42.98 26.14 -16.10
CA SER D 79 -42.90 24.71 -15.79
C SER D 79 -42.80 24.45 -14.29
N ASN D 80 -42.01 25.25 -13.58
CA ASN D 80 -41.73 25.02 -12.18
C ASN D 80 -42.16 26.21 -11.34
N LEU D 81 -42.99 25.95 -10.34
CA LEU D 81 -43.42 26.98 -9.41
C LEU D 81 -43.11 26.50 -8.00
N ILE D 82 -42.29 27.27 -7.29
CA ILE D 82 -41.89 26.93 -5.92
C ILE D 82 -42.52 27.93 -4.97
N LEU D 83 -43.13 27.42 -3.90
CA LEU D 83 -43.80 28.30 -2.94
C LEU D 83 -43.43 27.95 -1.51
N THR D 84 -42.21 27.49 -1.28
CA THR D 84 -41.80 27.07 0.06
C THR D 84 -41.79 28.25 1.01
N GLY D 85 -42.32 28.03 2.22
CA GLY D 85 -42.21 28.97 3.30
C GLY D 85 -43.35 29.95 3.44
N ASN D 86 -44.06 30.24 2.35
CA ASN D 86 -45.11 31.25 2.40
C ASN D 86 -46.30 30.73 3.21
N PRO D 87 -46.74 31.45 4.24
CA PRO D 87 -47.86 30.97 5.07
C PRO D 87 -49.23 31.21 4.44
N ILE D 88 -49.42 30.66 3.24
CA ILE D 88 -50.71 30.71 2.56
C ILE D 88 -51.60 29.62 3.14
N GLN D 89 -52.38 29.94 4.17
CA GLN D 89 -53.09 28.89 4.87
C GLN D 89 -54.25 28.33 4.06
N SER D 90 -55.02 29.21 3.43
CA SER D 90 -56.24 28.83 2.71
C SER D 90 -56.05 29.07 1.22
N PHE D 91 -56.09 27.99 0.44
CA PHE D 91 -56.04 28.10 -1.02
C PHE D 91 -57.48 28.16 -1.53
N SER D 92 -58.03 29.37 -1.59
CA SER D 92 -59.38 29.54 -2.06
C SER D 92 -59.49 29.13 -3.53
N PRO D 93 -60.66 28.69 -3.98
CA PRO D 93 -60.79 28.22 -5.37
C PRO D 93 -60.37 29.27 -6.37
N GLY D 94 -60.09 28.81 -7.59
CA GLY D 94 -59.66 29.67 -8.66
C GLY D 94 -58.17 29.90 -8.75
N SER D 95 -57.42 29.61 -7.68
CA SER D 95 -55.98 29.72 -7.75
C SER D 95 -55.41 28.77 -8.80
N PHE D 96 -54.18 29.05 -9.22
CA PHE D 96 -53.50 28.26 -10.23
C PHE D 96 -54.29 28.21 -11.55
N SER D 97 -54.99 29.30 -11.87
CA SER D 97 -55.87 29.30 -13.04
C SER D 97 -55.06 29.35 -14.34
N GLY D 98 -54.29 30.42 -14.53
CA GLY D 98 -53.69 30.65 -15.83
C GLY D 98 -52.65 29.61 -16.23
N LEU D 99 -52.12 28.88 -15.26
CA LEU D 99 -51.04 27.95 -15.57
C LEU D 99 -51.56 26.75 -16.35
N THR D 100 -50.98 26.54 -17.52
CA THR D 100 -51.40 25.45 -18.39
C THR D 100 -50.29 24.45 -18.70
N SER D 101 -49.11 24.61 -18.12
CA SER D 101 -48.05 23.65 -18.36
C SER D 101 -47.24 23.38 -17.09
N LEU D 102 -47.80 23.67 -15.92
CA LEU D 102 -47.10 23.46 -14.68
C LEU D 102 -46.79 21.98 -14.49
N GLU D 103 -45.50 21.65 -14.43
CA GLU D 103 -45.08 20.27 -14.27
C GLU D 103 -44.55 19.95 -12.88
N ASN D 104 -44.35 20.94 -12.03
CA ASN D 104 -43.72 20.69 -10.74
C ASN D 104 -44.20 21.77 -9.77
N LEU D 105 -45.19 21.45 -8.96
CA LEU D 105 -45.66 22.34 -7.91
C LEU D 105 -45.02 21.92 -6.59
N VAL D 106 -44.35 22.86 -5.93
CA VAL D 106 -43.76 22.62 -4.62
C VAL D 106 -44.47 23.52 -3.63
N ALA D 107 -45.11 22.91 -2.64
CA ALA D 107 -45.89 23.65 -1.66
C ALA D 107 -45.49 23.24 -0.26
N VAL D 108 -44.20 23.23 0.01
CA VAL D 108 -43.69 22.77 1.29
C VAL D 108 -43.87 23.85 2.34
N GLU D 109 -44.37 23.46 3.51
CA GLU D 109 -44.45 24.32 4.68
C GLU D 109 -45.27 25.58 4.41
N THR D 110 -46.42 25.40 3.78
CA THR D 110 -47.35 26.49 3.54
C THR D 110 -48.59 26.39 4.42
N LYS D 111 -48.45 25.80 5.60
CA LYS D 111 -49.51 25.66 6.59
C LYS D 111 -50.76 25.00 6.01
N LEU D 112 -50.59 24.14 5.00
CA LEU D 112 -51.70 23.44 4.41
C LEU D 112 -52.38 22.56 5.45
N ALA D 113 -53.59 22.12 5.17
CA ALA D 113 -54.34 21.36 6.17
C ALA D 113 -55.02 20.11 5.65
N SER D 114 -55.16 19.93 4.33
CA SER D 114 -55.74 18.72 3.77
C SER D 114 -55.57 18.76 2.27
N LEU D 115 -55.56 17.58 1.67
CA LEU D 115 -55.35 17.47 0.23
C LEU D 115 -56.60 17.81 -0.57
N GLU D 116 -57.79 17.70 0.04
CA GLU D 116 -59.02 18.13 -0.62
C GLU D 116 -59.24 19.62 -0.76
N SER D 117 -58.84 20.40 0.23
CA SER D 117 -58.88 21.86 0.14
C SER D 117 -57.67 22.36 -0.64
N PHE D 118 -57.56 21.91 -1.88
CA PHE D 118 -56.39 22.19 -2.71
C PHE D 118 -56.84 22.25 -4.16
N PRO D 119 -57.22 23.42 -4.66
CA PRO D 119 -57.82 23.51 -5.99
C PRO D 119 -56.82 23.30 -7.11
N ILE D 120 -56.37 22.08 -7.31
CA ILE D 120 -55.44 21.77 -8.39
C ILE D 120 -56.06 20.81 -9.40
N GLY D 121 -57.37 20.65 -9.37
CA GLY D 121 -58.01 19.65 -10.22
C GLY D 121 -57.81 19.89 -11.70
N GLN D 122 -57.46 21.12 -12.09
CA GLN D 122 -57.36 21.47 -13.50
C GLN D 122 -55.95 21.35 -14.05
N LEU D 123 -54.93 21.22 -13.19
CA LEU D 123 -53.56 21.13 -13.67
C LEU D 123 -53.29 19.77 -14.27
N ILE D 124 -53.59 19.60 -15.55
CA ILE D 124 -53.65 18.26 -16.13
C ILE D 124 -52.28 17.84 -16.62
N THR D 125 -51.24 18.57 -16.24
CA THR D 125 -49.87 18.19 -16.60
C THR D 125 -48.96 18.06 -15.39
N LEU D 126 -49.50 18.02 -14.18
CA LEU D 126 -48.69 18.03 -12.96
C LEU D 126 -47.96 16.71 -12.81
N LYS D 127 -46.66 16.71 -13.08
CA LYS D 127 -45.85 15.51 -12.88
C LYS D 127 -45.60 15.19 -11.41
N LYS D 128 -45.06 16.14 -10.67
CA LYS D 128 -44.71 15.93 -9.28
C LYS D 128 -45.55 16.85 -8.42
N LEU D 129 -45.72 16.46 -7.16
CA LEU D 129 -46.43 17.26 -6.19
C LEU D 129 -45.77 17.03 -4.84
N ASN D 130 -45.37 18.10 -4.17
CA ASN D 130 -44.62 17.99 -2.93
C ASN D 130 -45.35 18.81 -1.89
N VAL D 131 -45.89 18.16 -0.87
CA VAL D 131 -46.63 18.87 0.17
C VAL D 131 -46.09 18.51 1.54
N ALA D 132 -44.79 18.23 1.62
CA ALA D 132 -44.18 17.87 2.89
C ALA D 132 -44.30 18.99 3.90
N HIS D 133 -44.30 18.62 5.18
CA HIS D 133 -44.21 19.57 6.28
C HIS D 133 -45.46 20.45 6.38
N ASN D 134 -46.65 19.83 6.28
CA ASN D 134 -47.85 20.60 5.99
C ASN D 134 -49.08 20.17 6.80
N PHE D 135 -48.92 19.82 8.07
CA PHE D 135 -50.08 19.70 8.97
C PHE D 135 -51.13 18.68 8.54
N ILE D 136 -50.90 17.93 7.45
CA ILE D 136 -51.91 17.01 6.97
C ILE D 136 -52.14 15.90 7.99
N HIS D 137 -53.38 15.40 8.05
CA HIS D 137 -53.76 14.41 9.04
C HIS D 137 -54.26 13.10 8.46
N SER D 138 -54.41 13.00 7.14
CA SER D 138 -54.98 11.78 6.57
C SER D 138 -54.39 11.52 5.20
N CYS D 139 -54.13 10.24 4.92
CA CYS D 139 -53.58 9.80 3.65
C CYS D 139 -54.61 9.78 2.53
N LYS D 140 -55.86 10.14 2.81
CA LYS D 140 -56.93 10.04 1.84
C LYS D 140 -56.59 10.77 0.55
N LEU D 141 -56.51 10.02 -0.53
CA LEU D 141 -56.32 10.63 -1.84
C LEU D 141 -57.67 11.09 -2.39
N PRO D 142 -57.83 12.37 -2.69
CA PRO D 142 -59.11 12.84 -3.22
C PRO D 142 -59.36 12.32 -4.63
N ALA D 143 -60.62 12.40 -5.04
CA ALA D 143 -61.04 11.76 -6.28
C ALA D 143 -60.52 12.50 -7.50
N TYR D 144 -60.32 13.82 -7.40
CA TYR D 144 -59.93 14.57 -8.57
C TYR D 144 -58.61 14.12 -9.17
N PHE D 145 -57.89 13.23 -8.49
CA PHE D 145 -56.69 12.66 -9.07
C PHE D 145 -56.98 11.93 -10.37
N SER D 146 -58.24 11.54 -10.60
CA SER D 146 -58.59 10.91 -11.86
C SER D 146 -58.31 11.81 -13.06
N ASN D 147 -58.38 13.12 -12.86
CA ASN D 147 -58.07 14.06 -13.93
C ASN D 147 -56.59 14.15 -14.21
N LEU D 148 -55.76 14.15 -13.18
CA LEU D 148 -54.32 14.35 -13.32
C LEU D 148 -53.72 13.06 -13.86
N THR D 149 -53.67 12.95 -15.18
CA THR D 149 -53.21 11.70 -15.80
C THR D 149 -51.72 11.49 -15.55
N ASN D 150 -50.92 12.53 -15.74
CA ASN D 150 -49.47 12.37 -15.71
C ASN D 150 -48.93 12.77 -14.33
N LEU D 151 -49.38 12.04 -13.31
CA LEU D 151 -48.93 12.25 -11.93
C LEU D 151 -48.18 11.00 -11.51
N VAL D 152 -46.89 11.14 -11.21
CA VAL D 152 -46.04 9.99 -10.96
C VAL D 152 -45.36 10.05 -9.59
N HIS D 153 -45.58 11.11 -8.81
CA HIS D 153 -44.93 11.16 -7.51
C HIS D 153 -45.72 12.08 -6.60
N VAL D 154 -45.86 11.67 -5.34
CA VAL D 154 -46.48 12.48 -4.29
C VAL D 154 -45.64 12.32 -3.04
N ASP D 155 -45.37 13.43 -2.36
CA ASP D 155 -44.49 13.43 -1.19
C ASP D 155 -45.28 13.98 -0.01
N LEU D 156 -45.53 13.14 0.98
CA LEU D 156 -46.29 13.53 2.16
C LEU D 156 -45.45 13.48 3.44
N SER D 157 -44.13 13.51 3.31
CA SER D 157 -43.26 13.28 4.44
C SER D 157 -43.41 14.39 5.48
N TYR D 158 -43.14 14.02 6.73
CA TYR D 158 -43.05 14.97 7.84
C TYR D 158 -44.37 15.70 8.07
N ASN D 159 -45.46 14.95 8.05
CA ASN D 159 -46.81 15.44 8.30
C ASN D 159 -47.34 14.76 9.56
N TYR D 160 -48.62 14.94 9.83
CA TYR D 160 -49.26 14.32 10.99
C TYR D 160 -50.14 13.14 10.62
N ILE D 161 -49.77 12.40 9.58
CA ILE D 161 -50.53 11.21 9.24
C ILE D 161 -50.39 10.20 10.36
N GLN D 162 -51.51 9.66 10.80
CA GLN D 162 -51.54 8.82 12.00
C GLN D 162 -52.02 7.41 11.72
N THR D 163 -53.07 7.24 10.92
CA THR D 163 -53.63 5.94 10.64
C THR D 163 -53.96 5.84 9.16
N ILE D 164 -54.07 4.61 8.68
CA ILE D 164 -54.43 4.34 7.30
C ILE D 164 -55.67 3.46 7.31
N THR D 165 -56.58 3.72 6.36
CA THR D 165 -57.85 3.02 6.31
C THR D 165 -58.04 2.39 4.93
N VAL D 166 -59.17 1.70 4.77
CA VAL D 166 -59.44 1.01 3.52
C VAL D 166 -60.09 1.93 2.50
N ASN D 167 -60.82 2.96 2.95
CA ASN D 167 -61.39 3.89 1.99
C ASN D 167 -60.32 4.77 1.36
N ASP D 168 -59.24 5.07 2.09
CA ASP D 168 -58.06 5.56 1.43
C ASP D 168 -57.55 4.51 0.46
N LEU D 169 -56.68 4.93 -0.45
CA LEU D 169 -56.11 4.01 -1.50
C LEU D 169 -57.25 3.43 -2.34
N GLN D 170 -58.45 4.02 -2.27
CA GLN D 170 -59.55 3.55 -3.11
C GLN D 170 -59.33 3.95 -4.57
N PHE D 171 -58.89 5.18 -4.79
CA PHE D 171 -58.55 5.62 -6.13
C PHE D 171 -57.51 4.69 -6.75
N LEU D 172 -56.63 4.11 -5.92
CA LEU D 172 -55.68 3.15 -6.44
C LEU D 172 -56.32 1.80 -6.71
N ARG D 173 -57.43 1.49 -6.05
CA ARG D 173 -58.11 0.20 -6.30
C ARG D 173 -58.96 0.26 -7.57
N GLU D 174 -59.48 1.44 -7.92
CA GLU D 174 -60.41 1.52 -9.04
C GLU D 174 -59.54 1.68 -10.28
N ASN D 175 -58.34 2.24 -10.14
CA ASN D 175 -57.46 2.51 -11.27
C ASN D 175 -56.20 1.67 -11.12
N PRO D 176 -56.14 0.49 -11.72
CA PRO D 176 -54.91 -0.30 -11.73
C PRO D 176 -53.88 0.17 -12.73
N GLN D 177 -54.07 1.34 -13.35
CA GLN D 177 -53.18 1.82 -14.39
C GLN D 177 -52.33 3.02 -13.97
N VAL D 178 -52.60 3.62 -12.81
CA VAL D 178 -51.78 4.73 -12.37
C VAL D 178 -50.42 4.22 -11.93
N ASN D 179 -49.37 4.94 -12.32
CA ASN D 179 -48.00 4.66 -11.88
C ASN D 179 -47.64 5.69 -10.83
N LEU D 180 -48.07 5.44 -9.60
CA LEU D 180 -47.90 6.37 -8.51
C LEU D 180 -46.79 5.92 -7.59
N SER D 181 -46.07 6.89 -7.02
CA SER D 181 -44.95 6.61 -6.12
C SER D 181 -45.18 7.41 -4.85
N LEU D 182 -45.45 6.72 -3.76
CA LEU D 182 -45.80 7.42 -2.53
C LEU D 182 -44.55 7.66 -1.69
N ASP D 183 -44.73 8.41 -0.60
CA ASP D 183 -43.64 8.69 0.34
C ASP D 183 -44.27 9.20 1.62
N MET D 184 -44.01 8.52 2.74
CA MET D 184 -44.62 8.92 4.00
C MET D 184 -43.62 8.92 5.14
N SER D 185 -42.41 9.34 4.90
CA SER D 185 -41.38 9.28 5.93
C SER D 185 -41.74 10.21 7.09
N LEU D 186 -41.24 9.86 8.28
CA LEU D 186 -41.31 10.70 9.46
C LEU D 186 -42.74 11.00 9.90
N ASN D 187 -43.69 10.15 9.52
CA ASN D 187 -45.06 10.27 9.96
C ASN D 187 -45.32 9.29 11.09
N PRO D 188 -45.84 9.74 12.23
CA PRO D 188 -46.00 8.83 13.37
C PRO D 188 -47.13 7.85 13.11
N ILE D 189 -46.86 6.81 12.33
CA ILE D 189 -47.89 5.82 12.02
C ILE D 189 -47.92 4.83 13.17
N ASP D 190 -49.12 4.48 13.61
CA ASP D 190 -49.29 3.47 14.65
C ASP D 190 -50.36 2.43 14.37
N PHE D 191 -51.30 2.70 13.46
CA PHE D 191 -52.42 1.78 13.24
C PHE D 191 -52.69 1.70 11.74
N ILE D 192 -52.52 0.53 11.17
CA ILE D 192 -52.95 0.25 9.81
C ILE D 192 -54.13 -0.69 9.88
N GLN D 193 -55.31 -0.21 9.49
CA GLN D 193 -56.50 -1.04 9.49
C GLN D 193 -56.28 -2.27 8.61
N ASP D 194 -56.89 -3.39 9.02
CA ASP D 194 -56.72 -4.64 8.31
C ASP D 194 -57.25 -4.53 6.89
N GLN D 195 -56.68 -5.32 5.99
CA GLN D 195 -57.06 -5.37 4.58
C GLN D 195 -56.92 -4.02 3.89
N ALA D 196 -56.12 -3.12 4.45
CA ALA D 196 -55.94 -1.79 3.86
C ALA D 196 -55.33 -1.88 2.48
N PHE D 197 -54.12 -2.44 2.39
CA PHE D 197 -53.50 -2.69 1.10
C PHE D 197 -54.07 -4.00 0.55
N GLN D 198 -54.73 -3.91 -0.60
CA GLN D 198 -55.37 -5.10 -1.17
C GLN D 198 -55.64 -4.79 -2.64
N GLY D 199 -54.99 -5.54 -3.53
CA GLY D 199 -55.05 -5.21 -4.93
C GLY D 199 -54.34 -3.93 -5.30
N ILE D 200 -53.46 -3.44 -4.44
CA ILE D 200 -52.75 -2.19 -4.65
C ILE D 200 -51.46 -2.45 -5.43
N LYS D 201 -51.00 -1.45 -6.16
CA LYS D 201 -49.76 -1.56 -6.91
C LYS D 201 -49.07 -0.20 -6.88
N LEU D 202 -48.11 -0.04 -5.98
CA LEU D 202 -47.27 1.15 -5.90
C LEU D 202 -45.99 0.92 -6.67
N HIS D 203 -45.31 2.01 -7.02
CA HIS D 203 -43.99 1.88 -7.62
C HIS D 203 -42.86 2.20 -6.66
N GLU D 204 -43.16 2.82 -5.53
CA GLU D 204 -42.16 3.03 -4.51
C GLU D 204 -42.90 3.38 -3.23
N LEU D 205 -42.28 3.07 -2.10
CA LEU D 205 -42.91 3.35 -0.81
C LEU D 205 -41.82 3.47 0.24
N THR D 206 -41.55 4.70 0.66
CA THR D 206 -40.56 4.95 1.69
C THR D 206 -41.24 4.94 3.05
N LEU D 207 -40.58 4.35 4.04
CA LEU D 207 -41.11 4.32 5.40
C LEU D 207 -40.02 4.57 6.42
N ARG D 208 -39.05 5.40 6.07
CA ARG D 208 -37.94 5.64 6.99
C ARG D 208 -38.39 6.53 8.14
N GLY D 209 -38.03 6.13 9.35
CA GLY D 209 -38.22 6.98 10.50
C GLY D 209 -39.62 7.02 11.07
N ASN D 210 -40.46 6.03 10.75
CA ASN D 210 -41.84 6.06 11.21
C ASN D 210 -41.98 5.51 12.63
N PHE D 211 -41.68 4.22 12.81
CA PHE D 211 -42.05 3.56 14.09
C PHE D 211 -40.98 3.45 15.16
N ASN D 212 -41.37 3.33 16.44
CA ASN D 212 -40.33 3.31 17.51
C ASN D 212 -40.58 2.17 18.50
N SER D 213 -41.54 1.30 18.20
CA SER D 213 -41.77 0.13 19.06
C SER D 213 -41.67 -1.13 18.18
N SER D 214 -40.72 -2.02 18.48
CA SER D 214 -40.58 -3.28 17.70
C SER D 214 -41.96 -3.93 17.59
N ASN D 215 -42.76 -3.84 18.66
CA ASN D 215 -44.14 -4.39 18.64
C ASN D 215 -45.02 -3.67 17.61
N ILE D 216 -45.07 -2.34 17.63
CA ILE D 216 -45.94 -1.60 16.72
C ILE D 216 -45.46 -1.78 15.29
N MET D 217 -44.15 -1.70 15.08
CA MET D 217 -43.62 -1.94 13.74
C MET D 217 -43.98 -3.34 13.25
N LYS D 218 -43.86 -4.35 14.12
CA LYS D 218 -44.20 -5.70 13.72
C LYS D 218 -45.66 -5.79 13.29
N THR D 219 -46.57 -5.25 14.10
CA THR D 219 -47.98 -5.36 13.77
C THR D 219 -48.31 -4.60 12.49
N CYS D 220 -47.83 -3.37 12.36
CA CYS D 220 -48.14 -2.56 11.18
C CYS D 220 -47.59 -3.21 9.93
N LEU D 221 -46.31 -3.59 9.95
CA LEU D 221 -45.74 -4.29 8.82
C LEU D 221 -46.51 -5.55 8.49
N GLN D 222 -47.04 -6.22 9.51
CA GLN D 222 -47.85 -7.41 9.25
C GLN D 222 -49.12 -7.05 8.50
N ASN D 223 -49.70 -5.89 8.81
CA ASN D 223 -50.91 -5.52 8.07
C ASN D 223 -50.62 -5.08 6.64
N LEU D 224 -49.40 -5.15 6.12
CA LEU D 224 -49.11 -4.79 4.74
C LEU D 224 -49.47 -5.88 3.75
N ALA D 225 -50.15 -6.93 4.21
CA ALA D 225 -50.44 -8.07 3.34
C ALA D 225 -51.25 -7.65 2.13
N GLY D 226 -50.87 -8.15 0.96
CA GLY D 226 -51.53 -7.87 -0.28
C GLY D 226 -50.85 -6.82 -1.12
N LEU D 227 -49.96 -6.02 -0.52
CA LEU D 227 -49.24 -4.99 -1.25
C LEU D 227 -48.37 -5.60 -2.35
N HIS D 228 -48.16 -4.83 -3.41
CA HIS D 228 -47.28 -5.24 -4.49
C HIS D 228 -46.45 -4.03 -4.88
N VAL D 229 -45.26 -3.90 -4.31
CA VAL D 229 -44.43 -2.72 -4.43
C VAL D 229 -43.18 -3.06 -5.22
N HIS D 230 -42.76 -2.12 -6.08
CA HIS D 230 -41.57 -2.32 -6.90
C HIS D 230 -40.28 -1.91 -6.20
N ARG D 231 -40.36 -1.10 -5.15
CA ARG D 231 -39.16 -0.73 -4.42
C ARG D 231 -39.59 -0.32 -3.02
N LEU D 232 -39.25 -1.13 -2.04
CA LEU D 232 -39.58 -0.86 -0.64
C LEU D 232 -38.30 -0.41 0.07
N ILE D 233 -38.34 0.78 0.65
CA ILE D 233 -37.17 1.38 1.28
C ILE D 233 -37.48 1.54 2.76
N LEU D 234 -36.69 0.89 3.60
CA LEU D 234 -36.87 0.91 5.04
C LEU D 234 -35.62 1.45 5.72
N GLY D 235 -35.72 1.70 7.01
CA GLY D 235 -34.58 2.12 7.78
C GLY D 235 -34.97 3.19 8.77
N GLU D 236 -33.97 3.89 9.28
CA GLU D 236 -34.16 4.94 10.26
C GLU D 236 -33.30 6.13 9.86
N PHE D 237 -33.20 7.10 10.78
CA PHE D 237 -32.33 8.23 10.62
C PHE D 237 -31.43 8.33 11.85
N LYS D 238 -30.30 9.04 11.71
CA LYS D 238 -29.35 9.11 12.80
C LYS D 238 -29.77 10.12 13.86
N ASP D 239 -30.40 11.22 13.45
CA ASP D 239 -30.75 12.29 14.37
C ASP D 239 -32.19 12.19 14.87
N GLU D 240 -32.73 10.98 14.96
CA GLU D 240 -34.13 10.79 15.32
C GLU D 240 -34.26 9.66 16.33
N ARG D 241 -35.41 9.60 16.98
CA ARG D 241 -35.74 8.46 17.80
C ARG D 241 -35.91 7.23 16.93
N ASN D 242 -35.58 6.07 17.49
CA ASN D 242 -35.47 4.88 16.65
C ASN D 242 -35.47 3.63 17.52
N LEU D 243 -35.69 2.49 16.85
CA LEU D 243 -35.76 1.21 17.53
C LEU D 243 -34.46 0.90 18.23
N GLU D 244 -34.55 0.42 19.47
CA GLU D 244 -33.37 0.01 20.21
C GLU D 244 -33.12 -1.49 20.16
N ILE D 245 -34.08 -2.27 19.67
CA ILE D 245 -33.87 -3.69 19.45
C ILE D 245 -34.48 -4.07 18.10
N PHE D 246 -33.68 -4.73 17.26
CA PHE D 246 -34.10 -5.08 15.91
C PHE D 246 -33.83 -6.56 15.70
N GLU D 247 -34.88 -7.31 15.38
CA GLU D 247 -34.77 -8.75 15.24
C GLU D 247 -35.53 -9.22 14.01
N PRO D 248 -35.13 -10.35 13.43
CA PRO D 248 -35.83 -10.85 12.23
C PRO D 248 -37.31 -11.12 12.45
N SER D 249 -37.77 -11.17 13.70
CA SER D 249 -39.20 -11.32 13.93
C SER D 249 -39.97 -10.12 13.42
N ILE D 250 -39.35 -8.95 13.36
CA ILE D 250 -40.00 -7.77 12.80
C ILE D 250 -40.35 -8.01 11.34
N MET D 251 -39.44 -8.62 10.59
CA MET D 251 -39.66 -8.86 9.17
C MET D 251 -40.80 -9.84 8.91
N GLU D 252 -41.39 -10.43 9.95
CA GLU D 252 -42.62 -11.16 9.76
C GLU D 252 -43.69 -10.21 9.21
N GLY D 253 -44.63 -10.76 8.46
CA GLY D 253 -45.62 -9.95 7.78
C GLY D 253 -45.17 -9.58 6.39
N LEU D 254 -43.88 -9.27 6.24
CA LEU D 254 -43.32 -9.06 4.90
C LEU D 254 -43.28 -10.33 4.10
N CYS D 255 -43.66 -11.46 4.68
CA CYS D 255 -43.50 -12.75 4.02
C CYS D 255 -44.59 -13.02 2.98
N ASP D 256 -45.63 -12.19 2.92
CA ASP D 256 -46.66 -12.30 1.90
C ASP D 256 -46.75 -11.08 1.00
N VAL D 257 -45.86 -10.10 1.19
CA VAL D 257 -45.76 -8.98 0.27
C VAL D 257 -45.01 -9.43 -0.99
N THR D 258 -45.02 -8.59 -2.01
CA THR D 258 -44.45 -8.95 -3.30
C THR D 258 -43.32 -8.01 -3.68
N ILE D 259 -42.41 -7.74 -2.73
CA ILE D 259 -41.28 -6.85 -2.98
C ILE D 259 -40.51 -7.27 -4.22
N ASP D 260 -40.02 -6.28 -4.95
CA ASP D 260 -39.15 -6.48 -6.10
C ASP D 260 -37.77 -5.87 -5.91
N GLU D 261 -37.66 -4.85 -5.05
CA GLU D 261 -36.34 -4.26 -4.73
C GLU D 261 -36.31 -3.85 -3.26
N PHE D 262 -35.76 -4.71 -2.40
CA PHE D 262 -35.76 -4.39 -0.95
C PHE D 262 -34.52 -3.57 -0.60
N ARG D 263 -34.73 -2.29 -0.28
CA ARG D 263 -33.60 -1.42 0.15
C ARG D 263 -33.68 -1.26 1.67
N LEU D 264 -32.54 -1.35 2.36
CA LEU D 264 -32.53 -1.23 3.81
C LEU D 264 -31.44 -0.24 4.18
N THR D 265 -31.84 0.93 4.63
CA THR D 265 -30.89 1.99 4.93
C THR D 265 -30.42 1.86 6.37
N TYR D 266 -29.81 2.92 6.89
CA TYR D 266 -29.20 2.92 8.20
C TYR D 266 -30.12 2.33 9.26
N THR D 267 -29.53 1.61 10.20
CA THR D 267 -30.27 1.02 11.32
C THR D 267 -29.39 1.09 12.56
N ASN D 268 -29.97 1.51 13.68
CA ASN D 268 -29.20 1.75 14.89
C ASN D 268 -28.58 0.46 15.41
N ASP D 269 -29.42 -0.51 15.77
CA ASP D 269 -28.96 -1.83 16.14
C ASP D 269 -29.22 -2.79 14.99
N PHE D 270 -28.25 -3.65 14.70
CA PHE D 270 -28.34 -4.51 13.53
C PHE D 270 -27.70 -5.85 13.88
N SER D 271 -28.45 -6.93 13.72
CA SER D 271 -27.94 -8.27 13.88
C SER D 271 -27.86 -8.95 12.52
N ASP D 272 -26.74 -9.63 12.27
CA ASP D 272 -26.46 -10.16 10.94
C ASP D 272 -27.48 -11.18 10.47
N ASP D 273 -28.34 -11.69 11.36
CA ASP D 273 -29.34 -12.68 10.97
C ASP D 273 -30.50 -12.08 10.20
N ILE D 274 -30.66 -10.75 10.20
CA ILE D 274 -31.76 -10.12 9.49
C ILE D 274 -31.77 -10.53 8.02
N VAL D 275 -30.62 -10.41 7.36
CA VAL D 275 -30.55 -10.76 5.95
C VAL D 275 -30.72 -12.25 5.75
N LYS D 276 -30.60 -13.04 6.80
CA LYS D 276 -30.87 -14.47 6.74
C LYS D 276 -32.28 -14.78 7.22
N PHE D 277 -33.28 -14.15 6.59
CA PHE D 277 -34.67 -14.41 6.90
C PHE D 277 -35.32 -15.12 5.73
N HIS D 278 -36.14 -16.13 6.05
CA HIS D 278 -36.59 -17.06 5.02
C HIS D 278 -37.53 -16.44 4.02
N CYS D 279 -38.06 -15.24 4.27
CA CYS D 279 -38.98 -14.63 3.33
C CYS D 279 -38.41 -13.36 2.70
N LEU D 280 -37.11 -13.38 2.43
CA LEU D 280 -36.49 -12.49 1.46
C LEU D 280 -36.08 -13.23 0.21
N ALA D 281 -36.39 -14.53 0.12
CA ALA D 281 -35.80 -15.38 -0.89
C ALA D 281 -36.22 -14.99 -2.31
N ASN D 282 -37.36 -14.33 -2.46
CA ASN D 282 -37.84 -13.97 -3.78
C ASN D 282 -37.49 -12.53 -4.15
N VAL D 283 -36.91 -11.76 -3.22
CA VAL D 283 -36.44 -10.42 -3.54
C VAL D 283 -35.47 -10.48 -4.72
N SER D 284 -35.65 -9.59 -5.68
CA SER D 284 -34.86 -9.65 -6.89
C SER D 284 -33.59 -8.83 -6.83
N ALA D 285 -33.54 -7.79 -5.99
CA ALA D 285 -32.36 -6.94 -5.94
C ALA D 285 -32.19 -6.44 -4.50
N MET D 286 -31.39 -7.16 -3.72
CA MET D 286 -31.10 -6.72 -2.37
C MET D 286 -30.18 -5.51 -2.41
N SER D 287 -30.20 -4.74 -1.32
CA SER D 287 -29.38 -3.54 -1.24
C SER D 287 -29.30 -3.09 0.21
N LEU D 288 -28.10 -2.80 0.67
CA LEU D 288 -27.87 -2.23 1.99
C LEU D 288 -27.06 -0.96 1.82
N ALA D 289 -27.27 0.02 2.69
CA ALA D 289 -26.59 1.32 2.59
C ALA D 289 -26.50 1.93 3.97
N GLY D 290 -25.36 1.73 4.63
CA GLY D 290 -25.12 2.35 5.91
C GLY D 290 -25.37 1.48 7.12
N VAL D 291 -25.86 0.25 6.92
CA VAL D 291 -26.10 -0.64 8.05
C VAL D 291 -24.77 -1.10 8.64
N SER D 292 -24.72 -1.18 9.96
CA SER D 292 -23.50 -1.57 10.66
C SER D 292 -23.36 -3.09 10.71
N ILE D 293 -23.27 -3.68 9.52
CA ILE D 293 -23.07 -5.13 9.45
C ILE D 293 -21.63 -5.47 9.78
N LYS D 294 -21.42 -6.69 10.23
CA LYS D 294 -20.09 -7.17 10.58
C LYS D 294 -19.68 -8.39 9.76
N TYR D 295 -20.55 -9.39 9.66
CA TYR D 295 -20.25 -10.60 8.94
C TYR D 295 -21.46 -10.99 8.11
N LEU D 296 -21.24 -11.22 6.83
CA LEU D 296 -22.25 -11.79 5.95
C LEU D 296 -21.78 -13.22 5.70
N GLU D 297 -22.13 -14.12 6.62
CA GLU D 297 -21.44 -15.41 6.68
C GLU D 297 -21.92 -16.37 5.60
N ASP D 298 -23.18 -16.76 5.64
CA ASP D 298 -23.68 -17.76 4.69
C ASP D 298 -25.18 -17.54 4.51
N VAL D 299 -25.60 -17.36 3.28
CA VAL D 299 -27.02 -17.22 2.98
C VAL D 299 -27.46 -18.47 2.24
N PRO D 300 -28.71 -18.88 2.36
CA PRO D 300 -29.17 -20.10 1.68
C PRO D 300 -28.98 -20.01 0.17
N LYS D 301 -29.08 -21.16 -0.47
CA LYS D 301 -28.81 -21.28 -1.90
C LYS D 301 -30.07 -21.26 -2.74
N HIS D 302 -31.25 -21.20 -2.14
CA HIS D 302 -32.49 -21.03 -2.89
C HIS D 302 -32.89 -19.58 -3.02
N PHE D 303 -32.10 -18.65 -2.49
CA PHE D 303 -32.36 -17.23 -2.67
C PHE D 303 -32.24 -16.86 -4.14
N LYS D 304 -33.09 -15.93 -4.57
CA LYS D 304 -33.14 -15.53 -5.98
C LYS D 304 -32.61 -14.13 -6.21
N TRP D 305 -31.69 -13.68 -5.35
CA TRP D 305 -31.08 -12.37 -5.54
C TRP D 305 -30.35 -12.31 -6.87
N GLN D 306 -30.70 -11.34 -7.69
CA GLN D 306 -30.00 -11.08 -8.94
C GLN D 306 -29.07 -9.90 -8.85
N SER D 307 -28.93 -9.31 -7.67
CA SER D 307 -28.07 -8.15 -7.47
C SER D 307 -27.85 -8.00 -5.98
N LEU D 308 -26.81 -7.25 -5.63
CA LEU D 308 -26.48 -7.05 -4.23
C LEU D 308 -25.52 -5.88 -4.14
N SER D 309 -25.86 -4.89 -3.33
CA SER D 309 -25.03 -3.72 -3.15
C SER D 309 -24.81 -3.52 -1.66
N ILE D 310 -23.58 -3.19 -1.29
CA ILE D 310 -23.20 -2.95 0.09
C ILE D 310 -22.36 -1.70 0.09
N ILE D 311 -22.97 -0.55 0.37
CA ILE D 311 -22.32 0.74 0.25
C ILE D 311 -22.23 1.39 1.62
N ARG D 312 -21.07 1.94 1.94
CA ARG D 312 -20.80 2.64 3.19
C ARG D 312 -20.99 1.77 4.43
N CYS D 313 -21.19 0.46 4.27
CA CYS D 313 -21.41 -0.42 5.41
C CYS D 313 -20.09 -0.89 5.98
N GLN D 314 -20.02 -0.96 7.31
CA GLN D 314 -18.88 -1.55 7.98
C GLN D 314 -18.76 -3.02 7.61
N LEU D 315 -17.55 -3.55 7.71
CA LEU D 315 -17.31 -4.97 7.52
C LEU D 315 -15.98 -5.32 8.17
N LYS D 316 -15.90 -6.53 8.71
CA LYS D 316 -14.68 -7.01 9.35
C LYS D 316 -14.01 -8.11 8.54
N GLN D 317 -14.57 -8.48 7.41
CA GLN D 317 -14.07 -9.61 6.65
C GLN D 317 -14.78 -9.64 5.31
N PHE D 318 -14.08 -10.04 4.27
CA PHE D 318 -14.71 -10.18 2.98
C PHE D 318 -15.81 -11.22 3.08
N PRO D 319 -17.03 -10.93 2.61
CA PRO D 319 -18.13 -11.87 2.77
C PRO D 319 -17.87 -13.19 2.05
N THR D 320 -18.63 -14.20 2.46
CA THR D 320 -18.57 -15.52 1.86
C THR D 320 -19.87 -15.77 1.11
N LEU D 321 -19.78 -15.94 -0.20
CA LEU D 321 -20.96 -15.97 -1.05
C LEU D 321 -20.89 -17.15 -2.00
N ASP D 322 -22.05 -17.80 -2.19
CA ASP D 322 -22.15 -18.86 -3.19
C ASP D 322 -23.48 -18.81 -3.94
N LEU D 323 -24.14 -17.68 -4.01
CA LEU D 323 -25.42 -17.55 -4.69
C LEU D 323 -25.26 -17.91 -6.17
N PRO D 324 -26.06 -18.85 -6.68
CA PRO D 324 -25.92 -19.25 -8.09
C PRO D 324 -26.66 -18.36 -9.07
N PHE D 325 -27.49 -17.42 -8.60
CA PHE D 325 -28.24 -16.54 -9.49
C PHE D 325 -27.73 -15.10 -9.43
N LEU D 326 -26.90 -14.77 -8.44
CA LEU D 326 -26.46 -13.40 -8.29
C LEU D 326 -25.58 -12.97 -9.45
N LYS D 327 -25.85 -11.78 -9.96
CA LYS D 327 -24.96 -11.07 -10.86
C LYS D 327 -24.82 -9.65 -10.33
N SER D 328 -23.82 -8.94 -10.83
CA SER D 328 -23.64 -7.53 -10.49
C SER D 328 -23.48 -7.33 -8.98
N LEU D 329 -22.40 -7.86 -8.43
CA LEU D 329 -22.06 -7.58 -7.05
C LEU D 329 -21.34 -6.24 -6.95
N THR D 330 -21.56 -5.54 -5.84
CA THR D 330 -20.96 -4.22 -5.64
C THR D 330 -20.67 -4.04 -4.16
N LEU D 331 -19.43 -3.75 -3.82
CA LEU D 331 -19.04 -3.53 -2.43
C LEU D 331 -18.13 -2.31 -2.42
N THR D 332 -18.68 -1.14 -2.16
CA THR D 332 -17.97 0.10 -2.38
C THR D 332 -17.85 0.86 -1.07
N MET D 333 -16.77 1.64 -0.97
CA MET D 333 -16.59 2.61 0.12
C MET D 333 -16.67 1.98 1.50
N ASN D 334 -16.27 0.72 1.62
CA ASN D 334 -16.36 0.02 2.90
C ASN D 334 -15.57 0.69 4.01
N LYS D 335 -16.13 0.74 5.21
CA LYS D 335 -15.50 1.49 6.31
C LYS D 335 -14.21 0.90 6.86
N GLY D 336 -13.90 -0.35 6.54
CA GLY D 336 -12.73 -0.96 7.14
C GLY D 336 -11.66 -1.27 6.11
N SER D 337 -10.63 -1.98 6.54
CA SER D 337 -9.59 -2.46 5.64
C SER D 337 -9.65 -3.98 5.63
N ILE D 338 -10.10 -4.54 4.52
CA ILE D 338 -10.28 -5.98 4.41
C ILE D 338 -9.36 -6.52 3.32
N SER D 339 -9.21 -7.84 3.32
CA SER D 339 -8.42 -8.54 2.33
C SER D 339 -9.31 -9.44 1.51
N PHE D 340 -9.04 -9.52 0.21
CA PHE D 340 -9.89 -10.32 -0.66
C PHE D 340 -9.81 -11.79 -0.28
N LYS D 341 -10.87 -12.52 -0.58
CA LYS D 341 -10.94 -13.96 -0.37
C LYS D 341 -11.72 -14.57 -1.52
N LYS D 342 -11.40 -15.83 -1.83
CA LYS D 342 -12.05 -16.50 -2.94
C LYS D 342 -13.56 -16.57 -2.74
N VAL D 343 -14.29 -16.45 -3.85
CA VAL D 343 -15.74 -16.61 -3.86
C VAL D 343 -16.09 -17.56 -5.01
N ALA D 344 -17.38 -17.91 -5.10
CA ALA D 344 -17.86 -18.81 -6.14
C ALA D 344 -19.21 -18.28 -6.62
N LEU D 345 -19.19 -17.52 -7.72
CA LEU D 345 -20.37 -16.87 -8.25
C LEU D 345 -20.47 -17.19 -9.74
N PRO D 346 -21.14 -18.28 -10.10
CA PRO D 346 -21.14 -18.72 -11.50
C PRO D 346 -21.84 -17.77 -12.46
N SER D 347 -22.61 -16.81 -11.97
CA SER D 347 -23.38 -15.93 -12.84
C SER D 347 -23.00 -14.48 -12.70
N LEU D 348 -21.90 -14.19 -12.01
CA LEU D 348 -21.45 -12.81 -11.86
C LEU D 348 -21.08 -12.22 -13.20
N SER D 349 -21.45 -10.96 -13.41
CA SER D 349 -21.14 -10.28 -14.66
C SER D 349 -20.73 -8.83 -14.45
N TYR D 350 -20.55 -8.39 -13.20
CA TYR D 350 -20.21 -7.01 -12.92
C TYR D 350 -19.71 -6.96 -11.49
N LEU D 351 -18.48 -6.53 -11.30
CA LEU D 351 -17.88 -6.42 -9.99
C LEU D 351 -17.40 -5.00 -9.79
N ASP D 352 -17.45 -4.52 -8.56
CA ASP D 352 -17.07 -3.15 -8.26
C ASP D 352 -16.66 -3.10 -6.80
N LEU D 353 -15.37 -3.08 -6.53
CA LEU D 353 -14.84 -3.10 -5.18
C LEU D 353 -14.02 -1.85 -4.89
N SER D 354 -14.42 -0.73 -5.46
CA SER D 354 -13.64 0.49 -5.40
C SER D 354 -13.67 1.09 -4.01
N ARG D 355 -12.79 2.08 -3.81
CA ARG D 355 -12.79 2.96 -2.65
C ARG D 355 -12.65 2.22 -1.33
N ASN D 356 -12.38 0.91 -1.37
CA ASN D 356 -12.14 0.19 -0.08
C ASN D 356 -10.64 0.15 0.12
N ALA D 357 -10.19 -0.50 1.21
CA ALA D 357 -8.74 -0.72 1.35
C ALA D 357 -8.54 -2.19 0.98
N LEU D 358 -9.27 -2.66 -0.04
CA LEU D 358 -9.22 -4.08 -0.46
C LEU D 358 -7.75 -4.25 -0.81
N SER D 359 -7.03 -5.00 0.03
CA SER D 359 -5.62 -5.38 -0.27
C SER D 359 -5.78 -6.75 -0.90
N PHE D 360 -5.51 -6.88 -2.18
CA PHE D 360 -5.83 -8.11 -2.91
C PHE D 360 -4.51 -8.78 -3.28
N SER D 361 -3.96 -9.54 -2.33
CA SER D 361 -2.59 -10.13 -2.47
C SER D 361 -2.42 -11.08 -3.67
N GLY D 362 -3.19 -12.17 -3.73
CA GLY D 362 -3.16 -13.05 -4.92
C GLY D 362 -3.88 -12.29 -6.01
N CYS D 363 -3.80 -12.72 -7.28
CA CYS D 363 -4.43 -11.80 -8.27
C CYS D 363 -4.82 -12.50 -9.56
N CYS D 364 -5.77 -11.90 -10.30
CA CYS D 364 -6.16 -12.38 -11.65
C CYS D 364 -6.19 -13.88 -11.84
N SER D 365 -6.93 -14.62 -11.02
CA SER D 365 -7.10 -16.07 -11.32
C SER D 365 -8.58 -16.43 -11.46
N TYR D 366 -8.92 -17.38 -12.33
CA TYR D 366 -10.33 -17.83 -12.39
C TYR D 366 -10.67 -18.44 -11.03
N SER D 367 -9.68 -19.11 -10.43
CA SER D 367 -9.88 -19.69 -9.08
C SER D 367 -10.29 -18.60 -8.08
N ASP D 368 -10.01 -17.31 -8.36
CA ASP D 368 -10.36 -16.31 -7.32
C ASP D 368 -11.88 -16.11 -7.33
N LEU D 369 -12.42 -15.66 -8.46
CA LEU D 369 -13.89 -15.48 -8.61
C LEU D 369 -14.37 -16.46 -9.68
N GLY D 370 -15.10 -17.51 -9.29
CA GLY D 370 -15.52 -18.55 -10.26
C GLY D 370 -16.59 -18.06 -11.23
N THR D 371 -16.21 -17.23 -12.21
CA THR D 371 -17.19 -16.70 -13.20
C THR D 371 -16.51 -16.57 -14.57
N ASN D 372 -17.05 -17.25 -15.60
CA ASN D 372 -16.53 -17.09 -16.95
C ASN D 372 -17.32 -16.03 -17.71
N SER D 373 -17.93 -15.09 -17.00
CA SER D 373 -18.77 -14.09 -17.62
C SER D 373 -18.55 -12.69 -17.06
N LEU D 374 -17.39 -12.42 -16.48
CA LEU D 374 -17.09 -11.09 -15.99
C LEU D 374 -16.92 -10.14 -17.16
N ARG D 375 -17.41 -8.91 -16.98
CA ARG D 375 -17.28 -7.90 -18.03
C ARG D 375 -16.88 -6.54 -17.51
N HIS D 376 -16.89 -6.31 -16.20
CA HIS D 376 -16.57 -5.00 -15.69
C HIS D 376 -15.91 -5.20 -14.34
N LEU D 377 -14.60 -5.05 -14.30
CA LEU D 377 -13.85 -5.14 -13.07
C LEU D 377 -13.38 -3.75 -12.67
N ASP D 378 -13.38 -3.48 -11.38
CA ASP D 378 -13.04 -2.16 -10.89
C ASP D 378 -12.43 -2.31 -9.51
N LEU D 379 -11.13 -2.05 -9.40
CA LEU D 379 -10.42 -2.18 -8.13
C LEU D 379 -9.74 -0.89 -7.77
N SER D 380 -10.31 0.24 -8.18
CA SER D 380 -9.66 1.53 -8.04
C SER D 380 -9.60 1.96 -6.58
N PHE D 381 -8.67 2.87 -6.30
CA PHE D 381 -8.55 3.52 -5.00
C PHE D 381 -8.37 2.55 -3.86
N ASN D 382 -7.87 1.34 -4.15
CA ASN D 382 -7.69 0.31 -3.14
C ASN D 382 -6.28 0.39 -2.55
N GLY D 383 -5.94 -0.60 -1.74
CA GLY D 383 -4.67 -0.57 -1.03
C GLY D 383 -3.45 -1.02 -1.80
N ALA D 384 -3.36 -2.30 -2.16
CA ALA D 384 -2.15 -2.83 -2.78
C ALA D 384 -2.50 -4.09 -3.54
N ILE D 385 -2.63 -3.99 -4.84
CA ILE D 385 -2.84 -5.15 -5.70
C ILE D 385 -1.48 -5.78 -5.97
N ILE D 386 -1.43 -7.10 -6.03
CA ILE D 386 -0.21 -7.83 -6.33
C ILE D 386 -0.50 -8.77 -7.48
N MET D 387 0.12 -8.52 -8.63
CA MET D 387 -0.15 -9.32 -9.80
C MET D 387 0.67 -10.60 -9.75
N SER D 388 0.00 -11.73 -9.90
CA SER D 388 0.70 -13.01 -9.99
C SER D 388 0.06 -13.95 -11.00
N ALA D 389 -0.77 -13.47 -11.91
CA ALA D 389 -1.33 -14.29 -12.97
C ALA D 389 -1.79 -13.40 -14.10
N ASN D 390 -2.02 -14.01 -15.28
CA ASN D 390 -2.36 -13.30 -16.50
C ASN D 390 -3.86 -13.26 -16.77
N PHE D 391 -4.70 -13.25 -15.71
CA PHE D 391 -6.15 -13.33 -15.89
C PHE D 391 -6.51 -14.54 -16.76
N MET D 392 -6.09 -15.71 -16.31
CA MET D 392 -6.09 -16.87 -17.20
C MET D 392 -7.50 -17.35 -17.51
N GLY D 393 -8.48 -17.04 -16.66
CA GLY D 393 -9.83 -17.49 -16.94
C GLY D 393 -10.76 -16.37 -17.37
N LEU D 394 -10.35 -15.13 -17.15
CA LEU D 394 -11.20 -13.96 -17.37
C LEU D 394 -10.92 -13.34 -18.74
N GLU D 395 -11.22 -14.09 -19.79
CA GLU D 395 -10.96 -13.66 -21.15
C GLU D 395 -12.11 -12.88 -21.76
N GLU D 396 -13.09 -12.46 -20.97
CA GLU D 396 -14.21 -11.66 -21.46
C GLU D 396 -14.20 -10.24 -20.93
N LEU D 397 -13.30 -9.92 -20.03
CA LEU D 397 -13.27 -8.60 -19.39
C LEU D 397 -13.12 -7.51 -20.45
N GLN D 398 -13.97 -6.49 -20.34
CA GLN D 398 -13.97 -5.37 -21.28
C GLN D 398 -13.69 -4.03 -20.62
N HIS D 399 -13.44 -4.01 -19.32
CA HIS D 399 -13.34 -2.74 -18.62
C HIS D 399 -12.57 -3.00 -17.34
N LEU D 400 -11.37 -2.45 -17.26
CA LEU D 400 -10.48 -2.70 -16.14
C LEU D 400 -10.00 -1.36 -15.60
N ASP D 401 -9.81 -1.27 -14.30
CA ASP D 401 -9.60 0.04 -13.70
C ASP D 401 -8.82 -0.10 -12.41
N PHE D 402 -7.56 0.32 -12.43
CA PHE D 402 -6.77 0.61 -11.24
C PHE D 402 -6.47 2.09 -11.30
N GLN D 403 -6.73 2.81 -10.22
CA GLN D 403 -6.53 4.25 -10.38
C GLN D 403 -5.69 4.86 -9.27
N HIS D 404 -5.73 4.30 -8.09
CA HIS D 404 -4.84 4.76 -7.04
C HIS D 404 -4.39 3.60 -6.18
N SER D 405 -4.38 2.41 -6.75
CA SER D 405 -4.04 1.19 -6.06
C SER D 405 -2.59 0.85 -6.36
N THR D 406 -1.78 0.68 -5.31
CA THR D 406 -0.38 0.32 -5.50
C THR D 406 -0.31 -1.03 -6.22
N LEU D 407 0.13 -0.99 -7.48
CA LEU D 407 0.09 -2.15 -8.36
C LEU D 407 1.49 -2.72 -8.50
N LYS D 408 1.70 -3.92 -7.96
CA LYS D 408 3.03 -4.51 -7.83
C LYS D 408 3.23 -5.65 -8.81
N ARG D 409 4.51 -5.88 -9.14
CA ARG D 409 4.91 -6.99 -10.05
C ARG D 409 4.15 -6.92 -11.37
N VAL D 410 3.86 -5.71 -11.86
CA VAL D 410 3.25 -5.62 -13.17
C VAL D 410 4.30 -5.59 -14.28
N THR D 411 5.52 -5.16 -13.98
CA THR D 411 6.59 -5.09 -14.98
C THR D 411 7.42 -6.36 -15.06
N GLU D 412 7.37 -7.23 -14.07
CA GLU D 412 8.22 -8.40 -14.01
C GLU D 412 7.85 -9.47 -15.02
N PHE D 413 6.74 -9.32 -15.72
CA PHE D 413 6.32 -10.31 -16.71
C PHE D 413 5.23 -9.66 -17.54
N SER D 414 4.79 -10.35 -18.59
CA SER D 414 3.82 -9.79 -19.51
C SER D 414 2.42 -10.03 -18.96
N ALA D 415 2.03 -9.18 -18.02
CA ALA D 415 0.67 -9.22 -17.51
C ALA D 415 -0.30 -8.79 -18.60
N PHE D 416 -1.59 -8.84 -18.28
CA PHE D 416 -2.64 -8.53 -19.25
C PHE D 416 -2.51 -9.36 -20.52
N LEU D 417 -1.94 -10.55 -20.41
CA LEU D 417 -1.60 -11.30 -21.61
C LEU D 417 -2.78 -12.04 -22.20
N SER D 418 -3.78 -12.39 -21.40
CA SER D 418 -4.90 -13.15 -21.90
C SER D 418 -6.11 -12.28 -22.23
N LEU D 419 -6.07 -10.98 -21.92
CA LEU D 419 -7.20 -10.09 -22.15
C LEU D 419 -7.22 -9.66 -23.61
N GLU D 420 -7.63 -10.59 -24.47
CA GLU D 420 -7.60 -10.32 -25.91
C GLU D 420 -8.68 -9.34 -26.35
N LYS D 421 -9.75 -9.17 -25.58
CA LYS D 421 -10.82 -8.22 -25.91
C LYS D 421 -11.06 -7.30 -24.73
N LEU D 422 -10.24 -6.26 -24.61
CA LEU D 422 -10.37 -5.26 -23.56
C LEU D 422 -10.38 -3.91 -24.23
N LEU D 423 -11.22 -3.02 -23.74
CA LEU D 423 -11.39 -1.73 -24.39
C LEU D 423 -10.91 -0.55 -23.57
N TYR D 424 -10.92 -0.66 -22.25
CA TYR D 424 -10.62 0.49 -21.40
C TYR D 424 -9.69 0.03 -20.28
N LEU D 425 -8.42 0.33 -20.41
CA LEU D 425 -7.46 0.10 -19.34
C LEU D 425 -7.14 1.43 -18.67
N ASP D 426 -6.82 1.38 -17.39
CA ASP D 426 -6.54 2.59 -16.63
C ASP D 426 -5.60 2.18 -15.51
N ILE D 427 -4.37 2.69 -15.54
CA ILE D 427 -3.39 2.35 -14.52
C ILE D 427 -2.76 3.62 -13.96
N SER D 428 -3.48 4.73 -14.09
CA SER D 428 -2.95 6.02 -13.67
C SER D 428 -2.62 6.01 -12.18
N TYR D 429 -1.60 6.78 -11.82
CA TYR D 429 -1.24 7.05 -10.42
C TYR D 429 -0.94 5.78 -9.63
N THR D 430 -0.78 4.65 -10.30
CA THR D 430 -0.20 3.46 -9.71
C THR D 430 1.30 3.54 -9.94
N ASN D 431 2.07 3.68 -8.87
CA ASN D 431 3.48 3.97 -9.04
C ASN D 431 4.17 2.82 -9.74
N THR D 432 4.42 2.97 -11.04
CA THR D 432 4.76 1.85 -11.92
C THR D 432 5.94 2.25 -12.81
N LYS D 433 7.14 1.89 -12.36
CA LYS D 433 8.36 2.19 -13.11
C LYS D 433 8.41 1.29 -14.33
N ILE D 434 7.94 1.78 -15.47
CA ILE D 434 7.94 0.97 -16.68
C ILE D 434 9.39 0.72 -17.10
N ASP D 435 9.84 -0.51 -16.96
CA ASP D 435 11.19 -0.89 -17.40
C ASP D 435 11.15 -2.24 -18.09
N PHE D 436 10.14 -2.46 -18.93
CA PHE D 436 10.04 -3.69 -19.70
C PHE D 436 9.18 -3.40 -20.91
N ASP D 437 9.62 -3.85 -22.08
CA ASP D 437 8.97 -3.51 -23.35
C ASP D 437 7.91 -4.51 -23.77
N GLY D 438 7.41 -5.32 -22.85
CA GLY D 438 6.36 -6.26 -23.21
C GLY D 438 5.20 -6.17 -22.25
N ILE D 439 5.14 -5.07 -21.49
CA ILE D 439 4.15 -4.94 -20.43
C ILE D 439 2.74 -4.85 -21.02
N PHE D 440 2.57 -4.15 -22.14
CA PHE D 440 1.25 -3.99 -22.76
C PHE D 440 1.05 -4.98 -23.89
N LEU D 441 1.61 -6.17 -23.78
CA LEU D 441 1.48 -7.15 -24.85
C LEU D 441 0.18 -7.92 -24.71
N GLY D 442 -0.44 -8.22 -25.84
CA GLY D 442 -1.67 -8.98 -25.88
C GLY D 442 -2.93 -8.14 -26.00
N LEU D 443 -2.87 -6.87 -25.60
CA LEU D 443 -4.04 -5.98 -25.64
C LEU D 443 -4.26 -5.48 -27.07
N THR D 444 -4.71 -6.39 -27.93
CA THR D 444 -4.89 -6.05 -29.34
C THR D 444 -6.13 -5.22 -29.63
N SER D 445 -7.01 -5.03 -28.64
CA SER D 445 -8.27 -4.31 -28.87
C SER D 445 -8.41 -3.08 -28.00
N LEU D 446 -7.37 -2.68 -27.28
CA LEU D 446 -7.48 -1.56 -26.36
C LEU D 446 -7.80 -0.27 -27.12
N ASN D 447 -8.56 0.60 -26.46
CA ASN D 447 -8.90 1.89 -27.02
C ASN D 447 -8.51 3.06 -26.13
N THR D 448 -8.22 2.84 -24.86
CA THR D 448 -7.99 3.96 -23.95
C THR D 448 -6.96 3.54 -22.91
N LEU D 449 -5.77 4.11 -23.02
CA LEU D 449 -4.80 4.05 -21.92
C LEU D 449 -4.89 5.29 -21.08
N LYS D 450 -4.57 5.14 -19.80
CA LYS D 450 -4.57 6.28 -18.89
C LYS D 450 -3.45 5.99 -17.89
N MET D 451 -2.29 6.59 -18.10
CA MET D 451 -1.20 6.51 -17.16
C MET D 451 -0.72 7.93 -16.92
N ALA D 452 -0.73 8.37 -15.67
CA ALA D 452 -0.26 9.70 -15.35
C ALA D 452 0.96 9.71 -14.44
N GLY D 453 0.87 9.14 -13.25
CA GLY D 453 1.97 9.26 -12.30
C GLY D 453 2.98 8.14 -12.41
N ASN D 454 3.21 7.64 -13.62
CA ASN D 454 4.06 6.49 -13.84
C ASN D 454 5.36 6.90 -14.54
N SER D 455 6.48 6.58 -13.91
CA SER D 455 7.79 6.96 -14.41
C SER D 455 8.23 6.01 -15.50
N PHE D 456 9.47 6.17 -15.93
CA PHE D 456 10.13 5.29 -16.87
C PHE D 456 11.56 5.07 -16.41
N LYS D 457 12.24 4.15 -17.07
CA LYS D 457 13.68 4.00 -16.87
C LYS D 457 14.39 4.93 -17.85
N ASP D 458 15.46 5.58 -17.37
CA ASP D 458 16.20 6.58 -18.12
C ASP D 458 15.40 7.86 -18.33
N ASN D 459 14.22 7.94 -17.72
CA ASN D 459 13.26 9.00 -18.00
C ASN D 459 13.05 9.15 -19.51
N THR D 460 13.07 8.02 -20.20
CA THR D 460 13.03 7.95 -21.65
C THR D 460 11.87 7.07 -22.05
N LEU D 461 11.03 7.55 -22.96
CA LEU D 461 9.85 6.79 -23.36
C LEU D 461 10.27 5.68 -24.30
N SER D 462 10.33 4.46 -23.78
CA SER D 462 10.68 3.29 -24.57
C SER D 462 9.57 2.95 -25.54
N ASN D 463 9.79 1.85 -26.27
CA ASN D 463 8.87 1.40 -27.32
C ASN D 463 7.92 0.36 -26.71
N VAL D 464 6.85 0.84 -26.08
CA VAL D 464 5.92 -0.02 -25.35
C VAL D 464 4.53 -0.04 -25.99
N PHE D 465 4.39 0.41 -27.23
CA PHE D 465 3.09 0.48 -27.87
C PHE D 465 3.02 -0.33 -29.14
N ALA D 466 3.86 -1.34 -29.29
CA ALA D 466 3.72 -2.25 -30.42
C ALA D 466 2.53 -3.17 -30.20
N ASN D 467 1.94 -3.63 -31.30
CA ASN D 467 0.77 -4.50 -31.27
C ASN D 467 -0.37 -3.90 -30.46
N THR D 468 -0.49 -2.58 -30.47
CA THR D 468 -1.56 -1.83 -29.82
C THR D 468 -2.18 -0.86 -30.82
N THR D 469 -2.52 -1.40 -32.00
CA THR D 469 -2.85 -0.56 -33.14
C THR D 469 -4.11 0.28 -32.91
N ASN D 470 -5.13 -0.29 -32.29
CA ASN D 470 -6.43 0.36 -32.24
C ASN D 470 -6.54 1.43 -31.17
N LEU D 471 -5.44 1.77 -30.50
CA LEU D 471 -5.51 2.78 -29.45
C LEU D 471 -5.94 4.12 -30.03
N THR D 472 -6.96 4.71 -29.41
CA THR D 472 -7.57 5.93 -29.92
C THR D 472 -7.33 7.09 -28.96
N PHE D 473 -7.21 6.79 -27.68
CA PHE D 473 -6.98 7.79 -26.66
C PHE D 473 -5.75 7.36 -25.89
N LEU D 474 -4.83 8.28 -25.67
CA LEU D 474 -3.60 8.00 -24.94
C LEU D 474 -3.33 9.16 -24.00
N ASP D 475 -2.81 8.86 -22.82
CA ASP D 475 -2.54 9.88 -21.81
C ASP D 475 -1.19 9.60 -21.18
N LEU D 476 -0.31 10.61 -21.18
CA LEU D 476 1.02 10.48 -20.61
C LEU D 476 1.38 11.66 -19.70
N SER D 477 0.40 12.45 -19.26
CA SER D 477 0.69 13.59 -18.41
C SER D 477 1.43 13.16 -17.16
N LYS D 478 2.10 14.13 -16.54
CA LYS D 478 2.59 14.01 -15.17
C LYS D 478 3.69 12.96 -15.00
N CYS D 479 3.98 12.20 -16.06
CA CYS D 479 5.20 11.42 -16.04
C CYS D 479 6.38 12.36 -16.17
N GLN D 480 7.50 11.99 -15.54
CA GLN D 480 8.63 12.89 -15.43
C GLN D 480 9.61 12.71 -16.59
N LEU D 481 9.09 12.42 -17.77
CA LEU D 481 9.91 12.17 -18.95
C LEU D 481 10.93 13.28 -19.17
N GLU D 482 11.99 12.95 -19.89
CA GLU D 482 12.96 13.93 -20.34
C GLU D 482 13.34 13.79 -21.80
N GLN D 483 12.89 12.74 -22.49
CA GLN D 483 13.02 12.65 -23.93
C GLN D 483 12.13 11.53 -24.43
N ILE D 484 11.94 11.49 -25.74
CA ILE D 484 11.18 10.44 -26.40
C ILE D 484 12.16 9.66 -27.26
N SER D 485 12.13 8.34 -27.15
CA SER D 485 13.00 7.51 -27.97
C SER D 485 12.59 7.60 -29.42
N TRP D 486 13.47 7.12 -30.29
CA TRP D 486 13.16 7.09 -31.71
C TRP D 486 12.39 5.82 -32.03
N GLY D 487 11.32 5.97 -32.81
CA GLY D 487 10.56 4.83 -33.28
C GLY D 487 9.20 4.64 -32.62
N VAL D 488 8.92 5.32 -31.51
CA VAL D 488 7.61 5.22 -30.90
C VAL D 488 6.56 5.84 -31.82
N PHE D 489 5.30 5.50 -31.59
CA PHE D 489 4.16 6.03 -32.34
C PHE D 489 4.21 5.68 -33.82
N ASP D 490 5.01 4.71 -34.23
CA ASP D 490 5.14 4.43 -35.66
C ASP D 490 3.97 3.63 -36.19
N THR D 491 3.07 3.16 -35.33
CA THR D 491 1.95 2.34 -35.80
C THR D 491 0.62 2.75 -35.18
N LEU D 492 0.60 3.82 -34.38
CA LEU D 492 -0.64 4.28 -33.74
C LEU D 492 -1.43 5.12 -34.75
N HIS D 493 -1.86 4.47 -35.82
CA HIS D 493 -2.46 5.15 -36.95
C HIS D 493 -3.83 5.75 -36.63
N ARG D 494 -4.49 5.34 -35.54
CA ARG D 494 -5.81 5.83 -35.24
C ARG D 494 -5.89 6.68 -33.99
N LEU D 495 -4.76 6.97 -33.36
CA LEU D 495 -4.78 7.82 -32.19
C LEU D 495 -5.35 9.19 -32.55
N GLN D 496 -6.12 9.76 -31.64
CA GLN D 496 -6.77 11.04 -31.88
C GLN D 496 -6.54 12.06 -30.78
N LEU D 497 -6.09 11.59 -29.61
CA LEU D 497 -5.74 12.52 -28.50
C LEU D 497 -4.41 12.09 -27.89
N LEU D 498 -3.37 12.92 -28.03
CA LEU D 498 -2.06 12.61 -27.40
C LEU D 498 -1.82 13.62 -26.27
N ASN D 499 -1.85 13.16 -25.02
CA ASN D 499 -1.56 14.09 -23.88
C ASN D 499 -0.16 13.99 -23.31
N MET D 500 0.56 15.11 -23.25
CA MET D 500 1.92 15.14 -22.67
C MET D 500 2.26 16.30 -21.74
N SER D 501 1.26 16.95 -21.11
CA SER D 501 1.57 18.16 -20.39
C SER D 501 2.40 17.79 -19.17
N HIS D 502 2.86 18.82 -18.45
CA HIS D 502 3.47 18.69 -17.13
C HIS D 502 4.68 17.76 -17.10
N ASN D 503 5.26 17.46 -18.26
CA ASN D 503 6.47 16.65 -18.32
C ASN D 503 7.69 17.51 -18.00
N ASN D 504 8.87 17.00 -18.29
CA ASN D 504 10.12 17.74 -18.18
C ASN D 504 10.92 17.67 -19.46
N LEU D 505 10.22 17.71 -20.60
CA LEU D 505 10.91 17.76 -21.87
C LEU D 505 11.74 19.03 -21.98
N LEU D 506 12.65 19.07 -22.94
CA LEU D 506 13.45 20.26 -23.20
C LEU D 506 13.24 20.83 -24.59
N PHE D 507 13.27 19.99 -25.62
CA PHE D 507 12.95 20.44 -26.96
C PHE D 507 11.78 19.61 -27.48
N LEU D 508 11.46 19.82 -28.76
CA LEU D 508 10.43 19.05 -29.42
C LEU D 508 10.92 18.68 -30.80
N ASP D 509 10.45 17.56 -31.32
CA ASP D 509 10.83 17.06 -32.63
C ASP D 509 9.60 16.75 -33.46
N SER D 510 9.77 16.81 -34.77
CA SER D 510 8.71 16.46 -35.70
C SER D 510 8.98 15.18 -36.46
N SER D 511 10.13 14.54 -36.25
CA SER D 511 10.32 13.22 -36.83
C SER D 511 9.31 12.24 -36.23
N HIS D 512 9.00 12.40 -34.95
CA HIS D 512 7.82 11.74 -34.39
C HIS D 512 6.56 12.35 -35.01
N TYR D 513 5.42 11.77 -34.64
CA TYR D 513 4.13 12.32 -35.03
C TYR D 513 3.90 12.31 -36.53
N ASN D 514 4.87 11.82 -37.30
CA ASN D 514 4.70 11.84 -38.74
C ASN D 514 3.76 10.75 -39.24
N GLN D 515 3.57 9.70 -38.45
CA GLN D 515 2.67 8.62 -38.83
C GLN D 515 1.30 8.75 -38.16
N LEU D 516 1.14 9.69 -37.23
CA LEU D 516 -0.12 9.89 -36.51
C LEU D 516 -1.11 10.55 -37.47
N TYR D 517 -1.65 9.76 -38.39
CA TYR D 517 -2.48 10.31 -39.46
C TYR D 517 -3.71 11.02 -38.91
N SER D 518 -4.46 10.36 -38.03
CA SER D 518 -5.76 10.85 -37.60
C SER D 518 -5.69 11.66 -36.32
N LEU D 519 -4.49 12.07 -35.90
CA LEU D 519 -4.37 12.84 -34.67
C LEU D 519 -5.13 14.15 -34.77
N SER D 520 -5.68 14.60 -33.65
CA SER D 520 -6.46 15.82 -33.61
C SER D 520 -6.10 16.77 -32.49
N THR D 521 -5.39 16.32 -31.46
CA THR D 521 -5.01 17.19 -30.35
C THR D 521 -3.67 16.73 -29.80
N LEU D 522 -2.78 17.67 -29.54
CA LEU D 522 -1.41 17.34 -29.16
C LEU D 522 -0.98 18.21 -27.97
N ASP D 523 -1.80 18.22 -26.94
CA ASP D 523 -1.51 18.97 -25.73
C ASP D 523 -0.08 18.71 -25.25
N CYS D 524 0.75 19.76 -25.25
CA CYS D 524 2.12 19.69 -24.74
C CYS D 524 2.44 20.88 -23.85
N SER D 525 1.49 21.33 -23.04
CA SER D 525 1.73 22.45 -22.16
C SER D 525 2.75 22.09 -21.08
N PHE D 526 3.25 23.12 -20.40
CA PHE D 526 3.98 23.01 -19.14
C PHE D 526 5.27 22.21 -19.22
N ASN D 527 5.68 21.73 -20.40
CA ASN D 527 6.76 20.74 -20.48
C ASN D 527 8.06 21.32 -20.99
N ARG D 528 8.20 22.64 -20.93
CA ARG D 528 9.50 23.32 -21.09
C ARG D 528 10.16 23.00 -22.43
N ILE D 529 9.50 23.40 -23.51
CA ILE D 529 10.03 23.19 -24.85
C ILE D 529 10.55 24.52 -25.38
N GLU D 530 11.74 24.50 -25.97
CA GLU D 530 12.40 25.72 -26.47
C GLU D 530 12.34 25.86 -27.98
N THR D 531 12.29 24.76 -28.71
CA THR D 531 12.29 24.83 -30.17
C THR D 531 11.56 23.63 -30.74
N SER D 532 11.67 23.46 -32.05
CA SER D 532 11.11 22.30 -32.74
C SER D 532 12.07 21.94 -33.86
N LYS D 533 12.96 21.01 -33.58
CA LYS D 533 13.91 20.55 -34.58
C LYS D 533 13.19 19.75 -35.66
N GLY D 534 13.95 19.31 -36.65
CA GLY D 534 13.38 18.55 -37.75
C GLY D 534 12.49 19.37 -38.66
N ILE D 535 12.25 18.87 -39.86
CA ILE D 535 11.37 19.56 -40.80
C ILE D 535 9.98 19.69 -40.21
N LEU D 536 9.47 20.93 -40.20
CA LEU D 536 8.17 21.25 -39.61
C LEU D 536 7.03 21.05 -40.59
N GLN D 537 7.30 20.52 -41.77
CA GLN D 537 6.26 20.22 -42.75
C GLN D 537 5.75 18.80 -42.62
N HIS D 538 6.16 18.08 -41.58
CA HIS D 538 5.79 16.68 -41.41
C HIS D 538 4.78 16.46 -40.30
N PHE D 539 4.31 17.51 -39.63
CA PHE D 539 3.13 17.38 -38.79
C PHE D 539 1.96 16.88 -39.62
N PRO D 540 0.98 16.24 -39.01
CA PRO D 540 -0.16 15.74 -39.78
C PRO D 540 -1.08 16.88 -40.16
N LYS D 541 -1.70 16.75 -41.32
CA LYS D 541 -2.66 17.77 -41.76
C LYS D 541 -4.07 17.43 -41.28
N SER D 542 -4.17 17.16 -39.98
CA SER D 542 -5.44 16.98 -39.30
C SER D 542 -5.45 17.59 -37.92
N LEU D 543 -4.30 17.99 -37.38
CA LEU D 543 -4.23 18.61 -36.07
C LEU D 543 -5.15 19.80 -36.00
N ALA D 544 -5.83 19.96 -34.87
CA ALA D 544 -6.70 21.12 -34.67
C ALA D 544 -6.28 21.91 -33.43
N PHE D 545 -5.61 21.25 -32.49
CA PHE D 545 -5.25 21.92 -31.23
C PHE D 545 -3.79 21.76 -30.83
N PHE D 546 -3.15 22.87 -30.49
CA PHE D 546 -1.76 22.81 -30.05
C PHE D 546 -1.52 23.63 -28.79
N ASN D 547 -1.34 22.96 -27.66
CA ASN D 547 -1.06 23.67 -26.41
C ASN D 547 0.42 23.94 -26.31
N LEU D 548 0.80 25.20 -26.39
CA LEU D 548 2.21 25.56 -26.25
C LEU D 548 2.33 26.60 -25.15
N THR D 549 1.63 26.39 -24.05
CA THR D 549 1.62 27.40 -22.98
C THR D 549 2.58 27.12 -21.84
N ASN D 550 2.89 28.15 -21.02
CA ASN D 550 3.80 28.01 -19.90
C ASN D 550 5.13 27.38 -20.28
N ASN D 551 5.49 27.40 -21.56
CA ASN D 551 6.80 26.93 -21.97
C ASN D 551 7.83 28.06 -21.80
N SER D 552 9.02 27.80 -22.33
CA SER D 552 10.10 28.81 -22.32
C SER D 552 10.54 28.73 -23.78
N VAL D 553 9.58 28.85 -24.71
CA VAL D 553 9.88 28.83 -26.18
C VAL D 553 10.73 30.09 -26.30
N ALA D 554 11.94 29.96 -26.83
CA ALA D 554 12.83 31.14 -26.81
C ALA D 554 12.70 31.83 -28.18
N CYS D 555 12.80 33.23 -28.22
CA CYS D 555 12.61 33.95 -29.48
C CYS D 555 13.79 34.89 -29.68
N ILE D 556 15.00 34.40 -29.40
CA ILE D 556 16.24 35.20 -29.63
C ILE D 556 16.72 34.73 -31.02
N CYS D 557 15.87 34.87 -32.04
CA CYS D 557 16.22 34.40 -33.42
C CYS D 557 16.62 32.93 -33.39
N GLU D 558 16.27 32.22 -32.31
CA GLU D 558 16.59 30.77 -32.19
C GLU D 558 15.62 30.01 -33.09
N HIS D 559 16.10 29.46 -34.21
CA HIS D 559 15.22 28.80 -35.21
C HIS D 559 14.22 29.83 -35.72
N GLN D 560 14.69 30.84 -36.48
CA GLN D 560 13.79 31.88 -37.02
C GLN D 560 12.63 31.23 -37.77
N LYS D 561 12.87 30.12 -38.46
CA LYS D 561 11.79 29.41 -39.19
C LYS D 561 10.66 29.05 -38.20
N PHE D 562 11.02 28.49 -37.04
CA PHE D 562 9.99 28.11 -36.07
C PHE D 562 9.33 29.34 -35.48
N LEU D 563 10.11 30.37 -35.16
CA LEU D 563 9.52 31.58 -34.60
C LEU D 563 8.54 32.23 -35.56
N GLN D 564 8.64 31.90 -36.85
CA GLN D 564 7.69 32.46 -37.85
C GLN D 564 6.49 31.52 -37.95
N TRP D 565 6.75 30.21 -38.03
CA TRP D 565 5.67 29.18 -38.13
C TRP D 565 4.72 29.31 -36.93
N VAL D 566 5.24 29.66 -35.76
CA VAL D 566 4.40 29.71 -34.51
C VAL D 566 3.39 30.86 -34.58
N LYS D 567 3.64 31.92 -35.36
CA LYS D 567 2.75 33.06 -35.34
C LYS D 567 2.05 33.05 -36.69
N GLU D 568 2.40 32.11 -37.57
CA GLU D 568 1.73 32.03 -38.87
C GLU D 568 0.60 31.03 -38.86
N GLN D 569 0.90 29.79 -38.46
CA GLN D 569 -0.14 28.73 -38.36
C GLN D 569 -0.70 28.74 -36.95
N LYS D 570 -1.30 29.87 -36.55
CA LYS D 570 -1.78 30.06 -35.15
C LYS D 570 -3.29 29.91 -35.06
N GLN D 571 -3.98 29.73 -36.19
CA GLN D 571 -5.40 29.43 -36.10
C GLN D 571 -5.66 28.09 -35.46
N PHE D 572 -4.61 27.33 -35.13
CA PHE D 572 -4.71 26.05 -34.44
C PHE D 572 -4.20 26.13 -33.01
N LEU D 573 -3.11 26.84 -32.78
CA LEU D 573 -2.56 26.95 -31.44
C LEU D 573 -3.63 27.45 -30.48
N VAL D 574 -3.38 27.26 -29.19
CA VAL D 574 -4.31 27.63 -28.14
C VAL D 574 -3.76 28.85 -27.42
N ASN D 575 -4.58 29.89 -27.33
CA ASN D 575 -4.20 31.12 -26.63
C ASN D 575 -2.89 31.68 -27.17
N VAL D 576 -2.80 31.78 -28.49
CA VAL D 576 -1.64 32.43 -29.11
C VAL D 576 -1.41 33.80 -28.49
N GLU D 577 -2.46 34.36 -27.87
CA GLU D 577 -2.40 35.73 -27.38
C GLU D 577 -1.20 35.96 -26.47
N GLN D 578 -1.17 35.28 -25.32
CA GLN D 578 -0.15 35.55 -24.31
C GLN D 578 1.04 34.61 -24.45
N MET D 579 1.69 34.63 -25.61
CA MET D 579 2.86 33.80 -25.87
C MET D 579 4.11 34.62 -25.53
N THR D 580 4.50 34.59 -24.25
CA THR D 580 5.70 35.33 -23.82
C THR D 580 6.97 34.63 -24.31
N CYS D 581 8.07 35.36 -24.46
CA CYS D 581 9.36 34.70 -24.79
C CYS D 581 10.17 34.63 -23.48
N ALA D 582 11.25 33.86 -23.45
CA ALA D 582 11.98 33.67 -22.17
C ALA D 582 13.45 34.03 -22.31
N THR D 583 13.84 34.63 -23.43
CA THR D 583 15.24 35.13 -23.56
C THR D 583 15.20 36.65 -23.70
N PRO D 584 15.83 37.50 -22.82
CA PRO D 584 15.76 38.96 -23.01
C PRO D 584 15.96 39.40 -24.47
N VAL D 585 14.95 40.08 -25.05
CA VAL D 585 13.86 40.72 -24.25
C VAL D 585 12.63 39.80 -24.21
N GLU D 586 11.90 39.81 -23.09
CA GLU D 586 10.69 38.95 -22.92
C GLU D 586 9.48 39.83 -23.21
N MET D 587 8.28 39.42 -22.78
CA MET D 587 7.06 40.20 -23.11
C MET D 587 6.83 40.45 -24.61
N ASN D 588 7.11 39.49 -25.47
CA ASN D 588 6.96 39.69 -26.93
C ASN D 588 6.07 38.63 -27.57
N THR D 589 5.81 38.69 -28.88
CA THR D 589 5.05 37.66 -29.57
C THR D 589 5.59 37.37 -30.96
N SER D 590 6.08 38.39 -31.68
CA SER D 590 6.57 38.24 -33.03
C SER D 590 8.07 38.51 -33.09
N LEU D 591 8.74 37.82 -34.04
CA LEU D 591 10.18 38.06 -34.28
C LEU D 591 10.30 38.92 -35.55
N VAL D 592 11.31 39.77 -35.66
CA VAL D 592 11.43 40.73 -36.80
C VAL D 592 11.53 40.02 -38.15
N LEU D 593 12.27 38.92 -38.26
CA LEU D 593 12.50 38.27 -39.59
C LEU D 593 11.22 37.62 -40.12
N ASP D 594 10.76 38.03 -41.31
CA ASP D 594 9.61 37.35 -41.91
C ASP D 594 10.10 36.53 -43.09
N PHE D 595 9.42 35.40 -43.32
CA PHE D 595 9.71 34.56 -44.47
C PHE D 595 11.19 34.23 -44.61
#